data_3T4A
#
_entry.id   3T4A
#
_cell.length_a   103.304
_cell.length_b   165.436
_cell.length_c   203.125
_cell.angle_alpha   90.000
_cell.angle_beta   90.000
_cell.angle_gamma   90.000
#
_symmetry.space_group_name_H-M   'P 21 21 21'
#
loop_
_entity.id
_entity.type
_entity.pdbx_description
1 polymer 'Complement C3 beta chain'
2 polymer "Complement C3c alpha' chain fragment 1"
3 polymer "Complement C3c alpha' chain fragment 2"
4 polymer 'Fibrinogen-binding protein'
#
loop_
_entity_poly.entity_id
_entity_poly.type
_entity_poly.pdbx_seq_one_letter_code
_entity_poly.pdbx_strand_id
1 'polypeptide(L)'
;SPMYSIITPNILRLESEETMVLEAHDAQGDVPVTVTVHDFPGKKLVLSSEKTVLTPATNHMGNVTFTIPANREFKSEKGR
NKFVTVQATFGTQVVEKVVLVSLQSGYLFIQTDKTIYTPGSTVLYRIFTVNHKLLPVGRTVMVNIENPEGIPVKQDSLSS
QNQLGVLPLSWDIPELVNMGQWKIRAYYENSPQQVFSTEFEVKEYVLPSFEVIVEPTEKFYYIYNEKGLEVTITARFLYG
KKVEGTAFVIFGIQDGEQRISLPESLKRIPIEDGSGEVVLSRKVLLDGVQNPRAEDLVGKSLYVSATVILHSGSDMVQAE
RSGIPIVTSPYQIHFTKTPKYFKPGMPFDLMVFVTNPDGSPAYRVPVAVQGEDTVQSLTQGDGVAKLSINTHPSQKPLSI
TVRTKKQELSEAEQATRTMQALPYSTVGNSNNYLHLSVLRTELRPGETLNVNFLLRMDRAHEAKIRYYTYLIMNKGRLLK
AGRQVREPGQDLVVLPLSITTDFIPSFRLVAYYTLIGASGQREVVADSVWVDVKDSCVGSLVVKSGQSEDRQPVPGQQMT
LKIEGDHGARVVLVAVDKGVFVLNKKNKLTQSKIWDVVEKADIGCTPGSGKDYAGVFSDAGLTFTSSSGQQTAQRAELQC
PQPAA
;
A,D
2 'polypeptide(L)'
;SNLDEDIIAEENIVSRSEFPESWLWNVEDLKEPPKNGISTKLMNIFLKDSITTWEILAVSMSDKKGICVADPFEVTVMQD
FFIDLRLPYSVVRNEQVEIRAVLYNYRQNQELKVRVELLHNPAFCSLATTKRRHQQTVTIPPKSSLSVPYVIVPLKTGLQ
EVEVKAAVYHHFISDGVRKSLKVVPEGIRMNKTVAVRTLDPERLGR
;
B,E
3 'polypeptide(L)'
;SEETKENEGFTVTAEGKGQGTLSVVTMYHAKAKDQLTCNKFDLKVTIKPAPETEKRPQDAKNTMILEICTRYRGDQDATM
SILDISMMTGFAPDTDDLKQLANGVDRYISKYELDKAFSDRNTLIIYLDKVSHSEDDCLAFKVHQYFNVELIQPGAVKVY
AYYNLEESCTRFYHPEKEDGKLNKLCRDELCRCAEENCFIQKSDDKVTLEERLDKACEPGVDYVYKTRLVKVQLSNDFDE
YIMAIEQTIKSGSDEVQVGQQRTFISPIKCREALKLEEKKHYLMWGLSSDFWGEKPNLSYIIGKDTWVEHWPEEDECQDE
ENQKQCQDLGAFTESMVVFGCPN
;
C,F
4 'polypeptide(L)' GSTGSAEELRTLLNKSNVYALAAGSLNPYYKRTIMMNEYRAKAALKKNDFVSMADAKVALEKIYKEIDEIINR G,H
#
# COMPACT_ATOMS: atom_id res chain seq x y z
N SER A 1 -67.49 -1.97 -10.23
CA SER A 1 -66.12 -2.20 -9.80
C SER A 1 -65.27 -2.84 -10.90
N PRO A 2 -64.44 -2.03 -11.56
CA PRO A 2 -63.26 -2.61 -12.22
C PRO A 2 -62.06 -2.32 -11.31
N MET A 3 -61.16 -3.29 -11.19
CA MET A 3 -59.91 -3.08 -10.47
C MET A 3 -58.76 -2.99 -11.46
N TYR A 4 -57.95 -1.96 -11.30
CA TYR A 4 -56.77 -1.78 -12.12
C TYR A 4 -55.52 -2.08 -11.30
N SER A 5 -54.60 -2.85 -11.88
CA SER A 5 -53.46 -3.35 -11.12
C SER A 5 -52.14 -3.14 -11.87
N ILE A 6 -51.11 -2.77 -11.11
CA ILE A 6 -49.83 -2.33 -11.66
C ILE A 6 -48.63 -3.07 -11.05
N ILE A 7 -47.87 -3.79 -11.89
CA ILE A 7 -46.78 -4.62 -11.40
C ILE A 7 -45.42 -4.27 -12.02
N THR A 8 -44.41 -4.10 -11.17
CA THR A 8 -43.03 -3.93 -11.60
C THR A 8 -42.08 -4.50 -10.57
N PRO A 9 -40.83 -4.73 -10.96
CA PRO A 9 -39.85 -5.20 -9.97
C PRO A 9 -39.75 -4.28 -8.76
N ASN A 10 -39.50 -4.87 -7.58
CA ASN A 10 -39.18 -4.18 -6.30
C ASN A 10 -38.18 -3.09 -6.45
N ILE A 11 -37.21 -3.36 -7.31
CA ILE A 11 -36.10 -2.45 -7.56
C ILE A 11 -36.01 -2.20 -9.06
N LEU A 12 -35.90 -0.92 -9.43
CA LEU A 12 -35.86 -0.53 -10.82
C LEU A 12 -34.49 -0.08 -11.15
N ARG A 13 -34.04 -0.41 -12.37
CA ARG A 13 -32.69 -0.07 -12.77
C ARG A 13 -32.66 1.08 -13.78
N LEU A 14 -31.57 1.85 -13.72
CA LEU A 14 -31.42 2.99 -14.60
C LEU A 14 -30.79 2.57 -15.91
N GLU A 15 -31.12 3.30 -16.97
CA GLU A 15 -30.60 3.05 -18.30
C GLU A 15 -30.80 1.60 -18.76
N SER A 16 -31.87 0.97 -18.31
CA SER A 16 -32.22 -0.37 -18.81
C SER A 16 -33.72 -0.52 -18.87
N GLU A 17 -34.17 -1.32 -19.83
CA GLU A 17 -35.58 -1.55 -20.02
C GLU A 17 -36.18 -2.32 -18.86
N GLU A 18 -37.10 -1.70 -18.12
CA GLU A 18 -37.96 -2.44 -17.20
C GLU A 18 -39.35 -2.60 -17.82
N THR A 19 -40.12 -3.52 -17.27
CA THR A 19 -41.45 -3.77 -17.80
C THR A 19 -42.50 -3.51 -16.72
N MET A 20 -43.61 -2.92 -17.13
CA MET A 20 -44.70 -2.61 -16.24
C MET A 20 -45.84 -3.46 -16.71
N VAL A 21 -46.48 -4.16 -15.80
CA VAL A 21 -47.55 -5.05 -16.23
C VAL A 21 -48.90 -4.53 -15.81
N LEU A 22 -49.68 -4.15 -16.82
CA LEU A 22 -50.92 -3.41 -16.63
C LEU A 22 -52.10 -4.32 -16.81
N GLU A 23 -53.07 -4.20 -15.90
CA GLU A 23 -54.22 -5.07 -15.93
C GLU A 23 -55.54 -4.38 -15.63
N ALA A 24 -56.59 -4.88 -16.26
CA ALA A 24 -57.94 -4.37 -16.05
C ALA A 24 -58.81 -5.56 -15.70
N HIS A 25 -59.25 -5.59 -14.45
CA HIS A 25 -60.05 -6.70 -13.97
C HIS A 25 -61.51 -6.30 -13.91
N ASP A 26 -62.38 -7.17 -14.41
CA ASP A 26 -63.82 -6.89 -14.37
C ASP A 26 -64.13 -5.58 -15.10
N ALA A 27 -63.53 -5.40 -16.28
CA ALA A 27 -63.72 -4.17 -17.05
C ALA A 27 -64.30 -4.44 -18.43
N GLN A 28 -64.95 -3.42 -19.01
CA GLN A 28 -65.57 -3.59 -20.32
C GLN A 28 -64.89 -2.75 -21.39
N GLY A 29 -64.47 -3.42 -22.47
CA GLY A 29 -63.95 -2.77 -23.65
C GLY A 29 -62.71 -1.92 -23.45
N ASP A 30 -62.22 -1.36 -24.55
CA ASP A 30 -60.97 -0.59 -24.55
C ASP A 30 -60.75 0.31 -23.32
N VAL A 31 -59.53 0.28 -22.81
CA VAL A 31 -59.13 1.21 -21.75
C VAL A 31 -57.70 1.65 -21.96
N PRO A 32 -57.50 2.99 -22.00
CA PRO A 32 -56.22 3.60 -22.34
C PRO A 32 -55.37 3.76 -21.11
N VAL A 33 -54.12 3.29 -21.14
CA VAL A 33 -53.24 3.54 -20.02
C VAL A 33 -52.10 4.45 -20.45
N THR A 34 -51.83 5.45 -19.65
CA THR A 34 -50.67 6.28 -19.86
C THR A 34 -49.82 6.10 -18.60
N VAL A 35 -48.59 5.68 -18.79
CA VAL A 35 -47.74 5.37 -17.65
C VAL A 35 -46.57 6.34 -17.51
N THR A 36 -46.20 6.62 -16.27
CA THR A 36 -45.30 7.71 -16.03
C THR A 36 -44.46 7.53 -14.78
N VAL A 37 -43.19 7.89 -14.90
CA VAL A 37 -42.29 7.77 -13.79
C VAL A 37 -41.71 9.14 -13.50
N HIS A 38 -41.99 9.68 -12.32
CA HIS A 38 -41.45 10.96 -11.88
C HIS A 38 -40.41 10.75 -10.80
N ASP A 39 -39.62 11.78 -10.53
CA ASP A 39 -38.66 11.76 -9.42
C ASP A 39 -39.37 11.59 -8.09
N PHE A 40 -38.62 11.33 -7.01
CA PHE A 40 -39.24 11.32 -5.68
C PHE A 40 -38.49 12.09 -4.59
N PRO A 41 -39.19 13.04 -3.92
CA PRO A 41 -40.55 13.50 -4.25
C PRO A 41 -40.56 14.79 -5.08
N GLY A 42 -41.70 15.09 -5.68
CA GLY A 42 -41.80 16.20 -6.58
C GLY A 42 -42.28 15.76 -7.94
N LYS A 43 -41.89 16.53 -8.94
CA LYS A 43 -42.35 16.29 -10.30
C LYS A 43 -41.23 16.72 -11.24
N LYS A 44 -40.82 15.80 -12.10
CA LYS A 44 -39.72 16.05 -13.03
C LYS A 44 -40.12 15.38 -14.32
N LEU A 45 -40.68 14.19 -14.17
CA LEU A 45 -41.12 13.34 -15.28
C LEU A 45 -39.96 12.63 -15.99
N VAL A 46 -39.18 11.91 -15.19
CA VAL A 46 -38.05 11.12 -15.66
C VAL A 46 -38.41 10.15 -16.81
N LEU A 47 -39.69 9.87 -16.98
CA LEU A 47 -40.16 9.27 -18.22
C LEU A 47 -41.67 9.34 -18.37
N SER A 48 -42.08 9.96 -19.45
CA SER A 48 -43.49 10.13 -19.75
C SER A 48 -43.98 9.03 -20.68
N SER A 49 -43.21 8.81 -21.74
CA SER A 49 -43.65 7.97 -22.83
C SER A 49 -44.26 6.68 -22.29
N GLU A 50 -44.57 5.78 -23.20
CA GLU A 50 -45.27 4.57 -22.84
C GLU A 50 -46.73 4.92 -22.53
N LYS A 51 -47.57 4.49 -23.46
CA LYS A 51 -49.00 4.68 -23.46
C LYS A 51 -49.44 3.39 -24.13
N THR A 52 -50.58 2.87 -23.75
CA THR A 52 -51.12 1.70 -24.43
C THR A 52 -52.58 1.52 -24.10
N VAL A 53 -53.20 0.53 -24.71
CA VAL A 53 -54.61 0.28 -24.47
C VAL A 53 -54.85 -1.19 -24.23
N LEU A 54 -55.71 -1.47 -23.25
CA LEU A 54 -56.08 -2.83 -22.90
C LEU A 54 -57.36 -3.17 -23.64
N THR A 55 -57.41 -4.36 -24.23
CA THR A 55 -58.54 -4.76 -25.05
C THR A 55 -59.08 -6.08 -24.55
N PRO A 56 -60.41 -6.28 -24.66
CA PRO A 56 -60.95 -7.62 -24.37
C PRO A 56 -60.35 -8.72 -25.29
N ALA A 57 -59.66 -8.29 -26.35
CA ALA A 57 -58.93 -9.19 -27.23
C ALA A 57 -57.67 -9.72 -26.52
N THR A 58 -57.13 -8.89 -25.62
CA THR A 58 -56.01 -9.28 -24.78
C THR A 58 -56.49 -9.38 -23.33
N ASN A 59 -57.77 -9.72 -23.17
CA ASN A 59 -58.40 -9.87 -21.84
C ASN A 59 -58.00 -8.78 -20.84
N HIS A 60 -57.50 -7.66 -21.37
CA HIS A 60 -57.13 -6.49 -20.57
C HIS A 60 -55.78 -6.69 -19.88
N MET A 61 -54.78 -7.20 -20.60
CA MET A 61 -53.43 -7.43 -20.05
C MET A 61 -52.35 -6.84 -20.97
N GLY A 62 -51.48 -5.99 -20.43
CA GLY A 62 -50.54 -5.25 -21.25
C GLY A 62 -49.11 -5.01 -20.75
N ASN A 63 -48.18 -4.86 -21.71
CA ASN A 63 -46.78 -4.56 -21.42
C ASN A 63 -46.65 -3.07 -21.14
N VAL A 64 -45.87 -2.42 -22.02
CA VAL A 64 -45.24 -1.09 -21.89
C VAL A 64 -43.89 -1.18 -21.17
N THR A 65 -42.83 -1.14 -21.96
CA THR A 65 -41.49 -1.16 -21.43
C THR A 65 -41.01 0.29 -21.40
N PHE A 66 -40.52 0.72 -20.26
CA PHE A 66 -40.00 2.08 -20.12
C PHE A 66 -38.54 2.10 -19.68
N THR A 67 -37.87 3.21 -19.92
CA THR A 67 -36.50 3.36 -19.49
C THR A 67 -36.25 4.64 -18.70
N ILE A 68 -35.78 4.46 -17.48
CA ILE A 68 -35.49 5.56 -16.58
C ILE A 68 -34.02 5.98 -16.71
N PRO A 69 -33.78 7.15 -17.32
CA PRO A 69 -32.47 7.83 -17.29
C PRO A 69 -32.20 8.13 -15.84
N ALA A 70 -30.96 8.34 -15.34
CA ALA A 70 -29.72 8.63 -16.05
C ALA A 70 -29.58 10.14 -16.27
N ARG A 80 -28.27 7.66 1.01
CA ARG A 80 -29.54 8.36 1.03
C ARG A 80 -30.61 7.54 0.32
N ASN A 81 -30.29 7.05 -0.87
CA ASN A 81 -31.18 6.14 -1.61
C ASN A 81 -32.22 6.84 -2.44
N LYS A 82 -32.26 6.53 -3.72
CA LYS A 82 -33.12 7.23 -4.67
C LYS A 82 -34.41 6.49 -4.93
N PHE A 83 -35.49 7.23 -5.15
CA PHE A 83 -36.77 6.61 -5.44
C PHE A 83 -37.46 7.36 -6.57
N VAL A 84 -38.21 6.63 -7.38
CA VAL A 84 -39.05 7.21 -8.41
C VAL A 84 -40.49 6.96 -8.03
N THR A 85 -41.41 7.66 -8.68
CA THR A 85 -42.82 7.38 -8.53
C THR A 85 -43.40 6.93 -9.85
N VAL A 86 -43.81 5.69 -9.94
CA VAL A 86 -44.52 5.22 -11.10
C VAL A 86 -45.98 5.62 -10.95
N GLN A 87 -46.65 5.89 -12.06
CA GLN A 87 -48.04 6.37 -12.03
C GLN A 87 -48.81 6.12 -13.33
N ALA A 88 -49.58 5.05 -13.35
CA ALA A 88 -50.32 4.69 -14.54
C ALA A 88 -51.75 5.11 -14.41
N THR A 89 -52.24 5.78 -15.44
CA THR A 89 -53.62 6.19 -15.46
C THR A 89 -54.43 5.27 -16.37
N PHE A 90 -55.40 4.57 -15.79
CA PHE A 90 -56.41 3.80 -16.51
C PHE A 90 -57.64 4.71 -16.67
N GLY A 91 -58.00 5.07 -17.91
CA GLY A 91 -59.05 6.04 -18.14
C GLY A 91 -58.90 7.26 -17.23
N THR A 92 -59.74 7.34 -16.22
CA THR A 92 -59.68 8.44 -15.26
C THR A 92 -59.00 8.03 -13.96
N GLN A 93 -59.20 6.75 -13.60
CA GLN A 93 -58.70 6.21 -12.33
C GLN A 93 -57.19 6.08 -12.40
N VAL A 94 -56.50 6.62 -11.39
CA VAL A 94 -55.04 6.67 -11.45
C VAL A 94 -54.37 5.94 -10.29
N VAL A 95 -53.56 4.95 -10.65
CA VAL A 95 -52.81 4.13 -9.70
C VAL A 95 -51.33 4.54 -9.65
N GLU A 96 -50.79 4.61 -8.44
CA GLU A 96 -49.40 5.03 -8.29
C GLU A 96 -48.68 4.31 -7.14
N LYS A 97 -47.44 3.89 -7.41
CA LYS A 97 -46.64 3.25 -6.40
C LYS A 97 -45.26 3.87 -6.43
N VAL A 98 -44.59 3.87 -5.29
CA VAL A 98 -43.22 4.38 -5.18
C VAL A 98 -42.24 3.23 -5.06
N VAL A 99 -41.38 3.13 -6.08
CA VAL A 99 -40.39 2.05 -6.19
C VAL A 99 -38.96 2.52 -5.87
N LEU A 100 -38.16 1.60 -5.31
CA LEU A 100 -36.75 1.84 -5.04
C LEU A 100 -35.97 1.79 -6.33
N VAL A 101 -34.93 2.61 -6.42
CA VAL A 101 -34.08 2.65 -7.62
C VAL A 101 -32.61 2.31 -7.31
N SER A 102 -31.92 1.77 -8.32
CA SER A 102 -30.55 1.31 -8.13
C SER A 102 -29.62 1.84 -9.21
N LEU A 103 -28.50 2.44 -8.80
CA LEU A 103 -27.53 3.04 -9.74
C LEU A 103 -26.63 1.99 -10.36
N GLN A 104 -26.84 0.74 -9.96
CA GLN A 104 -25.95 -0.34 -10.35
C GLN A 104 -26.17 -0.68 -11.79
N SER A 105 -25.19 -0.30 -12.62
CA SER A 105 -25.26 -0.41 -14.08
C SER A 105 -25.38 -1.85 -14.54
N GLY A 106 -24.69 -2.73 -13.82
CA GLY A 106 -24.64 -4.14 -14.15
C GLY A 106 -23.54 -4.78 -13.34
N TYR A 107 -22.72 -5.59 -14.02
CA TYR A 107 -21.64 -6.35 -13.39
C TYR A 107 -20.25 -6.05 -13.97
N LEU A 108 -19.23 -6.43 -13.21
CA LEU A 108 -17.87 -6.40 -13.69
C LEU A 108 -17.27 -7.75 -13.41
N PHE A 109 -16.51 -8.24 -14.37
CA PHE A 109 -15.73 -9.43 -14.13
C PHE A 109 -14.28 -9.17 -14.55
N ILE A 110 -13.35 -9.59 -13.72
CA ILE A 110 -11.95 -9.32 -14.01
C ILE A 110 -11.20 -10.63 -14.27
N GLN A 111 -10.28 -10.59 -15.26
CA GLN A 111 -9.44 -11.73 -15.64
C GLN A 111 -7.96 -11.36 -15.59
N THR A 112 -7.18 -12.16 -14.88
CA THR A 112 -5.73 -12.01 -14.85
C THR A 112 -5.10 -13.14 -15.66
N ASP A 113 -4.10 -12.81 -16.49
CA ASP A 113 -3.46 -13.85 -17.26
C ASP A 113 -2.98 -14.99 -16.35
N LYS A 114 -2.38 -14.69 -15.20
CA LYS A 114 -2.02 -15.77 -14.29
C LYS A 114 -2.67 -15.61 -12.91
N THR A 115 -2.36 -16.53 -12.01
CA THR A 115 -2.89 -16.49 -10.66
C THR A 115 -1.80 -15.98 -9.76
N ILE A 116 -0.57 -16.04 -10.24
CA ILE A 116 0.57 -15.67 -9.42
C ILE A 116 1.67 -15.04 -10.28
N TYR A 117 2.35 -14.03 -9.74
CA TYR A 117 3.39 -13.30 -10.48
C TYR A 117 4.66 -13.03 -9.68
N THR A 118 5.76 -12.84 -10.40
CA THR A 118 7.03 -12.47 -9.84
C THR A 118 7.13 -10.96 -9.76
N PRO A 119 7.89 -10.43 -8.80
CA PRO A 119 8.22 -9.01 -8.88
C PRO A 119 8.87 -8.71 -10.22
N GLY A 120 8.58 -7.54 -10.78
CA GLY A 120 9.18 -7.11 -12.02
C GLY A 120 8.67 -7.85 -13.23
N SER A 121 7.52 -8.50 -13.11
CA SER A 121 6.83 -8.97 -14.30
C SER A 121 5.66 -8.02 -14.55
N THR A 122 4.86 -8.31 -15.57
CA THR A 122 3.72 -7.47 -15.88
C THR A 122 2.41 -8.22 -15.72
N VAL A 123 1.53 -7.72 -14.87
CA VAL A 123 0.20 -8.31 -14.76
C VAL A 123 -0.69 -7.87 -15.91
N LEU A 124 -1.24 -8.86 -16.60
CA LEU A 124 -2.14 -8.59 -17.72
C LEU A 124 -3.53 -8.86 -17.23
N TYR A 125 -4.45 -7.93 -17.43
CA TYR A 125 -5.77 -8.18 -16.94
C TYR A 125 -6.81 -7.52 -17.79
N ARG A 126 -7.95 -8.17 -17.92
CA ARG A 126 -9.06 -7.64 -18.67
C ARG A 126 -10.15 -7.35 -17.68
N ILE A 127 -11.12 -6.55 -18.10
CA ILE A 127 -12.26 -6.22 -17.28
C ILE A 127 -13.47 -6.24 -18.19
N PHE A 128 -14.46 -7.03 -17.84
CA PHE A 128 -15.62 -7.17 -18.68
C PHE A 128 -16.78 -6.35 -18.14
N THR A 129 -17.34 -5.49 -18.98
CA THR A 129 -18.41 -4.61 -18.55
C THR A 129 -19.75 -5.05 -19.11
N VAL A 130 -20.70 -5.36 -18.22
CA VAL A 130 -22.02 -5.89 -18.65
C VAL A 130 -23.19 -5.42 -17.78
N ASN A 131 -24.39 -5.39 -18.35
CA ASN A 131 -25.57 -4.96 -17.61
C ASN A 131 -26.17 -6.14 -16.88
N HIS A 132 -27.26 -5.88 -16.15
CA HIS A 132 -27.79 -6.86 -15.18
C HIS A 132 -28.44 -8.07 -15.86
N LYS A 133 -28.26 -8.16 -17.17
CA LYS A 133 -28.76 -9.28 -17.97
C LYS A 133 -27.60 -9.94 -18.71
N LEU A 134 -26.40 -9.52 -18.33
CA LEU A 134 -25.14 -10.12 -18.81
C LEU A 134 -24.68 -9.67 -20.20
N LEU A 135 -25.36 -8.70 -20.80
CA LEU A 135 -24.91 -8.24 -22.11
C LEU A 135 -23.87 -7.13 -22.01
N PRO A 136 -22.99 -7.01 -23.02
CA PRO A 136 -21.92 -6.01 -22.96
C PRO A 136 -22.47 -4.60 -23.01
N VAL A 137 -21.68 -3.61 -22.62
CA VAL A 137 -22.20 -2.29 -22.33
C VAL A 137 -21.06 -1.25 -22.44
N GLY A 138 -21.40 -0.02 -22.76
CA GLY A 138 -20.39 1.04 -22.81
C GLY A 138 -20.47 1.94 -21.60
N ARG A 139 -19.49 1.84 -20.71
CA ARG A 139 -19.48 2.67 -19.49
C ARG A 139 -18.09 3.10 -19.03
N THR A 140 -18.06 3.90 -17.98
CA THR A 140 -16.80 4.39 -17.42
C THR A 140 -16.52 3.66 -16.11
N VAL A 141 -15.31 3.14 -15.96
CA VAL A 141 -14.96 2.32 -14.80
C VAL A 141 -13.66 2.75 -14.15
N MET A 142 -13.61 2.66 -12.82
CA MET A 142 -12.38 2.92 -12.09
C MET A 142 -11.77 1.58 -11.71
N VAL A 143 -10.46 1.46 -11.87
CA VAL A 143 -9.80 0.25 -11.44
C VAL A 143 -8.66 0.64 -10.50
N ASN A 144 -8.31 -0.29 -9.62
CA ASN A 144 -7.40 -0.05 -8.51
C ASN A 144 -6.62 -1.32 -8.24
N ILE A 145 -5.30 -1.21 -8.21
CA ILE A 145 -4.49 -2.34 -7.80
C ILE A 145 -4.12 -2.06 -6.37
N GLU A 146 -4.76 -2.78 -5.44
CA GLU A 146 -4.43 -2.69 -4.02
C GLU A 146 -3.34 -3.65 -3.59
N ASN A 147 -2.35 -3.15 -2.86
CA ASN A 147 -1.31 -4.04 -2.38
C ASN A 147 -1.87 -4.96 -1.29
N PRO A 148 -1.06 -5.86 -0.73
CA PRO A 148 -1.61 -6.88 0.17
C PRO A 148 -1.99 -6.32 1.53
N GLU A 149 -1.57 -5.12 1.86
CA GLU A 149 -2.02 -4.47 3.10
C GLU A 149 -3.16 -3.48 2.84
N GLY A 150 -3.67 -3.47 1.61
CA GLY A 150 -4.87 -2.72 1.27
C GLY A 150 -4.63 -1.34 0.69
N ILE A 151 -3.45 -1.11 0.16
CA ILE A 151 -3.12 0.20 -0.34
C ILE A 151 -3.28 0.29 -1.85
N PRO A 152 -4.22 1.11 -2.32
CA PRO A 152 -4.31 1.46 -3.75
C PRO A 152 -2.96 1.99 -4.27
N VAL A 153 -2.38 1.33 -5.27
CA VAL A 153 -1.06 1.72 -5.74
C VAL A 153 -1.03 1.96 -7.24
N LYS A 154 -2.21 2.06 -7.83
CA LYS A 154 -2.37 2.43 -9.23
C LYS A 154 -3.85 2.41 -9.58
N GLN A 155 -4.29 3.36 -10.39
CA GLN A 155 -5.70 3.42 -10.78
C GLN A 155 -5.81 4.02 -12.17
N ASP A 156 -6.64 3.42 -13.02
CA ASP A 156 -6.90 3.93 -14.33
C ASP A 156 -8.40 4.14 -14.32
N SER A 157 -8.84 5.26 -14.88
CA SER A 157 -10.26 5.52 -15.07
C SER A 157 -10.50 5.40 -16.55
N LEU A 158 -11.16 4.34 -16.97
CA LEU A 158 -11.27 4.05 -18.38
C LEU A 158 -12.74 3.83 -18.80
N SER A 159 -13.11 4.19 -20.04
CA SER A 159 -14.47 3.94 -20.51
C SER A 159 -14.55 2.86 -21.58
N SER A 160 -15.56 1.99 -21.49
CA SER A 160 -15.67 0.85 -22.37
C SER A 160 -16.64 1.10 -23.51
N GLN A 161 -16.89 2.38 -23.77
CA GLN A 161 -17.64 2.78 -24.95
C GLN A 161 -16.92 2.26 -26.19
N ASN A 162 -17.67 1.63 -27.09
CA ASN A 162 -17.10 1.13 -28.32
C ASN A 162 -15.98 0.13 -28.06
N GLN A 163 -15.89 -0.29 -26.80
CA GLN A 163 -14.90 -1.26 -26.42
C GLN A 163 -15.46 -2.65 -26.57
N LEU A 164 -16.79 -2.72 -26.65
CA LEU A 164 -17.48 -3.97 -26.88
C LEU A 164 -17.37 -4.89 -25.67
N GLY A 165 -17.44 -4.29 -24.49
CA GLY A 165 -17.50 -5.05 -23.25
C GLY A 165 -16.16 -5.40 -22.63
N VAL A 166 -15.07 -5.19 -23.38
CA VAL A 166 -13.76 -5.63 -22.91
C VAL A 166 -12.72 -4.53 -22.77
N LEU A 167 -12.17 -4.38 -21.57
CA LEU A 167 -11.17 -3.37 -21.27
C LEU A 167 -9.84 -4.00 -20.95
N PRO A 168 -8.95 -4.14 -21.95
CA PRO A 168 -7.63 -4.68 -21.65
C PRO A 168 -6.82 -3.66 -20.91
N LEU A 169 -6.04 -4.10 -19.94
CA LEU A 169 -5.22 -3.22 -19.15
C LEU A 169 -3.92 -3.92 -18.85
N SER A 170 -3.02 -3.23 -18.16
CA SER A 170 -1.86 -3.90 -17.61
C SER A 170 -1.32 -3.09 -16.44
N TRP A 171 -0.33 -3.66 -15.76
CA TRP A 171 0.38 -2.98 -14.70
C TRP A 171 1.68 -3.72 -14.45
N ASP A 172 2.80 -3.01 -14.51
CA ASP A 172 4.07 -3.65 -14.21
C ASP A 172 4.37 -3.62 -12.70
N ILE A 173 4.62 -4.78 -12.14
CA ILE A 173 5.06 -4.84 -10.76
C ILE A 173 6.52 -4.38 -10.68
N PRO A 174 6.80 -3.44 -9.77
CA PRO A 174 8.16 -2.96 -9.50
C PRO A 174 8.96 -4.10 -8.95
N GLU A 175 10.27 -4.10 -9.18
CA GLU A 175 11.11 -5.19 -8.71
C GLU A 175 11.04 -5.22 -7.22
N LEU A 176 10.84 -4.04 -6.64
CA LEU A 176 10.78 -3.86 -5.19
C LEU A 176 9.34 -3.77 -4.73
N VAL A 177 8.83 -4.83 -4.12
CA VAL A 177 7.41 -4.81 -3.79
C VAL A 177 7.03 -5.87 -2.79
N ASN A 178 5.89 -5.63 -2.13
CA ASN A 178 5.37 -6.50 -1.07
C ASN A 178 4.88 -7.84 -1.58
N MET A 179 5.49 -8.92 -1.09
CA MET A 179 5.06 -10.25 -1.43
C MET A 179 3.68 -10.50 -0.81
N GLY A 180 2.87 -11.34 -1.44
CA GLY A 180 1.58 -11.72 -0.86
C GLY A 180 0.40 -11.48 -1.79
N GLN A 181 -0.80 -11.57 -1.24
CA GLN A 181 -2.02 -11.49 -2.04
C GLN A 181 -2.50 -10.07 -2.39
N TRP A 182 -2.29 -9.68 -3.64
CA TRP A 182 -2.78 -8.40 -4.15
C TRP A 182 -4.22 -8.55 -4.60
N LYS A 183 -4.91 -7.43 -4.79
CA LYS A 183 -6.29 -7.43 -5.28
C LYS A 183 -6.46 -6.40 -6.38
N ILE A 184 -7.39 -6.67 -7.28
CA ILE A 184 -7.78 -5.68 -8.29
C ILE A 184 -9.24 -5.32 -8.04
N ARG A 185 -9.48 -4.10 -7.61
CA ARG A 185 -10.83 -3.71 -7.27
C ARG A 185 -11.36 -2.78 -8.35
N ALA A 186 -12.55 -3.06 -8.83
CA ALA A 186 -13.12 -2.28 -9.91
C ALA A 186 -14.59 -1.94 -9.65
N TYR A 187 -14.98 -0.73 -10.01
CA TYR A 187 -16.35 -0.27 -9.77
C TYR A 187 -16.77 0.69 -10.90
N TYR A 188 -18.07 0.74 -11.17
CA TYR A 188 -18.62 1.66 -12.15
C TYR A 188 -18.62 3.07 -11.59
N GLU A 189 -18.30 4.06 -12.42
CA GLU A 189 -18.24 5.46 -11.99
C GLU A 189 -19.48 5.80 -11.19
N ASN A 190 -20.62 5.33 -11.70
CA ASN A 190 -21.93 5.63 -11.16
C ASN A 190 -22.31 4.83 -9.91
N SER A 191 -21.74 3.63 -9.78
CA SER A 191 -22.05 2.76 -8.64
C SER A 191 -20.85 2.46 -7.72
N PRO A 192 -20.15 3.51 -7.24
CA PRO A 192 -18.94 3.34 -6.43
C PRO A 192 -19.06 2.48 -5.18
N GLN A 193 -20.26 2.28 -4.67
CA GLN A 193 -20.46 1.45 -3.49
C GLN A 193 -20.42 -0.03 -3.84
N GLN A 194 -20.95 -0.36 -5.02
CA GLN A 194 -20.88 -1.73 -5.58
C GLN A 194 -19.51 -2.02 -6.25
N VAL A 195 -18.62 -2.73 -5.53
CA VAL A 195 -17.25 -2.96 -5.99
C VAL A 195 -17.01 -4.41 -6.38
N PHE A 196 -16.02 -4.65 -7.25
CA PHE A 196 -15.70 -5.98 -7.75
C PHE A 196 -14.22 -6.31 -7.61
N SER A 197 -13.91 -7.57 -7.28
CA SER A 197 -12.53 -7.93 -6.94
C SER A 197 -12.07 -9.27 -7.51
N THR A 198 -10.80 -9.34 -7.91
CA THR A 198 -10.08 -10.62 -8.04
C THR A 198 -8.84 -10.47 -7.24
N GLU A 199 -8.21 -11.57 -6.89
CA GLU A 199 -6.92 -11.49 -6.22
C GLU A 199 -5.85 -12.04 -7.14
N PHE A 200 -4.58 -11.80 -6.80
CA PHE A 200 -3.47 -12.52 -7.37
C PHE A 200 -2.26 -12.52 -6.44
N GLU A 201 -1.57 -13.65 -6.34
CA GLU A 201 -0.38 -13.75 -5.51
C GLU A 201 0.87 -13.14 -6.19
N VAL A 202 1.57 -12.25 -5.50
CA VAL A 202 2.91 -11.90 -5.91
C VAL A 202 3.86 -12.69 -5.03
N LYS A 203 4.92 -13.21 -5.62
CA LYS A 203 5.82 -14.11 -4.92
C LYS A 203 7.11 -14.26 -5.70
N GLU A 204 8.15 -14.74 -5.02
CA GLU A 204 9.37 -15.10 -5.71
C GLU A 204 9.31 -16.60 -5.91
N TYR A 205 9.54 -17.08 -7.14
CA TYR A 205 9.37 -18.49 -7.44
C TYR A 205 9.85 -18.84 -8.85
N VAL A 206 9.84 -20.13 -9.16
CA VAL A 206 10.10 -20.61 -10.49
C VAL A 206 9.20 -21.81 -10.71
N LEU A 207 8.62 -21.88 -11.90
CA LEU A 207 7.75 -22.98 -12.27
C LEU A 207 8.42 -24.30 -11.99
N PRO A 208 7.71 -25.20 -11.31
CA PRO A 208 8.21 -26.55 -11.06
C PRO A 208 8.07 -27.30 -12.36
N SER A 209 8.66 -28.49 -12.47
CA SER A 209 8.62 -29.27 -13.71
C SER A 209 7.50 -30.32 -13.70
N PHE A 210 6.96 -30.63 -12.53
CA PHE A 210 5.86 -31.55 -12.44
C PHE A 210 4.84 -31.06 -11.44
N GLU A 211 3.65 -31.66 -11.46
CA GLU A 211 2.57 -31.38 -10.51
C GLU A 211 2.36 -32.54 -9.58
N VAL A 212 1.76 -32.25 -8.43
CA VAL A 212 1.54 -33.23 -7.36
C VAL A 212 0.13 -33.13 -6.88
N ILE A 213 -0.53 -34.28 -6.78
CA ILE A 213 -1.94 -34.34 -6.54
C ILE A 213 -2.21 -35.25 -5.36
N VAL A 214 -2.91 -34.74 -4.36
CA VAL A 214 -3.37 -35.61 -3.27
C VAL A 214 -4.91 -35.63 -3.10
N GLU A 215 -5.50 -36.81 -3.22
CA GLU A 215 -6.91 -36.96 -2.95
C GLU A 215 -7.08 -38.06 -1.93
N PRO A 216 -7.82 -37.76 -0.83
CA PRO A 216 -8.35 -38.79 0.05
C PRO A 216 -9.29 -39.74 -0.72
N THR A 217 -9.34 -41.01 -0.35
CA THR A 217 -10.22 -41.95 -1.03
C THR A 217 -11.68 -41.67 -0.76
N GLU A 218 -11.96 -40.83 0.22
CA GLU A 218 -13.30 -40.30 0.46
C GLU A 218 -13.18 -38.79 0.63
N LYS A 219 -14.17 -38.03 0.20
CA LYS A 219 -14.06 -36.59 0.33
C LYS A 219 -14.43 -36.09 1.74
N PHE A 220 -14.12 -36.92 2.74
CA PHE A 220 -14.46 -36.69 4.15
C PHE A 220 -13.94 -37.78 5.08
N TYR A 221 -13.99 -37.52 6.38
CA TYR A 221 -13.66 -38.55 7.35
C TYR A 221 -14.85 -38.91 8.26
N TYR A 222 -15.17 -40.19 8.35
CA TYR A 222 -16.16 -40.68 9.28
C TYR A 222 -15.42 -41.10 10.57
N ILE A 223 -15.73 -40.44 11.70
CA ILE A 223 -14.98 -40.65 12.97
C ILE A 223 -15.08 -42.04 13.56
N TYR A 224 -15.74 -42.96 12.88
CA TYR A 224 -15.76 -44.32 13.38
C TYR A 224 -15.19 -45.27 12.34
N ASN A 225 -14.76 -44.71 11.21
CA ASN A 225 -14.06 -45.49 10.20
C ASN A 225 -12.64 -45.74 10.68
N GLU A 226 -12.37 -46.92 11.21
CA GLU A 226 -11.07 -47.20 11.82
C GLU A 226 -9.94 -47.44 10.81
N LYS A 227 -10.26 -47.63 9.54
CA LYS A 227 -9.20 -47.75 8.54
C LYS A 227 -8.35 -46.49 8.53
N GLY A 228 -8.92 -45.40 9.05
CA GLY A 228 -8.26 -44.11 9.08
C GLY A 228 -8.65 -43.33 7.84
N LEU A 229 -7.85 -42.32 7.53
CA LEU A 229 -8.04 -41.50 6.35
C LEU A 229 -7.03 -41.91 5.32
N GLU A 230 -7.47 -42.54 4.24
CA GLU A 230 -6.55 -43.08 3.26
C GLU A 230 -6.36 -42.16 2.05
N VAL A 231 -5.11 -41.89 1.73
CA VAL A 231 -4.76 -40.89 0.73
C VAL A 231 -3.96 -41.44 -0.45
N THR A 232 -4.19 -40.90 -1.63
CA THR A 232 -3.30 -41.19 -2.75
C THR A 232 -2.53 -39.95 -3.16
N ILE A 233 -1.24 -40.14 -3.41
CA ILE A 233 -0.38 -39.07 -3.87
C ILE A 233 0.01 -39.35 -5.31
N THR A 234 -0.41 -38.48 -6.21
CA THR A 234 -0.07 -38.62 -7.62
C THR A 234 0.92 -37.55 -8.07
N ALA A 235 1.96 -37.95 -8.79
CA ALA A 235 2.92 -37.02 -9.37
C ALA A 235 3.09 -37.27 -10.89
N ARG A 236 3.30 -36.21 -11.66
CA ARG A 236 3.45 -36.36 -13.11
C ARG A 236 3.93 -35.08 -13.76
N PHE A 237 5.06 -35.15 -14.47
CA PHE A 237 5.58 -33.99 -15.18
C PHE A 237 4.50 -33.31 -16.00
N LEU A 238 4.58 -32.00 -16.05
CA LEU A 238 3.57 -31.20 -16.71
C LEU A 238 3.33 -31.60 -18.16
N TYR A 239 4.11 -32.54 -18.68
CA TYR A 239 3.96 -32.95 -20.08
C TYR A 239 3.37 -34.36 -20.28
N GLY A 240 2.97 -34.98 -19.18
CA GLY A 240 2.37 -36.30 -19.26
C GLY A 240 3.12 -37.29 -18.41
N LYS A 241 4.34 -37.62 -18.83
CA LYS A 241 5.09 -38.72 -18.24
C LYS A 241 5.04 -38.84 -16.68
N LYS A 242 4.94 -40.08 -16.19
CA LYS A 242 4.79 -40.36 -14.76
C LYS A 242 6.07 -40.02 -14.01
N VAL A 243 5.93 -39.70 -12.73
CA VAL A 243 7.07 -39.23 -11.94
C VAL A 243 7.66 -40.30 -11.04
N GLU A 244 8.98 -40.33 -10.95
CA GLU A 244 9.66 -41.25 -10.04
C GLU A 244 10.30 -40.44 -8.92
N GLY A 245 9.93 -40.75 -7.70
CA GLY A 245 10.54 -40.04 -6.59
C GLY A 245 10.13 -40.53 -5.21
N THR A 246 10.42 -39.70 -4.23
CA THR A 246 10.11 -39.97 -2.85
C THR A 246 9.24 -38.83 -2.30
N ALA A 247 8.36 -39.13 -1.35
CA ALA A 247 7.38 -38.15 -0.93
C ALA A 247 7.22 -38.08 0.58
N PHE A 248 7.08 -36.87 1.12
CA PHE A 248 6.81 -36.65 2.53
C PHE A 248 5.39 -36.16 2.75
N VAL A 249 4.59 -36.92 3.48
CA VAL A 249 3.24 -36.45 3.82
C VAL A 249 2.94 -36.44 5.31
N ILE A 250 2.54 -35.27 5.81
CA ILE A 250 2.15 -35.11 7.19
C ILE A 250 0.72 -34.62 7.15
N PHE A 251 -0.05 -34.87 8.21
CA PHE A 251 -1.42 -34.38 8.28
C PHE A 251 -1.58 -33.22 9.27
N GLY A 252 -2.84 -32.93 9.59
CA GLY A 252 -3.17 -31.86 10.52
C GLY A 252 -4.67 -31.54 10.57
N ILE A 253 -5.07 -30.79 11.59
CA ILE A 253 -6.48 -30.52 11.83
C ILE A 253 -6.71 -29.05 11.79
N GLN A 254 -7.82 -28.64 11.18
CA GLN A 254 -8.18 -27.24 11.05
C GLN A 254 -9.50 -26.94 11.75
N ASP A 255 -9.51 -25.89 12.58
CA ASP A 255 -10.71 -25.47 13.30
C ASP A 255 -10.43 -24.16 14.01
N GLY A 256 -10.92 -23.06 13.46
CA GLY A 256 -11.56 -23.07 12.16
C GLY A 256 -10.55 -22.48 11.20
N GLU A 257 -9.83 -21.47 11.67
CA GLU A 257 -8.69 -20.94 10.94
C GLU A 257 -7.45 -21.31 11.73
N GLN A 258 -7.64 -22.15 12.73
CA GLN A 258 -6.54 -22.63 13.51
C GLN A 258 -6.08 -24.01 13.01
N ARG A 259 -4.79 -24.14 12.68
CA ARG A 259 -4.26 -25.43 12.23
C ARG A 259 -3.35 -26.04 13.26
N ILE A 260 -3.46 -27.35 13.43
CA ILE A 260 -2.61 -28.09 14.35
C ILE A 260 -1.98 -29.25 13.62
N SER A 261 -0.66 -29.27 13.49
CA SER A 261 -0.05 -30.37 12.78
C SER A 261 -0.05 -31.62 13.65
N LEU A 262 -0.04 -32.78 13.02
CA LEU A 262 0.03 -34.03 13.75
C LEU A 262 1.39 -34.63 13.48
N PRO A 263 2.42 -34.12 14.15
CA PRO A 263 3.75 -34.59 13.78
C PRO A 263 3.85 -36.12 13.78
N GLU A 264 3.12 -36.80 14.65
CA GLU A 264 3.23 -38.25 14.73
C GLU A 264 2.73 -38.91 13.45
N SER A 265 2.16 -38.10 12.56
CA SER A 265 1.53 -38.62 11.34
C SER A 265 2.46 -38.64 10.13
N LEU A 266 3.56 -37.90 10.24
CA LEU A 266 4.46 -37.65 9.11
C LEU A 266 5.16 -38.91 8.59
N LYS A 267 4.99 -39.17 7.30
CA LYS A 267 5.53 -40.40 6.71
C LYS A 267 6.33 -40.14 5.43
N ARG A 268 7.36 -40.95 5.19
CA ARG A 268 8.15 -40.87 3.98
C ARG A 268 7.92 -42.10 3.13
N ILE A 269 7.40 -41.90 1.94
CA ILE A 269 7.01 -43.01 1.10
C ILE A 269 7.48 -42.80 -0.33
N PRO A 270 7.85 -43.88 -1.03
CA PRO A 270 8.31 -43.79 -2.41
C PRO A 270 7.16 -43.56 -3.39
N ILE A 271 7.47 -42.87 -4.48
CA ILE A 271 6.51 -42.61 -5.54
C ILE A 271 6.94 -43.36 -6.76
N GLU A 272 6.19 -44.41 -7.11
CA GLU A 272 6.62 -45.33 -8.16
C GLU A 272 5.57 -45.42 -9.24
N ASP A 273 5.97 -45.27 -10.51
CA ASP A 273 5.02 -45.17 -11.61
C ASP A 273 4.03 -44.04 -11.28
N GLY A 274 4.57 -42.97 -10.68
CA GLY A 274 3.84 -41.76 -10.42
C GLY A 274 2.82 -41.87 -9.30
N SER A 275 3.02 -42.81 -8.39
CA SER A 275 2.06 -42.98 -7.31
C SER A 275 2.69 -43.55 -6.05
N GLY A 276 2.28 -42.98 -4.93
CA GLY A 276 2.53 -43.57 -3.63
C GLY A 276 1.23 -43.64 -2.87
N GLU A 277 1.25 -44.21 -1.67
CA GLU A 277 0.06 -44.30 -0.84
C GLU A 277 0.40 -44.05 0.61
N VAL A 278 -0.51 -43.44 1.34
CA VAL A 278 -0.27 -43.10 2.74
C VAL A 278 -1.57 -43.10 3.52
N VAL A 279 -1.47 -43.24 4.83
CA VAL A 279 -2.65 -43.27 5.67
C VAL A 279 -2.39 -42.58 7.00
N LEU A 280 -3.44 -41.97 7.52
CA LEU A 280 -3.44 -41.36 8.84
C LEU A 280 -4.29 -42.24 9.74
N SER A 281 -3.67 -43.21 10.42
CA SER A 281 -4.44 -44.15 11.24
C SER A 281 -5.36 -43.42 12.22
N ARG A 282 -6.53 -44.01 12.47
CA ARG A 282 -7.51 -43.39 13.36
C ARG A 282 -6.85 -43.14 14.70
N LYS A 283 -6.04 -44.10 15.11
CA LYS A 283 -5.27 -44.03 16.35
C LYS A 283 -4.58 -42.69 16.44
N VAL A 284 -3.66 -42.44 15.52
CA VAL A 284 -2.76 -41.29 15.60
C VAL A 284 -3.49 -39.95 15.59
N LEU A 285 -4.69 -39.94 14.98
CA LEU A 285 -5.51 -38.73 14.91
C LEU A 285 -5.99 -38.34 16.30
N LEU A 286 -6.57 -39.32 16.98
CA LEU A 286 -7.11 -39.11 18.31
C LEU A 286 -6.04 -38.88 19.35
N ASP A 287 -5.01 -39.72 19.36
CA ASP A 287 -3.87 -39.52 20.24
C ASP A 287 -3.27 -38.14 19.97
N GLY A 288 -3.43 -37.66 18.74
CA GLY A 288 -2.92 -36.36 18.36
C GLY A 288 -3.65 -35.12 18.86
N VAL A 289 -4.95 -35.03 18.62
CA VAL A 289 -5.70 -33.85 19.10
C VAL A 289 -6.05 -34.21 20.56
N GLN A 290 -6.74 -35.34 20.75
CA GLN A 290 -7.06 -35.87 22.06
C GLN A 290 -7.91 -34.96 22.96
N ASN A 291 -8.95 -34.43 22.34
CA ASN A 291 -10.08 -33.78 22.98
C ASN A 291 -10.77 -34.96 23.65
N PRO A 292 -11.53 -34.71 24.70
CA PRO A 292 -12.01 -35.80 25.55
C PRO A 292 -12.62 -36.97 24.77
N ARG A 293 -13.33 -36.72 23.68
CA ARG A 293 -14.02 -37.80 23.01
C ARG A 293 -13.90 -37.61 21.50
N ALA A 294 -14.11 -38.68 20.75
CA ALA A 294 -13.99 -38.61 19.31
C ALA A 294 -14.99 -37.58 18.78
N GLU A 295 -16.21 -37.62 19.28
CA GLU A 295 -17.29 -36.85 18.72
C GLU A 295 -17.00 -35.36 18.76
N ASP A 296 -15.96 -34.97 19.49
CA ASP A 296 -15.59 -33.56 19.57
C ASP A 296 -15.13 -33.02 18.22
N LEU A 297 -14.54 -33.88 17.41
CA LEU A 297 -13.88 -33.51 16.16
C LEU A 297 -14.86 -33.26 15.05
N VAL A 298 -16.10 -33.65 15.24
CA VAL A 298 -17.10 -33.46 14.20
C VAL A 298 -17.35 -31.97 13.94
N GLY A 299 -17.27 -31.60 12.67
CA GLY A 299 -17.42 -30.21 12.29
C GLY A 299 -16.08 -29.53 12.04
N LYS A 300 -15.01 -30.24 12.36
CA LYS A 300 -13.67 -29.77 12.10
C LYS A 300 -13.20 -30.39 10.79
N SER A 301 -12.11 -29.88 10.24
CA SER A 301 -11.65 -30.35 8.95
C SER A 301 -10.25 -30.94 9.06
N LEU A 302 -9.85 -31.72 8.05
CA LEU A 302 -8.54 -32.34 8.03
C LEU A 302 -7.73 -31.81 6.84
N TYR A 303 -6.40 -31.81 6.95
CA TYR A 303 -5.55 -31.54 5.81
C TYR A 303 -4.34 -32.48 5.64
N VAL A 304 -3.99 -32.75 4.37
CA VAL A 304 -2.86 -33.59 4.03
C VAL A 304 -1.89 -32.67 3.35
N SER A 305 -0.64 -32.68 3.80
CA SER A 305 0.40 -31.86 3.18
C SER A 305 1.54 -32.72 2.60
N ALA A 306 1.62 -32.77 1.28
CA ALA A 306 2.56 -33.66 0.59
C ALA A 306 3.71 -32.91 -0.07
N THR A 307 4.92 -33.43 0.09
CA THR A 307 6.10 -32.79 -0.48
C THR A 307 6.90 -33.85 -1.19
N VAL A 308 7.14 -33.65 -2.47
CA VAL A 308 7.69 -34.68 -3.32
C VAL A 308 9.02 -34.29 -3.93
N ILE A 309 10.01 -35.16 -3.76
CA ILE A 309 11.34 -34.89 -4.27
C ILE A 309 11.74 -35.89 -5.33
N LEU A 310 12.02 -35.39 -6.54
CA LEU A 310 12.46 -36.25 -7.63
C LEU A 310 13.74 -36.91 -7.17
N HIS A 311 14.10 -38.03 -7.79
CA HIS A 311 15.27 -38.76 -7.33
C HIS A 311 16.57 -38.04 -7.67
N SER A 312 16.54 -37.21 -8.71
CA SER A 312 17.69 -36.41 -9.06
C SER A 312 18.03 -35.40 -7.96
N GLY A 313 17.03 -35.04 -7.17
CA GLY A 313 17.21 -33.97 -6.20
C GLY A 313 17.01 -32.62 -6.87
N SER A 314 16.91 -32.65 -8.19
CA SER A 314 16.92 -31.45 -9.01
C SER A 314 15.63 -30.63 -8.87
N ASP A 315 14.50 -31.32 -8.79
CA ASP A 315 13.24 -30.61 -8.65
C ASP A 315 12.50 -31.09 -7.42
N MET A 316 11.71 -30.20 -6.84
CA MET A 316 10.92 -30.54 -5.67
C MET A 316 9.62 -29.78 -5.76
N VAL A 317 8.57 -30.28 -5.12
CA VAL A 317 7.22 -29.70 -5.23
C VAL A 317 6.39 -29.96 -3.97
N GLN A 318 5.72 -28.93 -3.45
CA GLN A 318 4.82 -29.08 -2.30
C GLN A 318 3.38 -28.91 -2.75
N ALA A 319 2.45 -29.39 -1.96
CA ALA A 319 1.08 -29.48 -2.41
C ALA A 319 0.17 -29.89 -1.26
N GLU A 320 -1.12 -29.61 -1.37
CA GLU A 320 -2.02 -29.76 -0.24
C GLU A 320 -3.44 -29.99 -0.65
N ARG A 321 -4.07 -30.97 -0.01
CA ARG A 321 -5.53 -31.03 0.05
C ARG A 321 -6.01 -30.65 1.44
N SER A 322 -6.92 -29.71 1.50
CA SER A 322 -7.33 -29.19 2.79
C SER A 322 -8.85 -29.26 2.89
N GLY A 323 -9.35 -29.11 4.11
CA GLY A 323 -10.76 -29.09 4.38
C GLY A 323 -11.49 -30.39 4.09
N ILE A 324 -10.93 -31.50 4.55
CA ILE A 324 -11.66 -32.75 4.55
C ILE A 324 -12.45 -32.75 5.84
N PRO A 325 -13.78 -32.72 5.76
CA PRO A 325 -14.59 -32.55 6.96
C PRO A 325 -14.66 -33.85 7.77
N ILE A 326 -14.70 -33.72 9.09
CA ILE A 326 -14.95 -34.87 9.94
C ILE A 326 -16.45 -34.89 10.16
N VAL A 327 -17.10 -36.03 9.85
CA VAL A 327 -18.55 -36.13 9.84
C VAL A 327 -19.09 -37.42 10.45
N THR A 328 -20.31 -37.37 10.95
CA THR A 328 -20.94 -38.56 11.48
C THR A 328 -21.71 -39.16 10.34
N SER A 329 -21.88 -38.35 9.31
CA SER A 329 -22.64 -38.76 8.14
C SER A 329 -22.11 -38.27 6.80
N PRO A 330 -22.22 -39.13 5.79
CA PRO A 330 -21.79 -38.90 4.41
C PRO A 330 -22.56 -37.77 3.73
N TYR A 331 -23.60 -37.24 4.37
CA TYR A 331 -24.47 -36.24 3.74
C TYR A 331 -24.89 -35.10 4.65
N GLN A 332 -25.54 -34.12 4.02
CA GLN A 332 -26.12 -32.98 4.72
C GLN A 332 -27.44 -32.68 4.01
N ILE A 333 -28.43 -32.19 4.76
CA ILE A 333 -29.72 -31.85 4.18
C ILE A 333 -29.98 -30.34 4.26
N HIS A 334 -30.61 -29.80 3.21
CA HIS A 334 -30.78 -28.35 3.11
C HIS A 334 -32.18 -27.86 2.67
N PHE A 335 -32.82 -27.07 3.52
CA PHE A 335 -34.13 -26.54 3.18
C PHE A 335 -34.03 -25.13 2.59
N THR A 336 -32.84 -24.80 2.11
CA THR A 336 -32.58 -23.46 1.62
C THR A 336 -33.28 -23.26 0.31
N LYS A 337 -33.73 -24.33 -0.32
CA LYS A 337 -34.45 -24.20 -1.58
C LYS A 337 -35.97 -24.37 -1.41
N THR A 338 -36.42 -24.51 -0.18
CA THR A 338 -37.83 -24.79 0.09
C THR A 338 -38.51 -23.59 0.72
N PRO A 339 -39.71 -23.24 0.19
CA PRO A 339 -40.48 -22.09 0.70
C PRO A 339 -40.80 -22.26 2.17
N LYS A 340 -40.76 -21.19 2.97
CA LYS A 340 -41.07 -21.32 4.40
C LYS A 340 -42.50 -20.97 4.80
N TYR A 341 -43.45 -21.13 3.87
CA TYR A 341 -44.85 -20.76 4.04
C TYR A 341 -45.68 -21.77 3.35
N PHE A 342 -46.59 -22.39 4.09
CA PHE A 342 -47.49 -23.38 3.53
C PHE A 342 -48.94 -22.90 3.55
N LYS A 343 -49.74 -23.45 2.65
CA LYS A 343 -51.15 -23.09 2.56
C LYS A 343 -52.04 -24.17 3.16
N PRO A 344 -52.50 -23.93 4.39
CA PRO A 344 -53.38 -24.89 5.08
C PRO A 344 -54.35 -25.56 4.12
N GLY A 345 -54.57 -26.86 4.30
CA GLY A 345 -55.47 -27.61 3.45
C GLY A 345 -54.88 -27.84 2.06
N MET A 346 -53.73 -27.22 1.81
CA MET A 346 -53.08 -27.34 0.52
C MET A 346 -51.65 -27.90 0.56
N PRO A 347 -51.44 -29.07 -0.04
CA PRO A 347 -50.14 -29.69 -0.06
C PRO A 347 -48.96 -28.74 0.17
N PHE A 348 -47.92 -29.20 0.84
CA PHE A 348 -46.75 -28.38 1.11
C PHE A 348 -45.57 -29.06 0.43
N ASP A 349 -45.00 -28.45 -0.62
CA ASP A 349 -43.95 -29.14 -1.36
C ASP A 349 -42.56 -28.77 -0.79
N LEU A 350 -41.73 -29.77 -0.52
CA LEU A 350 -40.39 -29.53 -0.02
C LEU A 350 -39.37 -29.84 -1.09
N MET A 351 -38.50 -28.88 -1.40
CA MET A 351 -37.33 -29.19 -2.22
C MET A 351 -36.19 -29.51 -1.27
N VAL A 352 -35.96 -30.81 -1.08
CA VAL A 352 -34.88 -31.25 -0.23
C VAL A 352 -33.61 -31.29 -1.05
N PHE A 353 -32.59 -30.60 -0.55
CA PHE A 353 -31.33 -30.48 -1.23
C PHE A 353 -30.29 -31.24 -0.42
N VAL A 354 -29.80 -32.34 -0.99
CA VAL A 354 -28.88 -33.20 -0.27
C VAL A 354 -27.49 -33.11 -0.83
N THR A 355 -26.56 -32.60 -0.03
CA THR A 355 -25.17 -32.47 -0.47
C THR A 355 -24.24 -33.46 0.20
N ASN A 356 -23.04 -33.55 -0.35
CA ASN A 356 -21.98 -34.30 0.27
C ASN A 356 -21.31 -33.39 1.28
N PRO A 357 -20.30 -33.91 2.00
CA PRO A 357 -19.74 -33.09 3.08
C PRO A 357 -18.97 -31.88 2.56
N ASP A 358 -18.40 -31.99 1.37
CA ASP A 358 -17.62 -30.90 0.82
C ASP A 358 -18.50 -29.77 0.28
N GLY A 359 -19.59 -30.15 -0.37
CA GLY A 359 -20.58 -29.19 -0.83
C GLY A 359 -21.31 -29.62 -2.08
N SER A 360 -20.71 -30.55 -2.82
CA SER A 360 -21.27 -31.03 -4.08
C SER A 360 -22.65 -31.57 -3.82
N PRO A 361 -23.51 -31.54 -4.84
CA PRO A 361 -24.77 -32.29 -4.76
C PRO A 361 -24.52 -33.80 -4.72
N ALA A 362 -25.27 -34.51 -3.89
CA ALA A 362 -25.24 -35.97 -3.84
C ALA A 362 -26.38 -36.45 -4.71
N TYR A 363 -26.17 -37.57 -5.41
CA TYR A 363 -27.12 -38.03 -6.44
C TYR A 363 -27.67 -39.43 -6.15
N ARG A 364 -28.96 -39.63 -6.41
CA ARG A 364 -29.59 -40.91 -6.14
C ARG A 364 -29.74 -41.22 -4.66
N VAL A 365 -29.89 -40.19 -3.83
CA VAL A 365 -30.02 -40.38 -2.39
C VAL A 365 -31.48 -40.32 -1.89
N PRO A 366 -31.99 -41.45 -1.39
CA PRO A 366 -33.36 -41.45 -0.92
C PRO A 366 -33.53 -40.66 0.37
N VAL A 367 -34.58 -39.85 0.46
CA VAL A 367 -34.91 -39.13 1.68
C VAL A 367 -36.39 -39.31 2.02
N ALA A 368 -36.73 -39.34 3.30
CA ALA A 368 -38.13 -39.44 3.69
C ALA A 368 -38.38 -38.56 4.90
N VAL A 369 -39.65 -38.27 5.18
CA VAL A 369 -40.01 -37.46 6.33
C VAL A 369 -39.96 -38.29 7.64
N GLN A 370 -40.44 -37.72 8.75
CA GLN A 370 -40.34 -38.37 10.07
C GLN A 370 -41.21 -39.62 10.24
N GLY A 371 -40.53 -40.73 10.52
CA GLY A 371 -41.09 -42.05 10.39
C GLY A 371 -40.94 -42.42 8.92
N GLU A 372 -41.98 -42.13 8.15
CA GLU A 372 -42.07 -42.43 6.71
C GLU A 372 -41.23 -43.65 6.31
N ASP A 373 -41.77 -44.85 6.54
CA ASP A 373 -43.22 -45.09 6.67
C ASP A 373 -43.66 -44.92 5.21
N THR A 374 -43.02 -45.71 4.35
CA THR A 374 -43.04 -45.49 2.90
C THR A 374 -42.62 -44.05 2.57
N VAL A 375 -43.46 -43.33 1.82
CA VAL A 375 -43.12 -42.01 1.30
C VAL A 375 -41.89 -42.13 0.37
N GLN A 376 -40.80 -41.44 0.72
CA GLN A 376 -39.51 -41.55 0.02
C GLN A 376 -39.50 -41.05 -1.43
N SER A 377 -38.40 -40.39 -1.80
CA SER A 377 -38.11 -40.03 -3.19
C SER A 377 -36.61 -39.86 -3.34
N LEU A 378 -36.12 -40.08 -4.55
CA LEU A 378 -34.68 -40.04 -4.80
C LEU A 378 -34.17 -38.71 -5.31
N THR A 379 -33.08 -38.28 -4.68
CA THR A 379 -32.36 -37.09 -5.05
C THR A 379 -31.97 -37.14 -6.54
N GLN A 380 -32.16 -36.02 -7.25
CA GLN A 380 -31.82 -35.96 -8.67
C GLN A 380 -30.43 -35.43 -8.88
N GLY A 381 -30.07 -35.26 -10.14
CA GLY A 381 -28.74 -34.77 -10.49
C GLY A 381 -28.23 -33.58 -9.68
N ASP A 382 -29.06 -32.57 -9.53
CA ASP A 382 -28.64 -31.34 -8.86
C ASP A 382 -28.76 -31.47 -7.35
N GLY A 383 -28.96 -32.71 -6.90
CA GLY A 383 -29.04 -33.04 -5.50
C GLY A 383 -30.34 -32.56 -4.90
N VAL A 384 -31.37 -32.50 -5.74
CA VAL A 384 -32.68 -32.11 -5.24
C VAL A 384 -33.72 -33.20 -5.44
N ALA A 385 -34.47 -33.48 -4.38
CA ALA A 385 -35.61 -34.38 -4.46
C ALA A 385 -36.76 -33.59 -3.90
N LYS A 386 -37.98 -33.92 -4.33
CA LYS A 386 -39.16 -33.19 -3.85
C LYS A 386 -40.19 -34.05 -3.15
N LEU A 387 -40.32 -33.85 -1.84
CA LEU A 387 -41.35 -34.50 -1.07
C LEU A 387 -42.55 -33.57 -0.90
N SER A 388 -43.77 -34.13 -1.02
CA SER A 388 -44.98 -33.36 -0.75
C SER A 388 -45.79 -33.99 0.38
N ILE A 389 -46.04 -33.22 1.44
CA ILE A 389 -46.97 -33.66 2.49
C ILE A 389 -48.23 -32.80 2.33
N ASN A 390 -49.29 -33.16 3.05
CA ASN A 390 -50.52 -32.38 3.00
C ASN A 390 -50.68 -31.52 4.24
N THR A 391 -51.49 -30.47 4.16
CA THR A 391 -51.65 -29.54 5.27
C THR A 391 -53.15 -29.61 5.56
N HIS A 392 -53.52 -29.26 6.79
CA HIS A 392 -54.91 -29.27 7.21
C HIS A 392 -55.49 -27.87 7.22
N PRO A 393 -56.46 -27.63 8.10
CA PRO A 393 -57.01 -26.29 8.29
C PRO A 393 -56.23 -25.56 9.39
N SER A 394 -55.15 -26.17 9.86
CA SER A 394 -54.29 -25.57 10.88
C SER A 394 -53.52 -24.28 10.52
N GLN A 395 -53.47 -23.41 11.53
CA GLN A 395 -52.69 -22.20 11.51
C GLN A 395 -51.42 -22.37 12.33
N LYS A 396 -51.27 -23.51 13.03
CA LYS A 396 -50.02 -23.67 13.77
C LYS A 396 -48.85 -23.92 12.83
N PRO A 397 -47.67 -23.45 13.23
CA PRO A 397 -46.46 -23.62 12.43
C PRO A 397 -46.28 -25.10 12.04
N LEU A 398 -45.72 -25.35 10.86
CA LEU A 398 -45.45 -26.71 10.37
C LEU A 398 -43.99 -27.04 10.61
N SER A 399 -43.73 -28.12 11.34
CA SER A 399 -42.35 -28.50 11.64
C SER A 399 -42.02 -29.87 11.06
N ILE A 400 -41.49 -29.88 9.84
CA ILE A 400 -41.14 -31.11 9.13
C ILE A 400 -39.68 -31.49 9.33
N THR A 401 -39.42 -32.79 9.38
CA THR A 401 -38.07 -33.27 9.55
C THR A 401 -37.75 -34.37 8.59
N VAL A 402 -36.76 -34.12 7.74
CA VAL A 402 -36.34 -35.09 6.73
C VAL A 402 -35.04 -35.80 7.10
N ARG A 403 -35.09 -37.12 7.04
CA ARG A 403 -33.93 -37.94 7.28
C ARG A 403 -33.66 -38.63 5.99
N THR A 404 -32.39 -38.88 5.72
CA THR A 404 -31.97 -39.58 4.54
C THR A 404 -32.16 -41.06 4.85
N LYS A 405 -32.52 -41.85 3.83
CA LYS A 405 -32.76 -43.28 4.03
C LYS A 405 -31.87 -44.16 3.14
N LYS A 406 -30.60 -43.77 3.02
CA LYS A 406 -29.63 -44.53 2.24
C LYS A 406 -29.53 -45.91 2.83
N GLN A 407 -29.75 -46.94 2.01
CA GLN A 407 -29.48 -48.30 2.44
C GLN A 407 -28.00 -48.36 2.79
N GLU A 408 -27.52 -49.52 3.22
CA GLU A 408 -26.08 -49.71 3.38
C GLU A 408 -25.48 -48.81 4.46
N LEU A 409 -26.29 -47.90 5.00
CA LEU A 409 -25.81 -47.04 6.06
C LEU A 409 -26.34 -47.55 7.37
N SER A 410 -26.69 -46.64 8.26
CA SER A 410 -27.22 -47.00 9.57
C SER A 410 -27.96 -45.81 10.11
N GLU A 411 -28.82 -46.04 11.09
CA GLU A 411 -29.54 -44.92 11.67
C GLU A 411 -28.57 -43.83 12.13
N ALA A 412 -27.43 -44.26 12.68
CA ALA A 412 -26.38 -43.36 13.06
C ALA A 412 -25.98 -42.43 11.91
N GLU A 413 -25.65 -43.04 10.76
CA GLU A 413 -24.98 -42.34 9.66
C GLU A 413 -25.88 -41.47 8.77
N GLN A 414 -27.18 -41.72 8.79
CA GLN A 414 -28.11 -40.87 8.06
C GLN A 414 -28.01 -39.45 8.57
N ALA A 415 -28.20 -38.49 7.67
CA ALA A 415 -28.23 -37.11 8.10
C ALA A 415 -29.67 -36.78 8.42
N THR A 416 -29.88 -35.58 8.96
CA THR A 416 -31.20 -35.17 9.34
C THR A 416 -31.23 -33.68 9.21
N ARG A 417 -32.40 -33.11 9.35
CA ARG A 417 -32.53 -31.67 9.47
C ARG A 417 -34.00 -31.35 9.70
N THR A 418 -34.24 -30.22 10.33
CA THR A 418 -35.61 -29.82 10.61
C THR A 418 -35.89 -28.42 10.06
N MET A 419 -37.13 -28.18 9.67
CA MET A 419 -37.47 -26.84 9.23
C MET A 419 -38.90 -26.47 9.58
N GLN A 420 -39.26 -25.23 9.33
CA GLN A 420 -40.55 -24.79 9.78
C GLN A 420 -41.18 -23.81 8.80
N ALA A 421 -42.43 -24.06 8.45
CA ALA A 421 -43.20 -23.14 7.66
C ALA A 421 -44.35 -22.58 8.46
N LEU A 422 -44.71 -21.32 8.18
CA LEU A 422 -45.85 -20.68 8.80
C LEU A 422 -46.92 -20.57 7.74
N PRO A 423 -48.18 -20.53 8.14
CA PRO A 423 -49.26 -20.47 7.15
C PRO A 423 -49.44 -19.10 6.47
N TYR A 424 -49.96 -19.18 5.25
CA TYR A 424 -50.23 -18.02 4.44
C TYR A 424 -51.53 -17.46 4.98
N SER A 425 -51.53 -16.18 5.34
CA SER A 425 -52.74 -15.57 5.89
C SER A 425 -53.62 -14.95 4.79
N THR A 426 -54.91 -15.28 4.82
CA THR A 426 -55.84 -14.79 3.81
C THR A 426 -56.65 -13.58 4.25
N VAL A 427 -57.25 -12.93 3.27
CA VAL A 427 -58.03 -11.73 3.51
C VAL A 427 -59.28 -12.00 4.36
N GLY A 428 -59.16 -11.75 5.67
CA GLY A 428 -60.28 -11.97 6.57
C GLY A 428 -60.63 -13.43 6.67
N ASN A 429 -59.65 -14.28 6.44
CA ASN A 429 -59.81 -15.72 6.60
C ASN A 429 -60.78 -16.30 5.59
N SER A 430 -60.47 -16.05 4.33
CA SER A 430 -61.35 -16.43 3.25
C SER A 430 -61.04 -17.84 2.84
N ASN A 431 -60.02 -18.43 3.48
CA ASN A 431 -59.64 -19.81 3.18
C ASN A 431 -59.57 -20.05 1.68
N ASN A 432 -59.12 -19.02 0.97
CA ASN A 432 -58.80 -19.08 -0.45
C ASN A 432 -57.29 -19.03 -0.58
N TYR A 433 -56.76 -19.85 -1.48
CA TYR A 433 -55.32 -20.04 -1.58
C TYR A 433 -54.98 -20.35 -3.00
N LEU A 434 -53.70 -20.28 -3.33
CA LEU A 434 -53.23 -20.76 -4.62
C LEU A 434 -51.96 -21.53 -4.37
N HIS A 435 -51.77 -22.62 -5.11
CA HIS A 435 -50.56 -23.43 -4.95
C HIS A 435 -49.94 -23.86 -6.27
N LEU A 436 -48.76 -23.32 -6.54
CA LEU A 436 -47.99 -23.71 -7.70
C LEU A 436 -47.15 -24.94 -7.38
N SER A 437 -47.22 -25.91 -8.26
CA SER A 437 -46.33 -27.05 -8.19
C SER A 437 -45.81 -27.28 -9.59
N VAL A 438 -44.57 -27.73 -9.66
CA VAL A 438 -43.93 -28.07 -10.94
C VAL A 438 -43.07 -29.29 -10.66
N LEU A 439 -42.68 -30.01 -11.72
CA LEU A 439 -41.92 -31.24 -11.51
C LEU A 439 -40.45 -30.98 -11.26
N ARG A 440 -39.92 -31.59 -10.22
CA ARG A 440 -38.50 -31.44 -9.97
C ARG A 440 -37.73 -32.47 -10.79
N THR A 441 -37.09 -31.96 -11.84
CA THR A 441 -36.10 -32.70 -12.60
C THR A 441 -35.24 -31.59 -13.11
N GLU A 442 -34.05 -31.91 -13.62
CA GLU A 442 -33.21 -30.85 -14.18
C GLU A 442 -33.86 -30.22 -15.42
N LEU A 443 -33.64 -28.92 -15.58
CA LEU A 443 -34.25 -28.17 -16.67
C LEU A 443 -33.19 -27.55 -17.59
N ARG A 444 -33.23 -27.90 -18.88
CA ARG A 444 -32.30 -27.34 -19.87
C ARG A 444 -33.08 -26.38 -20.77
N PRO A 445 -32.43 -25.35 -21.32
CA PRO A 445 -33.23 -24.56 -22.26
C PRO A 445 -33.52 -25.43 -23.47
N GLY A 446 -34.70 -25.22 -24.07
CA GLY A 446 -35.20 -26.03 -25.15
C GLY A 446 -36.36 -26.92 -24.70
N GLU A 447 -36.33 -27.31 -23.43
CA GLU A 447 -37.36 -28.17 -22.85
C GLU A 447 -38.63 -27.38 -22.58
N THR A 448 -39.72 -28.07 -22.28
CA THR A 448 -40.89 -27.34 -21.82
C THR A 448 -41.39 -27.86 -20.49
N LEU A 449 -41.81 -26.93 -19.65
CA LEU A 449 -42.09 -27.22 -18.27
C LEU A 449 -43.56 -27.07 -18.00
N ASN A 450 -44.14 -28.07 -17.36
CA ASN A 450 -45.52 -27.95 -16.97
C ASN A 450 -45.62 -27.31 -15.60
N VAL A 451 -46.30 -26.17 -15.55
CA VAL A 451 -46.50 -25.49 -14.27
C VAL A 451 -47.92 -25.69 -13.73
N ASN A 452 -48.05 -26.61 -12.77
CA ASN A 452 -49.37 -26.94 -12.20
C ASN A 452 -49.97 -25.82 -11.34
N PHE A 453 -51.13 -25.31 -11.76
CA PHE A 453 -51.86 -24.34 -10.97
C PHE A 453 -52.95 -25.03 -10.16
N LEU A 454 -52.72 -25.20 -8.86
CA LEU A 454 -53.72 -25.76 -7.97
C LEU A 454 -54.50 -24.65 -7.25
N LEU A 455 -55.82 -24.80 -7.18
CA LEU A 455 -56.68 -23.79 -6.55
C LEU A 455 -57.54 -24.34 -5.42
N ARG A 456 -57.54 -23.63 -4.30
CA ARG A 456 -58.37 -24.00 -3.16
C ARG A 456 -59.39 -22.91 -2.78
N MET A 457 -60.66 -23.19 -3.04
CA MET A 457 -61.73 -22.37 -2.50
C MET A 457 -63.05 -23.09 -2.61
N ASP A 458 -64.06 -22.55 -1.92
CA ASP A 458 -65.38 -23.18 -1.76
C ASP A 458 -66.22 -23.06 -3.04
N ARG A 459 -66.87 -24.14 -3.42
CA ARG A 459 -67.53 -24.21 -4.73
C ARG A 459 -68.52 -23.06 -4.91
N ALA A 460 -68.95 -22.48 -3.79
CA ALA A 460 -69.86 -21.35 -3.81
C ALA A 460 -69.25 -20.14 -4.53
N HIS A 461 -67.94 -20.15 -4.72
CA HIS A 461 -67.25 -19.00 -5.29
C HIS A 461 -66.23 -19.36 -6.36
N GLU A 462 -65.97 -20.65 -6.52
CA GLU A 462 -64.92 -21.07 -7.44
C GLU A 462 -65.15 -20.58 -8.86
N ALA A 463 -66.39 -20.39 -9.27
CA ALA A 463 -66.66 -20.06 -10.67
C ALA A 463 -66.25 -18.66 -11.07
N LYS A 464 -66.01 -17.78 -10.10
CA LYS A 464 -65.64 -16.42 -10.44
C LYS A 464 -64.22 -16.38 -10.97
N ILE A 465 -63.45 -17.42 -10.67
CA ILE A 465 -62.06 -17.43 -11.09
C ILE A 465 -61.94 -17.98 -12.48
N ARG A 466 -61.81 -17.09 -13.45
CA ARG A 466 -61.77 -17.53 -14.82
C ARG A 466 -60.35 -17.53 -15.34
N TYR A 467 -59.44 -16.92 -14.59
CA TYR A 467 -58.04 -16.86 -15.04
C TYR A 467 -57.00 -16.66 -13.92
N TYR A 468 -55.76 -16.95 -14.27
CA TYR A 468 -54.65 -16.58 -13.41
C TYR A 468 -53.74 -15.67 -14.19
N THR A 469 -53.08 -14.78 -13.46
CA THR A 469 -52.00 -13.99 -14.01
C THR A 469 -50.64 -14.51 -13.54
N TYR A 470 -49.74 -14.79 -14.50
CA TYR A 470 -48.42 -15.28 -14.11
C TYR A 470 -47.29 -14.41 -14.63
N LEU A 471 -46.35 -14.12 -13.76
CA LEU A 471 -45.18 -13.32 -14.10
C LEU A 471 -43.92 -14.12 -13.92
N ILE A 472 -43.08 -14.17 -14.95
CA ILE A 472 -41.79 -14.81 -14.84
C ILE A 472 -40.70 -13.80 -14.52
N MET A 473 -40.00 -14.04 -13.41
CA MET A 473 -38.87 -13.23 -12.98
C MET A 473 -37.55 -13.91 -13.31
N ASN A 474 -36.64 -13.13 -13.90
CA ASN A 474 -35.30 -13.63 -14.25
C ASN A 474 -34.22 -12.57 -14.13
N LYS A 475 -33.14 -12.88 -13.45
CA LYS A 475 -32.08 -11.91 -13.26
C LYS A 475 -32.69 -10.56 -12.89
N GLY A 476 -33.65 -10.57 -11.96
CA GLY A 476 -34.19 -9.35 -11.39
C GLY A 476 -34.91 -8.42 -12.35
N ARG A 477 -35.26 -8.95 -13.49
CA ARG A 477 -36.08 -8.21 -14.41
C ARG A 477 -37.29 -9.07 -14.71
N LEU A 478 -38.39 -8.43 -15.10
CA LEU A 478 -39.58 -9.15 -15.52
C LEU A 478 -39.35 -9.65 -16.94
N LEU A 479 -39.46 -10.96 -17.13
CA LEU A 479 -39.04 -11.61 -18.38
C LEU A 479 -40.22 -11.97 -19.27
N LYS A 480 -41.31 -12.36 -18.65
CA LYS A 480 -42.48 -12.79 -19.37
C LYS A 480 -43.67 -12.76 -18.42
N ALA A 481 -44.81 -12.32 -18.93
CA ALA A 481 -46.05 -12.30 -18.15
C ALA A 481 -47.20 -12.62 -19.09
N GLY A 482 -48.12 -13.45 -18.63
CA GLY A 482 -49.22 -13.87 -19.47
C GLY A 482 -50.42 -14.22 -18.63
N ARG A 483 -51.41 -14.81 -19.28
CA ARG A 483 -52.63 -15.24 -18.60
C ARG A 483 -52.83 -16.75 -18.75
N GLN A 484 -53.12 -17.42 -17.64
CA GLN A 484 -53.44 -18.85 -17.67
C GLN A 484 -54.91 -19.00 -17.35
N VAL A 485 -55.67 -19.40 -18.37
CA VAL A 485 -57.13 -19.48 -18.25
C VAL A 485 -57.55 -20.64 -17.39
N ARG A 486 -58.86 -20.68 -17.12
CA ARG A 486 -59.40 -21.67 -16.21
C ARG A 486 -60.93 -21.72 -16.28
N GLU A 487 -61.46 -22.93 -16.52
CA GLU A 487 -62.89 -23.18 -16.60
C GLU A 487 -63.39 -23.64 -15.25
N PRO A 488 -64.52 -23.09 -14.79
CA PRO A 488 -65.09 -23.45 -13.48
C PRO A 488 -65.12 -24.95 -13.28
N GLY A 489 -64.72 -25.38 -12.09
CA GLY A 489 -64.66 -26.80 -11.78
C GLY A 489 -63.26 -27.35 -11.91
N GLN A 490 -62.47 -26.76 -12.80
CA GLN A 490 -61.06 -27.13 -12.95
C GLN A 490 -60.28 -26.71 -11.72
N ASP A 491 -59.94 -27.66 -10.87
CA ASP A 491 -59.10 -27.37 -9.72
C ASP A 491 -57.64 -27.24 -10.17
N LEU A 492 -57.18 -28.20 -10.94
CA LEU A 492 -55.85 -28.12 -11.52
C LEU A 492 -55.87 -27.73 -13.02
N VAL A 493 -55.11 -26.69 -13.36
CA VAL A 493 -54.84 -26.38 -14.75
C VAL A 493 -53.34 -26.43 -14.95
N VAL A 494 -52.90 -26.48 -16.20
CA VAL A 494 -51.47 -26.56 -16.48
C VAL A 494 -51.04 -25.65 -17.59
N LEU A 495 -50.16 -24.72 -17.25
CA LEU A 495 -49.52 -23.86 -18.22
C LEU A 495 -48.21 -24.50 -18.59
N PRO A 496 -48.07 -24.88 -19.88
CA PRO A 496 -46.88 -25.54 -20.42
C PRO A 496 -45.86 -24.47 -20.78
N LEU A 497 -44.97 -24.17 -19.86
CA LEU A 497 -44.07 -23.06 -20.06
C LEU A 497 -42.89 -23.56 -20.90
N SER A 498 -42.50 -22.77 -21.91
CA SER A 498 -41.32 -23.11 -22.69
C SER A 498 -40.03 -22.48 -22.17
N ILE A 499 -39.03 -23.31 -21.89
CA ILE A 499 -37.78 -22.80 -21.32
C ILE A 499 -36.74 -22.46 -22.39
N THR A 500 -36.46 -21.16 -22.52
CA THR A 500 -35.42 -20.71 -23.45
C THR A 500 -34.11 -20.35 -22.75
N THR A 501 -33.11 -19.96 -23.53
CA THR A 501 -31.86 -19.58 -22.90
C THR A 501 -32.06 -18.36 -22.02
N ASP A 502 -33.12 -17.62 -22.28
CA ASP A 502 -33.39 -16.39 -21.53
C ASP A 502 -33.62 -16.63 -20.03
N PHE A 503 -33.78 -17.89 -19.67
CA PHE A 503 -34.15 -18.29 -18.32
C PHE A 503 -32.96 -18.57 -17.41
N ILE A 504 -31.87 -19.06 -18.00
CA ILE A 504 -30.63 -19.30 -17.26
C ILE A 504 -30.29 -18.08 -16.44
N PRO A 505 -29.87 -18.29 -15.19
CA PRO A 505 -29.56 -19.57 -14.55
C PRO A 505 -30.62 -20.08 -13.59
N SER A 506 -31.78 -19.42 -13.61
CA SER A 506 -32.91 -19.75 -12.75
C SER A 506 -33.94 -18.64 -12.84
N PHE A 507 -35.20 -18.98 -12.56
CA PHE A 507 -36.31 -18.04 -12.62
C PHE A 507 -37.38 -18.32 -11.55
N ARG A 508 -38.11 -17.28 -11.16
CA ARG A 508 -39.23 -17.43 -10.25
C ARG A 508 -40.48 -17.23 -11.05
N LEU A 509 -41.48 -18.04 -10.78
CA LEU A 509 -42.78 -17.90 -11.40
C LEU A 509 -43.69 -17.48 -10.27
N VAL A 510 -44.32 -16.33 -10.39
CA VAL A 510 -45.33 -15.95 -9.42
C VAL A 510 -46.62 -15.67 -10.13
N ALA A 511 -47.73 -16.04 -9.50
CA ALA A 511 -49.04 -16.02 -10.13
C ALA A 511 -50.10 -15.61 -9.10
N TYR A 512 -51.17 -15.01 -9.59
CA TYR A 512 -52.23 -14.50 -8.72
C TYR A 512 -53.58 -14.45 -9.44
N TYR A 513 -54.62 -14.87 -8.71
CA TYR A 513 -56.00 -14.61 -9.12
C TYR A 513 -56.62 -13.60 -8.17
N THR A 514 -57.65 -12.90 -8.66
CA THR A 514 -58.35 -11.92 -7.84
C THR A 514 -59.86 -11.93 -8.10
N LEU A 515 -60.62 -11.60 -7.06
CA LEU A 515 -62.08 -11.64 -7.10
C LEU A 515 -62.66 -10.76 -6.02
N ILE A 516 -63.96 -10.50 -6.11
CA ILE A 516 -64.69 -9.91 -5.00
C ILE A 516 -65.31 -11.07 -4.22
N GLY A 517 -65.24 -11.02 -2.91
CA GLY A 517 -65.68 -12.17 -2.14
C GLY A 517 -66.37 -11.95 -0.80
N ALA A 518 -65.64 -12.21 0.28
CA ALA A 518 -66.18 -12.21 1.64
C ALA A 518 -67.46 -11.44 1.69
N SER A 519 -67.37 -10.19 2.12
CA SER A 519 -68.49 -9.30 2.00
C SER A 519 -68.08 -8.23 0.98
N GLY A 520 -68.48 -8.44 -0.27
CA GLY A 520 -68.15 -7.52 -1.35
C GLY A 520 -66.76 -6.93 -1.20
N GLN A 521 -65.85 -7.74 -0.69
CA GLN A 521 -64.51 -7.31 -0.36
C GLN A 521 -63.56 -7.72 -1.50
N ARG A 522 -62.61 -6.85 -1.85
CA ARG A 522 -61.69 -7.19 -2.91
C ARG A 522 -60.60 -8.05 -2.31
N GLU A 523 -60.25 -9.13 -3.02
CA GLU A 523 -59.28 -10.08 -2.52
C GLU A 523 -58.24 -10.44 -3.58
N VAL A 524 -56.98 -10.22 -3.25
CA VAL A 524 -55.89 -10.66 -4.12
C VAL A 524 -55.28 -11.93 -3.50
N VAL A 525 -55.24 -13.00 -4.27
CA VAL A 525 -54.61 -14.22 -3.76
C VAL A 525 -53.49 -14.68 -4.68
N ALA A 526 -52.31 -14.91 -4.09
CA ALA A 526 -51.10 -15.15 -4.88
C ALA A 526 -50.16 -16.20 -4.33
N ASP A 527 -49.38 -16.79 -5.23
CA ASP A 527 -48.34 -17.73 -4.83
C ASP A 527 -47.15 -17.57 -5.76
N SER A 528 -46.04 -18.22 -5.40
CA SER A 528 -44.86 -18.15 -6.24
C SER A 528 -44.01 -19.37 -6.01
N VAL A 529 -43.02 -19.53 -6.87
CA VAL A 529 -42.14 -20.67 -6.83
C VAL A 529 -40.86 -20.42 -7.63
N TRP A 530 -39.74 -20.91 -7.11
CA TRP A 530 -38.43 -20.70 -7.74
C TRP A 530 -37.98 -21.98 -8.42
N VAL A 531 -37.55 -21.83 -9.67
CA VAL A 531 -37.18 -22.98 -10.49
C VAL A 531 -35.77 -22.88 -11.07
N ASP A 532 -34.94 -23.91 -10.88
CA ASP A 532 -33.54 -23.81 -11.29
C ASP A 532 -33.26 -24.41 -12.66
N VAL A 533 -32.83 -23.52 -13.56
CA VAL A 533 -32.28 -23.93 -14.83
C VAL A 533 -30.83 -24.37 -14.71
N LYS A 534 -30.54 -25.45 -15.43
CA LYS A 534 -29.20 -26.01 -15.57
C LYS A 534 -28.29 -24.94 -16.08
N ASP A 535 -27.35 -24.54 -15.23
CA ASP A 535 -26.43 -23.44 -15.54
C ASP A 535 -25.48 -23.84 -16.72
N SER A 536 -25.11 -22.85 -17.52
CA SER A 536 -24.36 -23.05 -18.78
C SER A 536 -24.26 -21.71 -19.49
N CYS A 537 -23.63 -21.68 -20.64
CA CYS A 537 -23.50 -20.41 -21.34
C CYS A 537 -24.77 -20.23 -22.11
N VAL A 538 -25.16 -18.97 -22.30
CA VAL A 538 -26.25 -18.65 -23.22
C VAL A 538 -25.84 -19.12 -24.60
N GLY A 539 -24.87 -18.41 -25.18
CA GLY A 539 -24.18 -18.85 -26.40
C GLY A 539 -23.36 -20.12 -26.18
N SER A 540 -22.21 -20.21 -26.86
CA SER A 540 -21.23 -21.27 -26.56
C SER A 540 -19.78 -20.83 -26.83
N LEU A 541 -18.82 -21.62 -26.35
CA LEU A 541 -17.39 -21.39 -26.64
C LEU A 541 -16.49 -22.60 -26.47
N VAL A 542 -16.11 -23.23 -27.58
CA VAL A 542 -15.21 -24.36 -27.52
C VAL A 542 -13.92 -23.92 -28.15
N VAL A 543 -12.81 -24.36 -27.56
CA VAL A 543 -11.51 -24.19 -28.21
C VAL A 543 -10.85 -25.56 -28.38
N LYS A 544 -10.87 -26.08 -29.60
CA LYS A 544 -10.34 -27.39 -29.89
C LYS A 544 -9.17 -27.23 -30.84
N SER A 545 -8.46 -28.33 -31.09
CA SER A 545 -7.41 -28.35 -32.10
C SER A 545 -7.99 -28.23 -33.48
N GLY A 546 -7.40 -27.35 -34.28
CA GLY A 546 -7.77 -27.24 -35.68
C GLY A 546 -6.69 -27.85 -36.54
N GLN A 547 -5.91 -28.73 -35.94
CA GLN A 547 -4.87 -29.46 -36.66
C GLN A 547 -5.36 -30.85 -36.89
N SER A 548 -6.46 -30.89 -37.63
CA SER A 548 -7.07 -32.13 -38.11
C SER A 548 -6.04 -33.28 -38.18
N GLU A 549 -6.12 -34.15 -37.17
CA GLU A 549 -5.37 -35.39 -37.11
C GLU A 549 -4.08 -35.25 -36.31
N ASP A 550 -3.23 -36.24 -36.50
CA ASP A 550 -1.81 -36.15 -36.26
C ASP A 550 -1.47 -36.32 -34.79
N ARG A 551 -0.18 -36.15 -34.55
CA ARG A 551 0.40 -36.33 -33.24
C ARG A 551 1.09 -35.06 -32.76
N GLN A 552 1.69 -35.20 -31.58
CA GLN A 552 2.12 -34.09 -30.76
C GLN A 552 2.83 -33.02 -31.57
N PRO A 553 2.65 -31.77 -31.15
CA PRO A 553 3.32 -30.61 -31.66
C PRO A 553 4.57 -30.43 -30.83
N VAL A 554 5.43 -29.52 -31.27
CA VAL A 554 6.79 -29.43 -30.78
C VAL A 554 7.20 -27.98 -30.58
N PRO A 555 8.09 -27.74 -29.61
CA PRO A 555 8.59 -26.40 -29.30
C PRO A 555 8.82 -25.56 -30.55
N GLY A 556 8.17 -24.41 -30.61
CA GLY A 556 8.47 -23.46 -31.66
C GLY A 556 7.57 -23.64 -32.86
N GLN A 557 6.97 -24.82 -32.96
CA GLN A 557 6.20 -25.17 -34.15
C GLN A 557 4.95 -24.34 -34.30
N GLN A 558 4.45 -24.16 -35.54
CA GLN A 558 3.14 -23.54 -35.72
C GLN A 558 2.06 -24.52 -35.34
N MET A 559 1.01 -24.00 -34.73
CA MET A 559 -0.08 -24.83 -34.29
C MET A 559 -1.38 -24.16 -34.68
N THR A 560 -2.36 -24.95 -35.13
CA THR A 560 -3.65 -24.41 -35.48
C THR A 560 -4.79 -24.69 -34.48
N LEU A 561 -5.52 -23.63 -34.16
CA LEU A 561 -6.54 -23.63 -33.13
C LEU A 561 -7.89 -23.48 -33.80
N LYS A 562 -8.89 -24.20 -33.29
CA LYS A 562 -10.26 -24.02 -33.77
C LYS A 562 -11.07 -23.33 -32.68
N ILE A 563 -11.76 -22.26 -33.03
CA ILE A 563 -12.63 -21.58 -32.10
C ILE A 563 -14.06 -21.70 -32.59
N GLU A 564 -14.91 -22.28 -31.76
CA GLU A 564 -16.32 -22.37 -32.07
C GLU A 564 -17.15 -21.62 -31.03
N GLY A 565 -17.90 -20.63 -31.49
CA GLY A 565 -18.66 -19.76 -30.62
C GLY A 565 -19.69 -18.93 -31.37
N ASP A 566 -20.19 -17.90 -30.73
CA ASP A 566 -21.29 -17.11 -31.28
C ASP A 566 -20.86 -16.11 -32.36
N HIS A 567 -21.72 -15.92 -33.36
CA HIS A 567 -21.43 -15.07 -34.49
C HIS A 567 -21.13 -13.67 -33.97
N GLY A 568 -20.12 -13.04 -34.56
CA GLY A 568 -19.86 -11.62 -34.32
C GLY A 568 -19.55 -11.33 -32.86
N ALA A 569 -18.94 -12.32 -32.23
CA ALA A 569 -18.61 -12.22 -30.82
C ALA A 569 -17.14 -12.00 -30.79
N ARG A 570 -16.68 -11.12 -29.91
CA ARG A 570 -15.24 -10.95 -29.74
C ARG A 570 -14.70 -11.95 -28.70
N VAL A 571 -13.61 -12.60 -29.06
CA VAL A 571 -13.08 -13.69 -28.27
C VAL A 571 -11.73 -13.27 -27.77
N VAL A 572 -11.45 -13.47 -26.49
CA VAL A 572 -10.15 -13.10 -25.96
C VAL A 572 -9.45 -14.30 -25.33
N LEU A 573 -8.23 -14.55 -25.78
CA LEU A 573 -7.53 -15.75 -25.37
C LEU A 573 -6.49 -15.43 -24.34
N VAL A 574 -5.72 -16.47 -24.03
CA VAL A 574 -4.59 -16.40 -23.12
C VAL A 574 -4.15 -17.84 -22.90
N ALA A 575 -2.85 -18.04 -22.72
CA ALA A 575 -2.30 -19.38 -22.55
C ALA A 575 -1.36 -19.44 -21.35
N VAL A 576 -1.54 -20.45 -20.52
CA VAL A 576 -0.75 -20.47 -19.31
C VAL A 576 -0.04 -21.80 -19.11
N ASP A 577 1.21 -21.70 -18.69
CA ASP A 577 2.01 -22.86 -18.40
C ASP A 577 1.33 -23.55 -17.24
N LYS A 578 1.04 -24.83 -17.38
CA LYS A 578 0.29 -25.52 -16.34
C LYS A 578 1.09 -25.60 -15.06
N GLY A 579 2.35 -25.20 -15.13
CA GLY A 579 3.18 -25.19 -13.96
C GLY A 579 2.80 -24.02 -13.08
N VAL A 580 2.25 -22.98 -13.69
CA VAL A 580 1.79 -21.83 -12.91
C VAL A 580 0.75 -22.27 -11.89
N PHE A 581 -0.07 -23.24 -12.26
CA PHE A 581 -1.19 -23.69 -11.44
C PHE A 581 -0.80 -24.62 -10.30
N VAL A 582 0.40 -25.18 -10.38
CA VAL A 582 0.97 -25.95 -9.28
C VAL A 582 1.24 -25.03 -8.09
N LEU A 583 1.51 -23.77 -8.43
CA LEU A 583 1.95 -22.76 -7.49
C LEU A 583 0.77 -21.98 -6.93
N ASN A 584 -0.25 -21.79 -7.74
CA ASN A 584 -1.47 -21.13 -7.31
C ASN A 584 -2.59 -21.49 -8.28
N LYS A 585 -3.66 -22.09 -7.77
CA LYS A 585 -4.81 -22.38 -8.64
C LYS A 585 -6.03 -21.56 -8.25
N LYS A 586 -5.82 -20.67 -7.30
CA LYS A 586 -6.88 -19.80 -6.82
C LYS A 586 -7.37 -18.75 -7.87
N ASN A 587 -8.56 -18.19 -7.65
CA ASN A 587 -8.97 -16.95 -8.28
C ASN A 587 -9.10 -17.01 -9.79
N LYS A 588 -9.41 -18.20 -10.32
CA LYS A 588 -9.59 -18.39 -11.76
C LYS A 588 -10.98 -17.99 -12.26
N LEU A 589 -11.09 -17.49 -13.50
CA LEU A 589 -12.39 -17.11 -14.06
C LEU A 589 -13.15 -18.28 -14.74
N THR A 590 -14.46 -18.31 -14.53
CA THR A 590 -15.27 -19.49 -14.72
C THR A 590 -16.70 -19.06 -15.01
N GLN A 591 -17.35 -19.65 -16.01
CA GLN A 591 -18.73 -19.28 -16.26
C GLN A 591 -19.52 -19.42 -14.97
N SER A 592 -19.21 -20.47 -14.21
CA SER A 592 -19.88 -20.71 -12.94
C SER A 592 -19.71 -19.52 -12.00
N LYS A 593 -18.49 -19.10 -11.75
CA LYS A 593 -18.30 -17.98 -10.84
C LYS A 593 -19.18 -16.81 -11.26
N ILE A 594 -19.46 -16.70 -12.56
CA ILE A 594 -20.29 -15.63 -13.09
C ILE A 594 -21.74 -15.80 -12.66
N TRP A 595 -22.40 -16.85 -13.14
CA TRP A 595 -23.78 -17.16 -12.72
C TRP A 595 -23.99 -17.08 -11.20
N ASP A 596 -23.00 -17.51 -10.43
CA ASP A 596 -23.08 -17.37 -9.00
C ASP A 596 -23.18 -15.91 -8.60
N VAL A 597 -22.33 -15.05 -9.15
CA VAL A 597 -22.49 -13.60 -8.96
C VAL A 597 -23.90 -13.14 -9.26
N VAL A 598 -24.42 -13.65 -10.38
CA VAL A 598 -25.70 -13.27 -10.94
C VAL A 598 -26.90 -13.67 -10.09
N GLU A 599 -26.82 -14.84 -9.48
CA GLU A 599 -27.81 -15.31 -8.54
C GLU A 599 -27.75 -14.51 -7.22
N LYS A 600 -26.53 -14.20 -6.75
CA LYS A 600 -26.33 -13.40 -5.54
C LYS A 600 -26.73 -11.94 -5.73
N ALA A 601 -27.33 -11.64 -6.87
CA ALA A 601 -27.77 -10.29 -7.20
C ALA A 601 -29.27 -10.26 -7.43
N ASP A 602 -29.89 -11.40 -7.11
CA ASP A 602 -31.31 -11.54 -7.21
C ASP A 602 -31.94 -10.49 -6.31
N ILE A 603 -33.00 -9.86 -6.81
CA ILE A 603 -33.83 -8.99 -5.99
C ILE A 603 -34.90 -9.84 -5.30
N GLY A 604 -34.89 -11.12 -5.61
CA GLY A 604 -35.76 -12.07 -4.96
C GLY A 604 -35.12 -12.70 -3.75
N CYS A 605 -35.88 -12.84 -2.66
CA CYS A 605 -35.28 -13.31 -1.42
C CYS A 605 -35.78 -14.67 -0.86
N THR A 606 -37.07 -14.94 -0.98
CA THR A 606 -37.63 -16.22 -0.55
C THR A 606 -37.68 -17.20 -1.71
N PRO A 607 -37.36 -18.48 -1.43
CA PRO A 607 -37.57 -19.64 -2.32
C PRO A 607 -39.03 -19.80 -2.79
N GLY A 608 -39.89 -18.84 -2.44
CA GLY A 608 -41.30 -18.90 -2.80
C GLY A 608 -42.30 -18.67 -1.70
N SER A 609 -43.47 -18.15 -2.09
CA SER A 609 -44.55 -17.85 -1.18
C SER A 609 -44.17 -16.76 -0.17
N GLY A 610 -45.14 -16.37 0.64
CA GLY A 610 -44.90 -15.33 1.63
C GLY A 610 -45.91 -15.44 2.75
N LYS A 611 -45.96 -14.39 3.58
CA LYS A 611 -46.88 -14.38 4.72
C LYS A 611 -48.34 -14.12 4.27
N ASP A 612 -48.52 -13.27 3.27
CA ASP A 612 -49.84 -12.98 2.68
C ASP A 612 -49.65 -12.64 1.20
N TYR A 613 -50.71 -12.29 0.48
CA TYR A 613 -50.53 -12.04 -0.96
C TYR A 613 -49.41 -11.04 -1.16
N ALA A 614 -49.34 -10.06 -0.28
CA ALA A 614 -48.41 -8.93 -0.44
C ALA A 614 -46.97 -9.38 -0.29
N GLY A 615 -46.81 -10.49 0.42
CA GLY A 615 -45.50 -11.03 0.69
C GLY A 615 -45.04 -11.78 -0.52
N VAL A 616 -45.85 -12.74 -0.94
CA VAL A 616 -45.58 -13.56 -2.12
C VAL A 616 -44.91 -12.73 -3.21
N PHE A 617 -45.41 -11.51 -3.41
CA PHE A 617 -44.88 -10.57 -4.39
C PHE A 617 -43.49 -10.01 -4.03
N SER A 618 -43.41 -9.25 -2.94
CA SER A 618 -42.15 -8.67 -2.49
C SER A 618 -41.01 -9.72 -2.41
N ASP A 619 -41.27 -10.84 -1.77
CA ASP A 619 -40.26 -11.87 -1.61
C ASP A 619 -39.71 -12.35 -2.96
N ALA A 620 -40.60 -12.53 -3.94
CA ALA A 620 -40.20 -12.87 -5.30
C ALA A 620 -39.58 -11.68 -6.09
N GLY A 621 -39.70 -10.48 -5.56
CA GLY A 621 -39.02 -9.34 -6.14
C GLY A 621 -39.96 -8.37 -6.83
N LEU A 622 -41.25 -8.62 -6.77
CA LEU A 622 -42.20 -7.77 -7.43
C LEU A 622 -42.93 -6.79 -6.49
N THR A 623 -43.60 -5.81 -7.08
CA THR A 623 -44.45 -4.90 -6.34
C THR A 623 -45.79 -5.06 -6.97
N PHE A 624 -46.83 -4.93 -6.17
CA PHE A 624 -48.19 -5.00 -6.67
C PHE A 624 -48.98 -3.82 -6.13
N THR A 625 -49.80 -3.19 -6.98
CA THR A 625 -50.64 -2.05 -6.61
C THR A 625 -51.96 -2.03 -7.40
N SER A 626 -53.06 -1.75 -6.70
CA SER A 626 -54.39 -1.77 -7.31
C SER A 626 -55.19 -0.52 -6.99
N SER A 627 -56.20 -0.24 -7.82
CA SER A 627 -57.10 0.90 -7.65
C SER A 627 -57.86 0.79 -6.34
N SER A 628 -57.95 -0.43 -5.82
CA SER A 628 -58.67 -0.73 -4.58
C SER A 628 -57.81 -0.51 -3.35
N GLY A 629 -56.50 -0.52 -3.51
CA GLY A 629 -55.61 -0.29 -2.38
C GLY A 629 -54.80 -1.51 -1.93
N GLN A 630 -55.08 -2.67 -2.52
CA GLN A 630 -54.27 -3.83 -2.23
C GLN A 630 -52.91 -3.61 -2.87
N GLN A 631 -51.84 -3.98 -2.16
CA GLN A 631 -50.49 -3.74 -2.65
C GLN A 631 -49.41 -4.26 -1.73
N THR A 632 -48.31 -4.33 -2.23
CA THR A 632 -47.15 -4.81 -1.50
C THR A 632 -46.70 -3.74 -0.54
N ALA A 633 -45.99 -4.12 0.50
CA ALA A 633 -45.32 -3.13 1.33
C ALA A 633 -44.34 -2.40 0.45
N GLN A 634 -43.82 -1.28 0.93
CA GLN A 634 -42.82 -0.55 0.15
C GLN A 634 -41.41 -1.00 0.50
N ARG A 635 -40.68 -1.42 -0.53
CA ARG A 635 -39.29 -1.88 -0.42
C ARG A 635 -38.38 -0.68 -0.50
N ALA A 636 -37.63 -0.44 0.58
CA ALA A 636 -36.69 0.67 0.66
C ALA A 636 -35.27 0.17 0.92
N GLU A 637 -35.10 -1.13 1.08
CA GLU A 637 -33.78 -1.69 1.34
C GLU A 637 -33.14 -2.21 0.07
N LEU A 638 -31.85 -1.92 -0.13
CA LEU A 638 -31.23 -2.20 -1.42
C LEU A 638 -30.92 -3.67 -1.65
N GLN A 639 -30.75 -4.42 -0.56
CA GLN A 639 -30.44 -5.85 -0.60
C GLN A 639 -31.54 -6.63 0.06
N CYS A 640 -31.42 -7.95 0.05
CA CYS A 640 -32.32 -8.79 0.82
C CYS A 640 -31.98 -8.69 2.31
N PRO A 641 -32.95 -9.02 3.18
CA PRO A 641 -32.72 -8.89 4.63
C PRO A 641 -31.89 -10.03 5.19
N GLN A 642 -31.07 -9.73 6.20
CA GLN A 642 -30.41 -10.76 7.02
C GLN A 642 -29.23 -10.15 7.79
N ASP B 4 33.25 -33.92 -33.35
CA ASP B 4 33.26 -35.39 -33.31
C ASP B 4 32.63 -36.08 -34.54
N GLU B 5 32.59 -37.41 -34.47
CA GLU B 5 32.20 -38.23 -35.60
C GLU B 5 30.69 -38.54 -35.58
N ASP B 6 29.92 -37.85 -36.43
CA ASP B 6 28.52 -38.25 -36.70
C ASP B 6 27.45 -37.63 -35.77
N ILE B 7 27.76 -36.48 -35.18
CA ILE B 7 26.82 -35.80 -34.30
C ILE B 7 26.45 -34.43 -34.87
N ILE B 8 25.63 -33.67 -34.16
CA ILE B 8 25.36 -32.32 -34.64
C ILE B 8 26.34 -31.31 -34.07
N ALA B 9 26.89 -30.50 -34.96
CA ALA B 9 27.85 -29.49 -34.57
C ALA B 9 27.23 -28.41 -33.68
N GLU B 10 27.89 -28.13 -32.55
CA GLU B 10 27.41 -27.15 -31.56
C GLU B 10 26.93 -25.85 -32.21
N GLU B 11 27.71 -25.35 -33.16
CA GLU B 11 27.43 -24.07 -33.81
C GLU B 11 26.10 -24.11 -34.56
N ASN B 12 25.63 -25.32 -34.86
CA ASN B 12 24.41 -25.44 -35.64
C ASN B 12 23.16 -25.51 -34.78
N ILE B 13 23.36 -25.77 -33.50
CA ILE B 13 22.23 -25.89 -32.60
C ILE B 13 21.75 -24.50 -32.14
N VAL B 14 20.56 -24.13 -32.59
CA VAL B 14 19.90 -22.91 -32.13
C VAL B 14 19.10 -23.26 -30.89
N SER B 15 19.47 -22.66 -29.75
CA SER B 15 18.83 -23.01 -28.50
C SER B 15 17.39 -22.55 -28.44
N ARG B 16 16.63 -23.14 -27.53
CA ARG B 16 15.29 -22.70 -27.21
C ARG B 16 15.41 -21.56 -26.22
N SER B 17 14.52 -20.59 -26.31
CA SER B 17 14.73 -19.37 -25.54
C SER B 17 13.46 -18.75 -25.02
N GLU B 18 12.33 -19.07 -25.64
CA GLU B 18 11.11 -18.35 -25.33
C GLU B 18 10.21 -19.13 -24.38
N PHE B 19 10.37 -18.88 -23.08
CA PHE B 19 9.63 -19.62 -22.08
C PHE B 19 8.71 -18.76 -21.25
N PRO B 20 7.74 -18.09 -21.88
CA PRO B 20 6.69 -17.36 -21.15
C PRO B 20 5.90 -18.22 -20.16
N GLU B 21 5.39 -17.60 -19.11
CA GLU B 21 4.45 -18.27 -18.22
C GLU B 21 3.07 -18.08 -18.81
N SER B 22 2.91 -17.04 -19.62
CA SER B 22 1.63 -16.79 -20.28
C SER B 22 1.82 -16.13 -21.64
N TRP B 23 0.81 -16.23 -22.49
CA TRP B 23 0.88 -15.68 -23.84
C TRP B 23 -0.39 -15.97 -24.61
N LEU B 24 -0.36 -15.62 -25.88
CA LEU B 24 -1.54 -15.73 -26.72
C LEU B 24 -2.58 -14.81 -26.17
N TRP B 25 -2.13 -13.70 -25.62
CA TRP B 25 -3.03 -12.71 -25.05
C TRP B 25 -3.70 -11.94 -26.19
N ASN B 26 -4.35 -12.68 -27.07
CA ASN B 26 -4.89 -12.12 -28.30
C ASN B 26 -6.38 -11.81 -28.27
N VAL B 27 -6.86 -11.18 -29.33
CA VAL B 27 -8.27 -10.83 -29.47
C VAL B 27 -8.78 -11.12 -30.88
N GLU B 28 -9.80 -11.98 -30.96
CA GLU B 28 -10.41 -12.37 -32.23
C GLU B 28 -11.89 -12.03 -32.19
N ASP B 29 -12.39 -11.31 -33.19
CA ASP B 29 -13.82 -11.20 -33.38
C ASP B 29 -14.24 -12.41 -34.22
N LEU B 30 -15.50 -12.81 -34.08
CA LEU B 30 -16.02 -13.96 -34.83
C LEU B 30 -16.93 -13.56 -35.99
N LYS B 31 -16.52 -12.56 -36.78
CA LYS B 31 -17.35 -12.10 -37.90
C LYS B 31 -17.54 -13.20 -38.93
N GLU B 32 -16.73 -14.25 -38.78
CA GLU B 32 -16.75 -15.41 -39.68
C GLU B 32 -18.16 -15.78 -40.07
N PRO B 33 -18.47 -15.69 -41.37
CA PRO B 33 -19.80 -16.00 -41.89
C PRO B 33 -20.45 -17.15 -41.11
N PRO B 34 -21.44 -16.82 -40.25
CA PRO B 34 -21.97 -17.71 -39.21
C PRO B 34 -22.56 -18.93 -39.85
N LYS B 35 -23.04 -19.86 -39.04
CA LYS B 35 -23.55 -21.12 -39.55
C LYS B 35 -24.29 -21.82 -38.43
N ASN B 36 -25.51 -21.35 -38.17
CA ASN B 36 -26.36 -21.85 -37.10
C ASN B 36 -26.09 -21.11 -35.81
N GLY B 37 -26.07 -19.77 -35.91
CA GLY B 37 -25.72 -18.92 -34.79
C GLY B 37 -24.34 -19.28 -34.26
N ILE B 38 -23.68 -20.18 -34.96
CA ILE B 38 -22.36 -20.66 -34.57
C ILE B 38 -21.30 -20.27 -35.58
N SER B 39 -20.40 -19.39 -35.16
CA SER B 39 -19.33 -18.92 -35.99
C SER B 39 -18.10 -19.71 -35.59
N THR B 40 -17.21 -19.95 -36.55
CA THR B 40 -16.03 -20.77 -36.30
C THR B 40 -14.83 -20.06 -36.92
N LYS B 41 -13.89 -19.61 -36.09
CA LYS B 41 -12.62 -19.10 -36.63
C LYS B 41 -11.55 -20.18 -36.54
N LEU B 42 -10.60 -20.14 -37.46
CA LEU B 42 -9.40 -20.93 -37.29
C LEU B 42 -8.29 -19.95 -36.98
N MET B 43 -7.29 -20.37 -36.24
CA MET B 43 -6.28 -19.43 -35.79
C MET B 43 -4.96 -20.09 -35.80
N ASN B 44 -4.01 -19.36 -36.34
CA ASN B 44 -2.69 -19.91 -36.56
C ASN B 44 -1.73 -19.32 -35.53
N ILE B 45 -1.27 -20.13 -34.60
CA ILE B 45 -0.36 -19.62 -33.60
C ILE B 45 0.95 -20.39 -33.65
N PHE B 46 2.01 -19.73 -33.20
CA PHE B 46 3.30 -20.39 -33.16
C PHE B 46 3.71 -20.67 -31.74
N LEU B 47 3.80 -21.95 -31.42
CA LEU B 47 4.01 -22.38 -30.05
C LEU B 47 5.33 -21.90 -29.48
N LYS B 48 5.29 -21.54 -28.21
CA LYS B 48 6.47 -21.16 -27.45
C LYS B 48 7.26 -22.41 -27.01
N ASP B 49 8.58 -22.27 -26.97
CA ASP B 49 9.48 -23.41 -26.92
C ASP B 49 9.42 -24.19 -25.62
N SER B 50 8.60 -23.75 -24.68
CA SER B 50 8.45 -24.51 -23.44
C SER B 50 7.91 -25.90 -23.75
N ILE B 51 8.41 -26.90 -23.03
CA ILE B 51 7.91 -28.27 -23.13
C ILE B 51 7.01 -28.60 -21.95
N THR B 52 5.73 -28.26 -22.07
CA THR B 52 4.81 -28.36 -20.96
C THR B 52 3.40 -28.50 -21.50
N THR B 53 2.41 -28.12 -20.72
CA THR B 53 1.05 -28.16 -21.23
C THR B 53 0.39 -26.83 -21.09
N TRP B 54 0.16 -26.20 -22.23
CA TRP B 54 -0.47 -24.91 -22.20
C TRP B 54 -1.95 -25.09 -21.92
N GLU B 55 -2.48 -24.30 -20.99
CA GLU B 55 -3.92 -24.27 -20.77
C GLU B 55 -4.49 -23.02 -21.38
N ILE B 56 -5.28 -23.18 -22.43
CA ILE B 56 -5.81 -22.04 -23.17
C ILE B 56 -7.21 -21.64 -22.71
N LEU B 57 -7.41 -20.37 -22.35
CA LEU B 57 -8.74 -19.92 -21.90
C LEU B 57 -9.40 -18.84 -22.78
N ALA B 58 -10.59 -19.13 -23.29
CA ALA B 58 -11.28 -18.21 -24.17
C ALA B 58 -12.49 -17.58 -23.47
N VAL B 59 -12.71 -16.30 -23.71
CA VAL B 59 -13.85 -15.64 -23.11
C VAL B 59 -14.51 -14.81 -24.20
N SER B 60 -15.81 -14.97 -24.40
CA SER B 60 -16.47 -14.30 -25.51
C SER B 60 -17.38 -13.20 -25.02
N MET B 61 -17.64 -12.23 -25.89
CA MET B 61 -18.52 -11.12 -25.54
C MET B 61 -19.39 -10.70 -26.72
N SER B 62 -20.67 -11.10 -26.70
CA SER B 62 -21.64 -10.73 -27.72
C SER B 62 -22.74 -9.88 -27.11
N ASP B 63 -22.99 -8.70 -27.67
CA ASP B 63 -24.08 -7.85 -27.20
C ASP B 63 -25.45 -8.50 -27.34
N LYS B 64 -25.49 -9.67 -27.97
CA LYS B 64 -26.72 -10.43 -28.05
C LYS B 64 -26.76 -11.58 -27.04
N LYS B 65 -25.63 -12.23 -26.82
CA LYS B 65 -25.64 -13.41 -25.95
C LYS B 65 -25.00 -13.21 -24.56
N GLY B 66 -24.30 -12.10 -24.38
CA GLY B 66 -23.67 -11.83 -23.12
C GLY B 66 -22.26 -12.40 -23.02
N ILE B 67 -21.82 -12.62 -21.80
CA ILE B 67 -20.46 -13.05 -21.55
C ILE B 67 -20.45 -14.57 -21.39
N CYS B 68 -19.43 -15.21 -21.95
CA CYS B 68 -19.26 -16.65 -21.85
C CYS B 68 -17.82 -17.09 -21.68
N VAL B 69 -17.53 -17.75 -20.58
CA VAL B 69 -16.18 -18.24 -20.31
C VAL B 69 -16.10 -19.70 -20.71
N ALA B 70 -15.16 -20.05 -21.58
CA ALA B 70 -15.06 -21.44 -22.05
C ALA B 70 -14.44 -22.38 -21.02
N ASP B 71 -14.54 -23.67 -21.29
CA ASP B 71 -13.78 -24.64 -20.52
C ASP B 71 -12.40 -24.54 -21.11
N PRO B 72 -11.38 -24.72 -20.28
CA PRO B 72 -9.99 -24.65 -20.74
C PRO B 72 -9.77 -25.59 -21.88
N PHE B 73 -8.77 -25.30 -22.69
CA PHE B 73 -8.30 -26.22 -23.72
C PHE B 73 -6.82 -26.46 -23.55
N GLU B 74 -6.49 -27.71 -23.25
CA GLU B 74 -5.11 -28.07 -22.97
C GLU B 74 -4.36 -28.47 -24.24
N VAL B 75 -3.09 -28.12 -24.27
CA VAL B 75 -2.25 -28.44 -25.39
C VAL B 75 -0.92 -28.91 -24.84
N THR B 76 -0.48 -30.10 -25.20
CA THR B 76 0.78 -30.57 -24.65
C THR B 76 1.82 -30.57 -25.72
N VAL B 77 2.97 -30.02 -25.38
CA VAL B 77 4.03 -29.74 -26.32
C VAL B 77 5.27 -30.53 -25.91
N MET B 78 5.66 -31.53 -26.71
CA MET B 78 6.74 -32.42 -26.30
C MET B 78 7.73 -32.89 -27.36
N GLN B 79 8.82 -33.49 -26.89
CA GLN B 79 9.88 -34.01 -27.74
C GLN B 79 10.42 -35.31 -27.13
N ASP B 80 10.74 -36.30 -27.96
CA ASP B 80 11.35 -37.54 -27.47
C ASP B 80 12.57 -37.23 -26.62
N PHE B 81 13.32 -36.22 -27.03
CA PHE B 81 14.57 -35.82 -26.37
C PHE B 81 14.69 -34.31 -26.19
N PHE B 82 15.13 -33.88 -25.01
CA PHE B 82 15.17 -32.45 -24.66
C PHE B 82 15.83 -32.18 -23.29
N ILE B 83 16.27 -30.92 -23.10
CA ILE B 83 16.94 -30.47 -21.89
C ILE B 83 15.98 -29.71 -21.00
N ASP B 84 16.03 -29.99 -19.70
CA ASP B 84 15.37 -29.10 -18.73
C ASP B 84 16.44 -28.38 -17.89
N LEU B 85 16.63 -27.10 -18.17
CA LEU B 85 17.67 -26.37 -17.49
C LEU B 85 17.11 -25.68 -16.26
N ARG B 86 17.18 -26.37 -15.13
CA ARG B 86 16.58 -25.89 -13.89
C ARG B 86 17.45 -24.89 -13.12
N LEU B 87 17.24 -23.61 -13.43
CA LEU B 87 17.90 -22.50 -12.75
C LEU B 87 17.07 -22.06 -11.56
N PRO B 88 17.70 -21.37 -10.60
CA PRO B 88 16.89 -20.77 -9.53
C PRO B 88 16.43 -19.38 -9.95
N TYR B 89 15.54 -18.79 -9.16
CA TYR B 89 15.03 -17.44 -9.45
C TYR B 89 16.16 -16.44 -9.52
N SER B 90 17.03 -16.49 -8.52
CA SER B 90 18.12 -15.54 -8.41
C SER B 90 19.36 -16.15 -7.74
N VAL B 91 20.48 -15.48 -7.99
CA VAL B 91 21.76 -15.87 -7.41
C VAL B 91 22.45 -14.62 -6.92
N VAL B 92 23.47 -14.85 -6.09
CA VAL B 92 24.19 -13.76 -5.48
C VAL B 92 25.54 -13.61 -6.14
N ARG B 93 25.78 -12.45 -6.73
CA ARG B 93 27.06 -12.15 -7.37
C ARG B 93 28.24 -12.63 -6.53
N ASN B 94 29.10 -13.41 -7.16
CA ASN B 94 30.32 -13.96 -6.56
C ASN B 94 30.14 -15.22 -5.70
N GLU B 95 28.89 -15.64 -5.50
CA GLU B 95 28.61 -16.91 -4.82
C GLU B 95 28.59 -18.07 -5.81
N GLN B 96 29.37 -19.10 -5.53
CA GLN B 96 29.35 -20.31 -6.35
C GLN B 96 28.09 -21.13 -6.07
N VAL B 97 27.38 -21.50 -7.13
CA VAL B 97 26.15 -22.26 -6.98
C VAL B 97 26.15 -23.38 -7.99
N GLU B 98 25.43 -24.44 -7.71
CA GLU B 98 25.27 -25.49 -8.72
C GLU B 98 23.89 -25.43 -9.41
N ILE B 99 23.86 -25.72 -10.70
CA ILE B 99 22.60 -25.84 -11.40
C ILE B 99 22.51 -27.24 -12.01
N ARG B 100 21.30 -27.69 -12.30
CA ARG B 100 21.14 -29.02 -12.85
C ARG B 100 20.59 -28.87 -14.25
N ALA B 101 21.21 -29.57 -15.20
CA ALA B 101 20.64 -29.68 -16.53
C ALA B 101 20.05 -31.10 -16.68
N VAL B 102 18.74 -31.23 -16.65
CA VAL B 102 18.16 -32.56 -16.65
C VAL B 102 17.90 -33.00 -18.07
N LEU B 103 18.42 -34.16 -18.43
CA LEU B 103 18.25 -34.68 -19.77
C LEU B 103 17.19 -35.79 -19.80
N TYR B 104 16.17 -35.62 -20.65
CA TYR B 104 15.11 -36.62 -20.78
C TYR B 104 15.16 -37.38 -22.11
N ASN B 105 15.17 -38.71 -22.04
CA ASN B 105 15.09 -39.57 -23.21
C ASN B 105 13.79 -40.33 -23.19
N TYR B 106 12.89 -40.02 -24.13
CA TYR B 106 11.56 -40.61 -24.06
C TYR B 106 11.25 -41.65 -25.13
N ARG B 107 12.27 -42.07 -25.88
CA ARG B 107 12.05 -43.15 -26.83
C ARG B 107 11.79 -44.50 -26.13
N GLN B 108 10.93 -45.31 -26.75
CA GLN B 108 10.30 -46.43 -26.06
C GLN B 108 11.30 -47.50 -25.64
N ASN B 109 12.38 -47.62 -26.40
CA ASN B 109 13.34 -48.71 -26.19
C ASN B 109 14.52 -48.52 -27.13
N GLN B 110 15.44 -47.66 -26.73
CA GLN B 110 16.37 -47.09 -27.68
C GLN B 110 17.21 -46.05 -26.98
N GLU B 111 18.27 -46.48 -26.30
CA GLU B 111 19.08 -45.58 -25.48
C GLU B 111 19.76 -44.52 -26.33
N LEU B 112 20.36 -43.53 -25.67
CA LEU B 112 20.96 -42.41 -26.38
C LEU B 112 22.37 -42.04 -25.92
N LYS B 113 23.29 -41.96 -26.88
CA LYS B 113 24.63 -41.48 -26.59
C LYS B 113 24.64 -39.98 -26.91
N VAL B 114 24.77 -39.18 -25.86
CA VAL B 114 24.55 -37.75 -25.94
C VAL B 114 25.74 -36.97 -25.38
N ARG B 115 26.11 -35.90 -26.08
CA ARG B 115 27.12 -34.98 -25.60
C ARG B 115 26.49 -33.67 -25.16
N VAL B 116 26.70 -33.32 -23.90
CA VAL B 116 26.10 -32.13 -23.34
C VAL B 116 27.17 -31.12 -22.96
N GLU B 117 26.91 -29.86 -23.27
CA GLU B 117 27.89 -28.83 -23.09
C GLU B 117 27.29 -27.61 -22.43
N LEU B 118 27.99 -27.09 -21.41
CA LEU B 118 27.67 -25.81 -20.81
C LEU B 118 28.44 -24.73 -21.54
N LEU B 119 27.72 -23.85 -22.21
CA LEU B 119 28.35 -22.85 -23.04
C LEU B 119 29.12 -21.84 -22.23
N HIS B 120 30.04 -21.12 -22.88
CA HIS B 120 30.79 -20.10 -22.17
C HIS B 120 30.08 -18.74 -22.04
N ASN B 121 30.04 -18.22 -20.81
CA ASN B 121 29.73 -16.82 -20.59
C ASN B 121 30.82 -16.15 -19.76
N PRO B 122 31.27 -14.98 -20.24
CA PRO B 122 32.18 -14.10 -19.52
C PRO B 122 31.49 -13.46 -18.31
N ALA B 123 30.18 -13.65 -18.22
CA ALA B 123 29.40 -13.13 -17.10
C ALA B 123 29.38 -14.17 -16.00
N PHE B 124 29.99 -15.31 -16.27
CA PHE B 124 30.00 -16.41 -15.33
C PHE B 124 31.39 -17.00 -15.31
N CYS B 125 31.71 -17.75 -14.25
CA CYS B 125 32.96 -18.50 -14.19
C CYS B 125 32.68 -20.00 -14.12
N SER B 126 33.01 -20.73 -15.18
CA SER B 126 32.77 -22.15 -15.22
C SER B 126 33.98 -22.80 -15.84
N LEU B 127 33.98 -24.12 -15.90
CA LEU B 127 35.04 -24.84 -16.57
C LEU B 127 35.02 -24.58 -18.06
N ALA B 128 34.10 -23.73 -18.51
CA ALA B 128 34.11 -23.34 -19.90
C ALA B 128 34.87 -22.03 -19.99
N THR B 129 35.93 -22.02 -20.79
CA THR B 129 36.67 -20.79 -21.06
C THR B 129 36.56 -20.50 -22.54
N THR B 130 37.04 -19.33 -22.95
CA THR B 130 36.87 -18.87 -24.34
C THR B 130 37.52 -19.78 -25.39
N LYS B 131 38.37 -20.70 -24.93
CA LYS B 131 39.07 -21.58 -25.85
C LYS B 131 38.76 -23.07 -25.61
N ARG B 132 38.46 -23.43 -24.37
CA ARG B 132 38.18 -24.83 -24.06
C ARG B 132 36.72 -25.04 -23.74
N ARG B 133 36.16 -26.14 -24.25
CA ARG B 133 34.75 -26.46 -24.06
C ARG B 133 34.50 -27.27 -22.80
N HIS B 134 33.24 -27.34 -22.41
CA HIS B 134 32.86 -28.14 -21.27
C HIS B 134 31.78 -29.16 -21.65
N GLN B 135 32.21 -30.25 -22.26
CA GLN B 135 31.33 -31.33 -22.73
C GLN B 135 31.63 -32.65 -22.04
N GLN B 136 30.60 -33.27 -21.47
CA GLN B 136 30.70 -34.65 -21.04
C GLN B 136 30.06 -35.38 -22.19
N THR B 137 30.24 -36.69 -22.27
CA THR B 137 29.44 -37.51 -23.18
C THR B 137 28.72 -38.60 -22.38
N VAL B 138 27.40 -38.51 -22.27
CA VAL B 138 26.66 -39.48 -21.48
C VAL B 138 25.74 -40.39 -22.28
N THR B 139 25.48 -41.58 -21.74
CA THR B 139 24.53 -42.49 -22.34
C THR B 139 23.30 -42.59 -21.45
N ILE B 140 22.13 -42.44 -22.05
CA ILE B 140 20.88 -42.39 -21.32
C ILE B 140 19.95 -43.51 -21.77
N PRO B 141 19.53 -44.34 -20.82
CA PRO B 141 18.54 -45.42 -21.03
C PRO B 141 17.26 -44.87 -21.65
N PRO B 142 16.42 -45.73 -22.24
CA PRO B 142 15.15 -45.24 -22.77
C PRO B 142 14.24 -44.84 -21.61
N LYS B 143 13.12 -44.18 -21.90
CA LYS B 143 12.21 -43.67 -20.86
C LYS B 143 12.89 -43.52 -19.50
N SER B 144 13.86 -42.60 -19.45
CA SER B 144 14.63 -42.30 -18.25
C SER B 144 15.40 -40.97 -18.37
N SER B 145 15.68 -40.34 -17.23
CA SER B 145 16.28 -39.00 -17.24
C SER B 145 17.66 -38.93 -16.61
N LEU B 146 18.40 -37.89 -16.96
CA LEU B 146 19.77 -37.75 -16.49
C LEU B 146 20.10 -36.34 -15.99
N SER B 147 20.72 -36.27 -14.83
CA SER B 147 21.05 -34.98 -14.25
C SER B 147 22.53 -34.66 -14.45
N VAL B 148 22.77 -33.53 -15.10
CA VAL B 148 24.11 -33.05 -15.34
C VAL B 148 24.26 -31.73 -14.59
N PRO B 149 25.06 -31.75 -13.51
CA PRO B 149 25.34 -30.58 -12.67
C PRO B 149 26.38 -29.69 -13.32
N TYR B 150 26.32 -28.42 -12.93
CA TYR B 150 27.17 -27.38 -13.46
C TYR B 150 27.47 -26.40 -12.33
N VAL B 151 28.72 -26.34 -11.86
CA VAL B 151 29.07 -25.32 -10.90
C VAL B 151 29.52 -24.07 -11.64
N ILE B 152 29.06 -22.94 -11.15
CA ILE B 152 29.31 -21.67 -11.79
C ILE B 152 29.31 -20.57 -10.75
N VAL B 153 29.84 -19.42 -11.14
CA VAL B 153 29.83 -18.25 -10.29
C VAL B 153 29.43 -17.10 -11.15
N PRO B 154 28.39 -16.39 -10.73
CA PRO B 154 28.00 -15.15 -11.40
C PRO B 154 29.04 -14.08 -11.11
N LEU B 155 29.43 -13.36 -12.14
CA LEU B 155 30.48 -12.37 -12.00
C LEU B 155 29.88 -10.98 -11.90
N LYS B 156 28.96 -10.68 -12.81
CA LYS B 156 28.27 -9.38 -12.79
C LYS B 156 26.78 -9.52 -12.53
N THR B 157 26.18 -8.47 -11.98
CA THR B 157 24.76 -8.50 -11.63
C THR B 157 23.92 -8.32 -12.87
N GLY B 158 22.61 -8.28 -12.66
CA GLY B 158 21.67 -8.03 -13.73
C GLY B 158 20.91 -9.27 -14.16
N LEU B 159 20.37 -9.22 -15.37
CA LEU B 159 19.69 -10.37 -15.92
C LEU B 159 20.71 -11.13 -16.74
N GLN B 160 21.28 -12.17 -16.13
CA GLN B 160 22.33 -12.94 -16.74
C GLN B 160 21.85 -14.31 -17.18
N GLU B 161 22.48 -14.85 -18.22
CA GLU B 161 21.88 -15.95 -18.94
C GLU B 161 22.79 -17.17 -19.06
N VAL B 162 22.18 -18.34 -18.84
CA VAL B 162 22.88 -19.61 -18.85
C VAL B 162 22.43 -20.47 -20.03
N GLU B 163 23.37 -21.19 -20.65
CA GLU B 163 23.04 -21.92 -21.87
C GLU B 163 23.73 -23.27 -21.86
N VAL B 164 22.95 -24.33 -22.00
CA VAL B 164 23.54 -25.62 -22.30
C VAL B 164 22.91 -26.15 -23.57
N LYS B 165 23.72 -26.80 -24.39
CA LYS B 165 23.21 -27.53 -25.53
C LYS B 165 23.51 -29.02 -25.43
N ALA B 166 23.08 -29.76 -26.42
CA ALA B 166 23.32 -31.19 -26.42
C ALA B 166 22.81 -31.78 -27.72
N ALA B 167 23.56 -32.74 -28.26
CA ALA B 167 23.07 -33.55 -29.38
C ALA B 167 23.39 -35.01 -29.15
N VAL B 168 22.64 -35.88 -29.81
CA VAL B 168 22.82 -37.30 -29.65
C VAL B 168 23.50 -37.80 -30.91
N TYR B 169 24.34 -38.83 -30.76
CA TYR B 169 25.10 -39.35 -31.88
C TYR B 169 24.28 -40.32 -32.74
N HIS B 170 24.72 -40.47 -33.99
CA HIS B 170 24.16 -41.47 -34.92
C HIS B 170 22.72 -41.10 -35.28
N HIS B 171 22.01 -40.55 -34.30
CA HIS B 171 20.76 -39.86 -34.55
C HIS B 171 21.03 -38.40 -34.74
N PHE B 172 20.16 -37.72 -35.48
CA PHE B 172 20.43 -36.32 -35.66
C PHE B 172 19.44 -35.47 -34.91
N ILE B 173 19.21 -35.88 -33.67
CA ILE B 173 18.43 -35.11 -32.72
C ILE B 173 19.39 -34.13 -32.06
N SER B 174 18.86 -32.97 -31.69
CA SER B 174 19.65 -31.92 -31.03
C SER B 174 18.73 -30.95 -30.30
N ASP B 175 19.23 -30.42 -29.18
CA ASP B 175 18.47 -29.48 -28.38
C ASP B 175 19.35 -28.65 -27.43
N GLY B 176 18.91 -27.42 -27.16
CA GLY B 176 19.63 -26.55 -26.27
C GLY B 176 18.73 -25.53 -25.60
N VAL B 177 19.07 -25.16 -24.37
CA VAL B 177 18.22 -24.27 -23.60
C VAL B 177 18.95 -23.04 -23.13
N ARG B 178 18.28 -21.91 -23.23
CA ARG B 178 18.89 -20.67 -22.84
C ARG B 178 17.91 -19.85 -21.99
N LYS B 179 17.86 -20.22 -20.70
CA LYS B 179 17.10 -19.48 -19.69
C LYS B 179 17.96 -18.35 -19.13
N SER B 180 17.34 -17.45 -18.37
CA SER B 180 18.10 -16.37 -17.77
C SER B 180 17.59 -16.25 -16.36
N LEU B 181 18.47 -15.80 -15.49
CA LEU B 181 18.13 -15.67 -14.09
C LEU B 181 18.69 -14.37 -13.55
N LYS B 182 18.34 -14.06 -12.30
CA LYS B 182 18.68 -12.77 -11.69
C LYS B 182 19.91 -12.84 -10.79
N VAL B 183 20.95 -12.14 -11.22
CA VAL B 183 22.15 -11.97 -10.41
C VAL B 183 21.96 -10.72 -9.56
N VAL B 184 22.08 -10.92 -8.26
CA VAL B 184 21.81 -9.86 -7.31
C VAL B 184 23.01 -9.66 -6.37
N PRO B 185 23.36 -8.40 -6.09
CA PRO B 185 24.55 -8.01 -5.32
C PRO B 185 24.64 -8.55 -3.88
N GLU B 186 25.86 -8.79 -3.40
CA GLU B 186 26.12 -9.25 -2.03
C GLU B 186 25.45 -8.40 -0.93
N THR C 37 24.22 -19.14 3.55
CA THR C 37 25.14 -18.92 4.66
C THR C 37 25.18 -20.16 5.55
N CYS C 38 24.28 -21.10 5.29
CA CYS C 38 24.14 -22.28 6.14
C CYS C 38 23.69 -21.86 7.53
N ASN C 39 22.52 -21.24 7.61
CA ASN C 39 22.00 -20.70 8.86
C ASN C 39 21.47 -21.76 9.83
N LYS C 40 20.80 -22.78 9.28
CA LYS C 40 20.10 -23.74 10.12
C LYS C 40 20.86 -25.07 10.20
N PHE C 41 21.81 -25.26 9.29
CA PHE C 41 22.56 -26.51 9.26
C PHE C 41 24.05 -26.29 9.02
N ASP C 42 24.86 -26.53 10.07
CA ASP C 42 26.30 -26.48 9.94
C ASP C 42 26.75 -27.64 9.09
N LEU C 43 27.50 -27.35 8.02
CA LEU C 43 27.87 -28.37 7.05
C LEU C 43 29.36 -28.40 6.70
N LYS C 44 29.98 -29.56 6.85
CA LYS C 44 31.40 -29.76 6.56
C LYS C 44 31.58 -30.97 5.64
N VAL C 45 32.16 -30.74 4.47
CA VAL C 45 32.38 -31.80 3.49
C VAL C 45 33.87 -31.97 3.18
N THR C 46 34.33 -33.21 3.26
CA THR C 46 35.75 -33.51 3.20
C THR C 46 36.10 -34.56 2.14
N ILE C 47 37.04 -34.23 1.25
CA ILE C 47 37.51 -35.21 0.28
C ILE C 47 39.02 -35.45 0.37
N LYS C 48 39.35 -36.68 0.79
CA LYS C 48 40.71 -37.17 0.94
C LYS C 48 40.78 -38.48 0.14
N PRO C 49 41.97 -38.86 -0.37
CA PRO C 49 42.08 -40.08 -1.19
C PRO C 49 41.92 -41.33 -0.34
N ALA C 50 42.01 -42.51 -0.95
CA ALA C 50 41.76 -43.76 -0.21
C ALA C 50 43.03 -44.42 0.33
N PRO C 51 42.90 -45.19 1.42
CA PRO C 51 43.98 -45.96 2.04
C PRO C 51 44.29 -47.24 1.26
N LYS C 61 39.10 -46.98 -10.16
CA LYS C 61 40.51 -46.82 -10.52
C LYS C 61 41.22 -45.87 -9.56
N ASN C 62 40.73 -44.63 -9.51
CA ASN C 62 41.32 -43.61 -8.63
C ASN C 62 40.80 -43.68 -7.18
N THR C 63 39.49 -43.57 -7.02
CA THR C 63 38.81 -43.75 -5.72
C THR C 63 39.29 -42.86 -4.55
N MET C 64 38.32 -42.42 -3.74
CA MET C 64 38.58 -41.48 -2.63
C MET C 64 37.47 -41.56 -1.59
N ILE C 65 37.66 -40.84 -0.47
CA ILE C 65 36.68 -40.82 0.62
C ILE C 65 35.91 -39.51 0.70
N LEU C 66 34.61 -39.59 0.41
CA LEU C 66 33.74 -38.44 0.54
C LEU C 66 33.04 -38.51 1.88
N GLU C 67 33.30 -37.52 2.75
CA GLU C 67 32.67 -37.48 4.07
C GLU C 67 31.83 -36.20 4.28
N ILE C 68 31.23 -36.06 5.46
CA ILE C 68 30.41 -34.88 5.76
C ILE C 68 29.87 -34.86 7.19
N CYS C 69 29.07 -33.84 7.50
CA CYS C 69 28.47 -33.67 8.83
C CYS C 69 27.76 -32.32 8.92
N THR C 70 26.43 -32.36 8.92
CA THR C 70 25.63 -31.14 8.97
C THR C 70 24.84 -31.02 10.27
N ARG C 71 25.39 -30.29 11.22
CA ARG C 71 24.72 -30.04 12.50
C ARG C 71 23.58 -29.04 12.37
N TYR C 72 22.57 -29.21 13.22
CA TYR C 72 21.42 -28.33 13.19
C TYR C 72 21.58 -27.19 14.21
N ARG C 73 21.49 -25.95 13.75
CA ARG C 73 21.64 -24.77 14.61
C ARG C 73 20.32 -24.40 15.30
N GLY C 74 19.83 -25.31 16.14
CA GLY C 74 18.60 -25.10 16.89
C GLY C 74 18.64 -25.68 18.29
N ASP C 75 17.49 -25.75 18.93
CA ASP C 75 17.43 -26.17 20.34
C ASP C 75 17.04 -27.62 20.49
N GLN C 76 16.57 -28.23 19.40
CA GLN C 76 16.27 -29.65 19.37
C GLN C 76 16.75 -30.21 18.03
N ASP C 77 16.53 -31.51 17.81
CA ASP C 77 16.80 -32.18 16.53
C ASP C 77 15.77 -31.87 15.42
N ALA C 78 16.22 -31.90 14.17
CA ALA C 78 15.39 -31.63 12.97
C ALA C 78 14.51 -32.78 12.43
N THR C 79 13.52 -32.41 11.61
CA THR C 79 12.61 -33.33 10.92
C THR C 79 13.34 -34.02 9.75
N MET C 80 12.81 -35.14 9.25
CA MET C 80 13.56 -35.86 8.23
C MET C 80 14.15 -34.84 7.28
N SER C 81 15.44 -35.02 6.99
CA SER C 81 16.23 -34.08 6.22
C SER C 81 16.96 -34.77 5.10
N ILE C 82 17.50 -34.01 4.16
CA ILE C 82 18.11 -34.64 2.99
C ILE C 82 19.32 -33.93 2.39
N LEU C 83 20.13 -34.72 1.69
CA LEU C 83 21.30 -34.19 0.99
C LEU C 83 21.17 -34.51 -0.50
N ASP C 84 21.26 -33.46 -1.31
CA ASP C 84 21.28 -33.63 -2.74
C ASP C 84 22.76 -33.67 -3.04
N ILE C 85 23.28 -34.87 -3.18
CA ILE C 85 24.70 -35.03 -3.45
C ILE C 85 25.04 -35.16 -4.94
N SER C 86 26.05 -34.41 -5.37
CA SER C 86 26.54 -34.44 -6.74
C SER C 86 28.03 -34.74 -6.78
N MET C 87 28.62 -35.22 -7.94
CA MET C 87 29.97 -35.81 -7.99
C MET C 87 30.97 -35.05 -8.85
N MET C 88 32.23 -35.12 -8.44
CA MET C 88 33.34 -34.62 -9.26
C MET C 88 33.30 -35.41 -10.54
N THR C 89 33.48 -34.76 -11.68
CA THR C 89 33.15 -35.43 -12.93
C THR C 89 33.89 -36.78 -13.09
N GLY C 90 33.13 -37.85 -13.30
CA GLY C 90 33.71 -39.15 -13.55
C GLY C 90 33.65 -40.17 -12.43
N PHE C 91 33.17 -39.71 -11.28
CA PHE C 91 33.02 -40.56 -10.10
C PHE C 91 31.63 -41.13 -9.84
N ALA C 92 31.59 -42.32 -9.25
CA ALA C 92 30.35 -43.02 -8.93
C ALA C 92 30.54 -43.82 -7.66
N PRO C 93 29.55 -43.78 -6.77
CA PRO C 93 29.65 -44.40 -5.44
C PRO C 93 29.93 -45.91 -5.41
N ASP C 94 30.67 -46.25 -4.53
CA ASP C 94 30.97 -47.64 -4.26
C ASP C 94 29.68 -48.38 -3.86
N THR C 95 28.93 -48.82 -4.86
CA THR C 95 27.66 -49.49 -4.65
C THR C 95 27.53 -50.24 -3.31
N ASP C 96 28.53 -51.04 -2.97
CA ASP C 96 28.54 -51.72 -1.68
C ASP C 96 28.35 -50.72 -0.54
N ASP C 97 29.29 -49.78 -0.38
CA ASP C 97 29.22 -48.78 0.68
C ASP C 97 27.84 -48.11 0.76
N LEU C 98 27.05 -48.24 -0.29
CA LEU C 98 25.70 -47.68 -0.28
C LEU C 98 24.78 -48.47 0.65
N LYS C 99 24.85 -49.80 0.59
CA LYS C 99 23.97 -50.62 1.42
C LYS C 99 24.29 -50.56 2.91
N GLN C 100 25.57 -50.44 3.26
CA GLN C 100 25.95 -50.20 4.66
C GLN C 100 25.20 -48.95 5.15
N LEU C 101 24.94 -48.05 4.21
CA LEU C 101 24.16 -46.85 4.49
C LEU C 101 22.68 -47.16 4.37
N ALA C 102 22.34 -48.14 3.52
CA ALA C 102 20.96 -48.40 3.11
C ALA C 102 20.03 -49.02 4.18
N ASN C 103 20.60 -49.83 5.07
CA ASN C 103 19.78 -50.48 6.07
C ASN C 103 19.80 -49.70 7.36
N GLY C 104 20.81 -48.85 7.52
CA GLY C 104 20.99 -48.07 8.73
C GLY C 104 19.74 -47.54 9.42
N VAL C 105 19.94 -47.13 10.66
CA VAL C 105 18.92 -46.44 11.44
C VAL C 105 18.87 -44.98 11.03
N ASP C 106 17.68 -44.53 10.64
CA ASP C 106 17.48 -43.17 10.14
C ASP C 106 18.34 -42.97 8.91
N ARG C 107 18.30 -43.91 7.97
CA ARG C 107 19.11 -43.80 6.75
C ARG C 107 18.37 -44.62 5.69
N TYR C 108 18.14 -44.01 4.53
CA TYR C 108 17.49 -44.71 3.41
C TYR C 108 17.85 -44.11 2.06
N ILE C 109 17.95 -44.97 1.05
CA ILE C 109 18.21 -44.55 -0.32
C ILE C 109 17.22 -45.45 -1.05
N SER C 110 16.29 -44.83 -1.78
CA SER C 110 15.25 -45.56 -2.50
C SER C 110 15.94 -46.67 -3.29
N LYS C 111 15.33 -47.85 -3.31
CA LYS C 111 15.92 -49.00 -4.01
C LYS C 111 16.05 -48.58 -5.47
N TYR C 112 15.60 -47.37 -5.77
CA TYR C 112 15.70 -46.82 -7.09
C TYR C 112 17.15 -46.45 -7.35
N GLU C 113 17.70 -45.62 -6.48
CA GLU C 113 19.04 -45.06 -6.67
C GLU C 113 20.14 -46.03 -6.28
N LEU C 114 20.04 -46.59 -5.08
CA LEU C 114 21.02 -47.55 -4.59
C LEU C 114 21.37 -48.56 -5.69
N ASP C 115 20.52 -48.67 -6.69
CA ASP C 115 20.69 -49.68 -7.74
C ASP C 115 21.36 -49.24 -9.05
N LYS C 116 21.35 -47.95 -9.36
CA LYS C 116 21.88 -47.46 -10.62
C LYS C 116 23.36 -47.79 -10.82
N ALA C 117 24.16 -47.63 -9.76
CA ALA C 117 25.58 -47.96 -9.84
C ALA C 117 26.39 -46.93 -10.61
N PHE C 118 27.59 -47.31 -11.02
CA PHE C 118 28.48 -46.42 -11.75
C PHE C 118 27.67 -45.97 -12.96
N SER C 119 27.18 -46.93 -13.73
CA SER C 119 26.39 -46.64 -14.91
C SER C 119 26.31 -45.16 -15.24
N ASP C 120 25.33 -44.49 -14.63
CA ASP C 120 25.20 -43.05 -14.79
C ASP C 120 24.47 -42.42 -13.60
N ARG C 121 24.96 -42.74 -12.41
CA ARG C 121 24.34 -42.26 -11.18
C ARG C 121 25.14 -41.09 -10.61
N ASN C 122 24.96 -39.93 -11.24
CA ASN C 122 25.71 -38.76 -10.82
C ASN C 122 24.96 -37.85 -9.72
N THR C 123 23.83 -38.38 -9.27
CA THR C 123 22.98 -37.82 -8.23
C THR C 123 22.42 -38.88 -7.31
N LEU C 124 22.26 -38.53 -6.05
CA LEU C 124 21.71 -39.47 -5.09
C LEU C 124 21.35 -38.73 -3.84
N ILE C 125 20.30 -39.18 -3.18
CA ILE C 125 19.76 -38.49 -2.02
C ILE C 125 19.73 -39.37 -0.78
N ILE C 126 20.47 -38.94 0.24
CA ILE C 126 20.47 -39.69 1.47
C ILE C 126 19.47 -39.11 2.43
N TYR C 127 18.46 -39.90 2.78
CA TYR C 127 17.41 -39.44 3.69
C TYR C 127 17.77 -39.74 5.14
N LEU C 128 18.28 -38.72 5.83
CA LEU C 128 18.66 -38.86 7.24
C LEU C 128 17.37 -38.56 7.99
N ASP C 129 16.81 -39.58 8.62
CA ASP C 129 15.57 -39.43 9.37
C ASP C 129 15.58 -38.13 10.19
N LYS C 130 16.50 -38.06 11.15
CA LYS C 130 16.62 -36.88 12.00
C LYS C 130 18.00 -36.23 11.86
N VAL C 131 18.25 -35.20 12.66
CA VAL C 131 19.52 -34.49 12.62
C VAL C 131 19.91 -33.99 14.01
N SER C 132 21.19 -33.74 14.21
CA SER C 132 21.70 -33.25 15.50
C SER C 132 21.93 -31.73 15.59
N HIS C 133 21.92 -31.21 16.81
CA HIS C 133 22.17 -29.80 17.08
C HIS C 133 23.16 -29.73 18.22
N SER C 134 23.61 -30.90 18.64
CA SER C 134 24.51 -31.05 19.78
C SER C 134 25.96 -31.16 19.33
N GLU C 135 26.19 -31.96 18.29
CA GLU C 135 27.52 -32.20 17.74
C GLU C 135 27.46 -32.25 16.22
N ASP C 136 26.99 -33.38 15.67
CA ASP C 136 26.85 -33.51 14.22
C ASP C 136 26.77 -34.95 13.71
N ASP C 137 25.60 -35.32 13.20
CA ASP C 137 25.42 -36.58 12.49
C ASP C 137 26.38 -36.68 11.31
N CYS C 138 27.43 -37.50 11.44
CA CYS C 138 28.42 -37.63 10.38
C CYS C 138 28.32 -38.99 9.67
N LEU C 139 28.78 -39.02 8.43
CA LEU C 139 28.77 -40.22 7.63
C LEU C 139 29.68 -39.96 6.45
N ALA C 140 30.22 -41.02 5.89
CA ALA C 140 31.07 -40.88 4.73
C ALA C 140 30.98 -42.12 3.83
N PHE C 141 31.50 -41.97 2.62
CA PHE C 141 31.50 -43.04 1.63
C PHE C 141 32.48 -42.72 0.50
N LYS C 142 32.86 -43.76 -0.23
CA LYS C 142 33.94 -43.67 -1.22
C LYS C 142 33.44 -43.52 -2.64
N VAL C 143 34.15 -42.74 -3.44
CA VAL C 143 33.80 -42.54 -4.84
C VAL C 143 34.97 -42.93 -5.74
N HIS C 144 34.67 -43.62 -6.84
CA HIS C 144 35.68 -44.03 -7.80
C HIS C 144 35.36 -43.39 -9.15
N GLN C 145 36.14 -42.37 -9.48
CA GLN C 145 35.94 -41.64 -10.74
C GLN C 145 36.46 -42.53 -11.86
N TYR C 146 35.64 -43.50 -12.24
CA TYR C 146 36.02 -44.46 -13.27
C TYR C 146 36.24 -43.75 -14.59
N PHE C 147 37.27 -44.18 -15.33
CA PHE C 147 37.61 -43.56 -16.61
C PHE C 147 38.35 -42.24 -16.39
N ASN C 148 39.61 -42.33 -15.96
CA ASN C 148 40.38 -41.15 -15.61
C ASN C 148 40.32 -40.17 -16.77
N VAL C 149 40.14 -38.90 -16.46
CA VAL C 149 39.91 -37.90 -17.49
C VAL C 149 40.36 -36.62 -16.78
N GLU C 150 41.15 -35.78 -17.42
CA GLU C 150 41.64 -34.54 -16.78
C GLU C 150 40.64 -33.36 -16.62
N LEU C 151 40.99 -32.40 -15.74
CA LEU C 151 40.17 -31.19 -15.44
C LEU C 151 38.73 -31.27 -14.83
N ILE C 152 38.65 -31.92 -13.66
CA ILE C 152 37.41 -32.27 -12.96
C ILE C 152 36.61 -31.16 -12.27
N GLN C 153 35.36 -31.49 -11.94
CA GLN C 153 34.40 -30.57 -11.33
C GLN C 153 34.05 -30.90 -9.88
N PRO C 154 34.06 -29.86 -9.05
CA PRO C 154 33.79 -29.93 -7.61
C PRO C 154 32.37 -30.38 -7.31
N GLY C 155 32.23 -31.34 -6.40
CA GLY C 155 30.92 -31.82 -6.00
C GLY C 155 30.24 -30.86 -5.05
N ALA C 156 28.92 -30.73 -5.18
CA ALA C 156 28.16 -29.81 -4.36
C ALA C 156 27.13 -30.52 -3.49
N VAL C 157 27.49 -30.74 -2.23
CA VAL C 157 26.57 -31.36 -1.29
C VAL C 157 25.63 -30.34 -0.70
N LYS C 158 24.35 -30.65 -0.73
CA LYS C 158 23.30 -29.74 -0.32
C LYS C 158 22.43 -30.48 0.67
N VAL C 159 22.09 -29.82 1.76
CA VAL C 159 21.20 -30.39 2.75
C VAL C 159 20.06 -29.47 3.07
N TYR C 160 18.79 -30.05 3.46
CA TYR C 160 17.64 -29.30 3.88
C TYR C 160 16.66 -30.19 4.64
N ALA C 161 15.92 -29.57 5.57
CA ALA C 161 14.80 -30.23 6.22
C ALA C 161 13.65 -30.32 5.21
N TYR C 162 13.18 -31.53 4.94
CA TYR C 162 12.21 -31.75 3.88
C TYR C 162 11.22 -30.58 3.71
N TYR C 163 10.65 -30.14 4.82
CA TYR C 163 9.56 -29.16 4.80
C TYR C 163 10.00 -27.75 4.45
N ASN C 164 11.24 -27.59 4.01
CA ASN C 164 11.77 -26.24 3.81
C ASN C 164 13.02 -26.19 2.96
N LEU C 165 12.86 -25.99 1.65
CA LEU C 165 14.02 -25.86 0.76
C LEU C 165 14.83 -24.57 0.98
N GLU C 166 14.22 -23.58 1.60
CA GLU C 166 14.88 -22.30 1.85
C GLU C 166 16.03 -22.45 2.84
N GLU C 167 15.70 -22.94 4.04
CA GLU C 167 16.71 -23.13 5.07
C GLU C 167 17.62 -24.30 4.73
N SER C 168 18.37 -24.16 3.63
CA SER C 168 19.29 -25.20 3.19
C SER C 168 20.72 -24.67 3.09
N CYS C 169 21.52 -25.32 2.27
CA CYS C 169 22.92 -24.92 2.08
C CYS C 169 23.59 -25.74 0.99
N THR C 170 24.74 -25.22 0.54
CA THR C 170 25.58 -25.83 -0.49
C THR C 170 27.07 -25.53 -0.29
N ARG C 171 27.83 -26.57 0.01
CA ARG C 171 29.27 -26.56 0.21
C ARG C 171 29.92 -27.48 -0.82
N PHE C 172 31.02 -27.04 -1.41
CA PHE C 172 31.67 -27.83 -2.47
C PHE C 172 32.96 -28.50 -2.03
N TYR C 173 33.49 -29.36 -2.90
CA TYR C 173 34.75 -30.09 -2.65
C TYR C 173 35.54 -30.38 -3.94
N HIS C 174 36.85 -30.61 -3.82
CA HIS C 174 37.68 -30.94 -4.98
C HIS C 174 39.01 -31.46 -4.50
N PRO C 175 39.52 -32.52 -5.15
CA PRO C 175 40.81 -33.13 -4.81
C PRO C 175 41.94 -32.13 -4.62
N GLU C 176 41.96 -31.05 -5.40
CA GLU C 176 43.04 -30.06 -5.31
C GLU C 176 42.62 -28.60 -5.07
N LYS C 177 41.33 -28.32 -5.01
CA LYS C 177 40.86 -26.96 -4.79
C LYS C 177 40.53 -26.71 -3.32
N GLU C 178 40.66 -25.45 -2.91
CA GLU C 178 40.26 -25.05 -1.56
C GLU C 178 38.75 -25.12 -1.40
N ASP C 179 38.29 -25.64 -0.27
CA ASP C 179 36.85 -25.82 -0.02
C ASP C 179 35.98 -25.72 -1.28
N GLY C 180 36.36 -26.44 -2.33
CA GLY C 180 35.51 -26.62 -3.48
C GLY C 180 35.26 -25.41 -4.38
N LYS C 181 35.70 -24.24 -3.95
CA LYS C 181 35.55 -23.02 -4.74
C LYS C 181 36.65 -23.11 -5.79
N LEU C 182 36.31 -22.82 -7.04
CA LEU C 182 37.28 -22.85 -8.13
C LEU C 182 38.15 -21.62 -7.94
N ASN C 183 38.98 -21.32 -8.94
CA ASN C 183 39.86 -20.16 -8.85
C ASN C 183 39.33 -18.89 -9.53
N LYS C 184 38.98 -17.90 -8.73
CA LYS C 184 38.60 -16.58 -9.22
C LYS C 184 39.51 -15.46 -8.74
N LEU C 185 39.36 -14.30 -9.39
CA LEU C 185 40.11 -13.11 -9.01
C LEU C 185 39.15 -11.95 -8.75
N CYS C 186 38.94 -11.64 -7.47
CA CYS C 186 37.99 -10.61 -7.09
C CYS C 186 38.66 -9.38 -6.48
N ARG C 187 38.73 -8.30 -7.25
CA ARG C 187 39.23 -7.02 -6.76
C ARG C 187 38.13 -6.04 -6.44
N ASP C 188 37.54 -6.17 -5.25
CA ASP C 188 36.46 -5.28 -4.82
C ASP C 188 35.11 -5.75 -5.37
N GLU C 189 34.27 -4.79 -5.75
CA GLU C 189 32.96 -5.11 -6.29
C GLU C 189 33.06 -5.99 -7.53
N LEU C 190 34.08 -5.77 -8.37
CA LEU C 190 34.26 -6.56 -9.61
C LEU C 190 34.91 -7.96 -9.49
N CYS C 191 35.08 -8.66 -10.63
CA CYS C 191 35.68 -10.01 -10.66
C CYS C 191 35.88 -10.62 -12.07
N ARG C 192 36.36 -11.88 -12.12
CA ARG C 192 36.61 -12.61 -13.39
C ARG C 192 36.92 -14.10 -13.18
N CYS C 193 37.29 -14.85 -14.24
CA CYS C 193 37.57 -16.27 -14.07
C CYS C 193 39.07 -16.55 -14.14
N ALA C 194 39.54 -17.43 -13.26
CA ALA C 194 40.93 -17.83 -13.23
C ALA C 194 41.07 -19.30 -12.91
N GLU C 195 40.36 -20.12 -13.66
CA GLU C 195 40.41 -21.57 -13.46
C GLU C 195 40.80 -22.29 -14.74
N GLU C 196 41.38 -21.55 -15.68
CA GLU C 196 41.81 -22.12 -16.96
C GLU C 196 43.15 -22.83 -16.82
N ASN C 197 44.11 -22.42 -17.65
CA ASN C 197 45.44 -23.02 -17.63
C ASN C 197 46.51 -22.03 -17.17
N CYS C 198 46.38 -20.78 -17.64
CA CYS C 198 47.34 -19.74 -17.27
C CYS C 198 47.99 -19.02 -18.45
N PHE C 199 49.27 -18.74 -18.35
CA PHE C 199 50.05 -18.08 -19.39
C PHE C 199 50.01 -18.98 -20.62
N ILE C 200 50.34 -18.42 -21.78
CA ILE C 200 50.41 -19.20 -23.01
C ILE C 200 51.31 -20.36 -22.77
N GLN C 201 51.15 -21.41 -23.58
CA GLN C 201 51.95 -22.63 -23.41
C GLN C 201 53.45 -22.36 -23.36
N LYS C 202 54.08 -22.77 -22.27
CA LYS C 202 55.52 -22.58 -22.10
C LYS C 202 56.22 -22.43 -23.45
N ASP C 205 55.98 -27.52 -28.59
CA ASP C 205 56.52 -28.47 -29.56
C ASP C 205 57.75 -27.95 -30.28
N LYS C 206 58.06 -26.66 -30.11
CA LYS C 206 59.26 -26.06 -30.71
C LYS C 206 59.50 -24.56 -30.41
N VAL C 207 58.55 -23.71 -30.82
CA VAL C 207 58.59 -22.24 -30.64
C VAL C 207 59.44 -21.48 -31.67
N THR C 208 58.97 -21.42 -32.91
CA THR C 208 59.77 -20.94 -34.06
C THR C 208 59.67 -19.45 -34.38
N LEU C 209 59.91 -19.09 -35.64
CA LEU C 209 59.75 -17.70 -36.10
C LEU C 209 58.53 -17.43 -37.00
N GLU C 210 58.12 -18.39 -37.82
CA GLU C 210 56.89 -18.18 -38.58
C GLU C 210 55.75 -18.20 -37.60
N GLU C 211 55.87 -19.05 -36.58
CA GLU C 211 54.80 -19.22 -35.61
C GLU C 211 54.52 -17.95 -34.83
N ARG C 212 55.58 -17.18 -34.55
CA ARG C 212 55.41 -15.95 -33.79
C ARG C 212 54.68 -14.90 -34.60
N LEU C 213 55.08 -14.72 -35.85
CA LEU C 213 54.50 -13.65 -36.66
C LEU C 213 53.03 -13.93 -36.98
N ASP C 214 52.60 -15.18 -36.81
CA ASP C 214 51.20 -15.53 -37.00
C ASP C 214 50.40 -14.98 -35.84
N LYS C 215 50.20 -15.83 -34.84
CA LYS C 215 49.48 -15.48 -33.63
C LYS C 215 49.44 -13.96 -33.45
N ALA C 216 50.61 -13.34 -33.43
CA ALA C 216 50.74 -11.92 -33.11
C ALA C 216 50.07 -10.98 -34.09
N CYS C 217 49.29 -11.55 -34.99
CA CYS C 217 48.55 -10.74 -35.94
C CYS C 217 47.14 -11.27 -36.09
N GLU C 218 46.68 -12.06 -35.13
CA GLU C 218 45.29 -12.43 -35.13
C GLU C 218 44.48 -11.29 -34.54
N PRO C 219 43.16 -11.29 -34.76
CA PRO C 219 42.36 -10.09 -34.46
C PRO C 219 42.58 -9.58 -33.05
N GLY C 220 42.21 -10.42 -32.09
CA GLY C 220 42.15 -10.07 -30.69
C GLY C 220 43.35 -9.37 -30.11
N VAL C 221 44.49 -9.54 -30.77
CA VAL C 221 45.75 -9.08 -30.22
C VAL C 221 45.91 -7.58 -30.38
N ASP C 222 46.00 -6.86 -29.26
CA ASP C 222 45.98 -5.41 -29.33
C ASP C 222 47.30 -4.72 -28.98
N TYR C 223 48.31 -5.48 -28.64
CA TYR C 223 49.59 -4.88 -28.29
C TYR C 223 50.73 -5.87 -28.33
N VAL C 224 51.94 -5.37 -28.50
CA VAL C 224 53.15 -6.15 -28.44
C VAL C 224 54.23 -5.24 -27.93
N TYR C 225 54.90 -5.60 -26.85
CA TYR C 225 55.89 -4.69 -26.29
C TYR C 225 57.19 -5.37 -25.95
N LYS C 226 58.28 -4.60 -25.98
CA LYS C 226 59.52 -5.03 -25.36
C LYS C 226 59.59 -4.26 -24.08
N THR C 227 59.83 -4.95 -22.97
CA THR C 227 59.59 -4.38 -21.66
C THR C 227 60.61 -4.75 -20.61
N ARG C 228 60.61 -3.94 -19.56
CA ARG C 228 61.42 -4.21 -18.41
C ARG C 228 60.52 -4.35 -17.20
N LEU C 229 60.80 -5.36 -16.40
CA LEU C 229 60.06 -5.59 -15.19
C LEU C 229 60.62 -4.70 -14.13
N VAL C 230 59.97 -3.57 -13.90
CA VAL C 230 60.46 -2.61 -12.92
C VAL C 230 60.33 -3.14 -11.49
N LYS C 231 59.16 -2.96 -10.87
CA LYS C 231 58.97 -3.39 -9.49
C LYS C 231 57.99 -4.54 -9.45
N VAL C 232 58.02 -5.29 -8.36
CA VAL C 232 57.13 -6.42 -8.22
C VAL C 232 56.46 -6.34 -6.86
N GLN C 233 55.14 -6.26 -6.89
CA GLN C 233 54.34 -6.27 -5.67
C GLN C 233 53.47 -7.52 -5.69
N LEU C 234 53.59 -8.30 -4.62
CA LEU C 234 52.82 -9.52 -4.42
C LEU C 234 51.82 -9.29 -3.29
N SER C 235 50.65 -9.92 -3.38
CA SER C 235 49.71 -9.92 -2.27
C SER C 235 48.81 -11.16 -2.34
N ASN C 236 48.02 -11.37 -1.30
CA ASN C 236 47.23 -12.60 -1.14
C ASN C 236 46.53 -13.09 -2.40
N ASP C 237 45.85 -12.17 -3.06
CA ASP C 237 45.08 -12.51 -4.25
C ASP C 237 45.86 -12.37 -5.56
N PHE C 238 46.30 -11.14 -5.89
CA PHE C 238 46.95 -10.89 -7.18
C PHE C 238 48.34 -10.27 -7.09
N ASP C 239 49.32 -10.83 -7.80
CA ASP C 239 50.63 -10.20 -7.88
C ASP C 239 50.47 -9.02 -8.81
N GLU C 240 51.49 -8.19 -8.94
CA GLU C 240 51.38 -6.98 -9.74
C GLU C 240 52.75 -6.66 -10.27
N TYR C 241 52.98 -6.93 -11.55
CA TYR C 241 54.28 -6.66 -12.15
C TYR C 241 54.23 -5.36 -12.89
N ILE C 242 54.85 -4.31 -12.35
CA ILE C 242 54.86 -3.04 -13.04
C ILE C 242 56.04 -2.99 -13.97
N MET C 243 55.77 -2.70 -15.23
CA MET C 243 56.77 -2.82 -16.27
C MET C 243 56.87 -1.60 -17.10
N ALA C 244 58.08 -1.27 -17.52
CA ALA C 244 58.28 -0.13 -18.35
C ALA C 244 58.27 -0.62 -19.76
N ILE C 245 57.69 0.17 -20.65
CA ILE C 245 57.59 -0.17 -22.06
C ILE C 245 58.81 0.32 -22.86
N GLU C 246 59.68 -0.60 -23.28
CA GLU C 246 60.95 -0.20 -23.88
C GLU C 246 60.86 0.12 -25.38
N GLN C 247 59.95 -0.56 -26.07
CA GLN C 247 59.61 -0.20 -27.45
C GLN C 247 58.25 -0.77 -27.82
N THR C 248 57.44 0.04 -28.50
CA THR C 248 56.06 -0.29 -28.82
C THR C 248 55.88 -0.87 -30.20
N ILE C 249 55.99 -2.18 -30.30
CA ILE C 249 55.97 -2.83 -31.59
C ILE C 249 54.63 -2.64 -32.28
N LYS C 250 53.59 -3.33 -31.83
CA LYS C 250 52.26 -3.05 -32.36
C LYS C 250 51.53 -2.13 -31.41
N SER C 251 50.58 -1.34 -31.91
CA SER C 251 49.84 -0.42 -31.07
C SER C 251 48.38 -0.27 -31.46
N GLY C 252 47.53 -0.86 -30.63
CA GLY C 252 46.09 -0.76 -30.78
C GLY C 252 45.55 0.36 -29.93
N SER C 253 44.60 0.04 -29.06
CA SER C 253 43.82 1.06 -28.38
C SER C 253 44.67 1.84 -27.41
N ASP C 254 45.47 1.12 -26.64
CA ASP C 254 46.35 1.75 -25.64
C ASP C 254 47.29 2.76 -26.30
N GLU C 255 47.15 4.02 -25.92
CA GLU C 255 48.00 5.08 -26.46
C GLU C 255 49.29 5.22 -25.66
N VAL C 256 49.76 4.07 -25.15
CA VAL C 256 50.93 4.04 -24.28
C VAL C 256 52.21 4.26 -25.05
N GLN C 257 53.03 5.18 -24.56
CA GLN C 257 54.32 5.49 -25.17
C GLN C 257 55.36 4.49 -24.72
N VAL C 258 56.60 4.69 -25.15
CA VAL C 258 57.68 3.77 -24.85
C VAL C 258 58.45 4.25 -23.62
N GLY C 259 58.17 3.63 -22.49
CA GLY C 259 58.78 4.03 -21.24
C GLY C 259 57.71 4.45 -20.24
N GLN C 260 56.52 4.76 -20.74
CA GLN C 260 55.43 5.13 -19.86
C GLN C 260 55.39 4.24 -18.59
N GLN C 261 55.34 2.92 -18.77
CA GLN C 261 55.26 1.96 -17.65
C GLN C 261 53.81 1.63 -17.27
N ARG C 262 53.41 0.37 -17.47
CA ARG C 262 52.06 -0.05 -17.21
C ARG C 262 52.12 -1.22 -16.26
N THR C 263 50.96 -1.68 -15.83
CA THR C 263 50.88 -2.58 -14.71
C THR C 263 50.12 -3.85 -15.06
N PHE C 264 50.71 -5.00 -14.76
CA PHE C 264 50.15 -6.31 -15.10
C PHE C 264 49.86 -7.10 -13.86
N ILE C 265 48.81 -7.89 -13.89
CA ILE C 265 48.40 -8.64 -12.72
C ILE C 265 48.40 -10.13 -12.97
N SER C 266 48.18 -10.91 -11.91
CA SER C 266 48.17 -12.36 -12.00
C SER C 266 47.76 -12.98 -10.68
N PRO C 267 47.01 -14.08 -10.74
CA PRO C 267 46.61 -14.85 -9.56
C PRO C 267 47.83 -15.52 -8.96
N ILE C 268 47.89 -15.68 -7.65
CA ILE C 268 49.07 -16.30 -7.06
C ILE C 268 49.27 -17.74 -7.60
N LYS C 269 48.20 -18.42 -7.99
CA LYS C 269 48.32 -19.77 -8.56
C LYS C 269 48.98 -19.67 -9.93
N CYS C 270 49.60 -18.53 -10.21
CA CYS C 270 50.24 -18.31 -11.49
C CYS C 270 51.64 -17.74 -11.31
N ARG C 271 52.37 -18.27 -10.33
CA ARG C 271 53.69 -17.80 -10.07
C ARG C 271 54.71 -18.89 -10.32
N GLU C 272 54.40 -20.10 -9.93
CA GLU C 272 55.29 -21.22 -10.26
C GLU C 272 55.67 -21.24 -11.75
N ALA C 273 54.68 -21.01 -12.60
CA ALA C 273 54.84 -21.18 -14.04
C ALA C 273 55.23 -19.90 -14.78
N LEU C 274 55.31 -18.79 -14.07
CA LEU C 274 55.65 -17.51 -14.69
C LEU C 274 57.09 -17.17 -14.48
N LYS C 275 57.55 -17.33 -13.23
CA LYS C 275 58.89 -16.98 -12.83
C LYS C 275 59.44 -15.69 -13.47
N LEU C 276 58.57 -14.69 -13.62
CA LEU C 276 58.99 -13.36 -14.04
C LEU C 276 59.95 -12.79 -13.02
N GLU C 277 60.97 -12.07 -13.47
CA GLU C 277 62.05 -11.63 -12.59
C GLU C 277 62.46 -10.17 -12.78
N GLU C 278 62.37 -9.39 -11.71
CA GLU C 278 62.65 -7.96 -11.79
C GLU C 278 63.90 -7.69 -12.59
N LYS C 279 63.87 -6.59 -13.31
CA LYS C 279 65.04 -6.11 -14.05
C LYS C 279 65.35 -6.83 -15.37
N LYS C 280 64.81 -8.02 -15.61
CA LYS C 280 65.04 -8.66 -16.90
C LYS C 280 64.10 -8.09 -17.94
N HIS C 281 64.34 -8.40 -19.21
CA HIS C 281 63.50 -7.87 -20.25
C HIS C 281 62.51 -8.91 -20.70
N TYR C 282 61.49 -8.49 -21.43
CA TYR C 282 60.47 -9.42 -21.86
C TYR C 282 59.73 -8.94 -23.10
N LEU C 283 59.36 -9.88 -23.96
CA LEU C 283 58.36 -9.59 -24.97
C LEU C 283 57.12 -10.39 -24.71
N MET C 284 56.01 -9.69 -24.68
CA MET C 284 54.71 -10.32 -24.51
C MET C 284 53.71 -9.58 -25.39
N TRP C 285 52.54 -10.20 -25.56
CA TRP C 285 51.35 -9.54 -26.12
C TRP C 285 50.06 -10.10 -25.50
N GLY C 286 48.97 -9.34 -25.62
CA GLY C 286 47.69 -9.79 -25.09
C GLY C 286 46.49 -9.29 -25.87
N LEU C 287 45.30 -9.67 -25.43
CA LEU C 287 44.07 -9.28 -26.10
C LEU C 287 43.55 -8.01 -25.46
N SER C 288 42.68 -7.31 -26.16
CA SER C 288 42.04 -6.11 -25.62
C SER C 288 41.05 -6.46 -24.52
N SER C 289 40.72 -7.73 -24.43
CA SER C 289 39.78 -8.21 -23.43
C SER C 289 40.55 -8.58 -22.17
N ASP C 290 41.79 -8.11 -22.06
CA ASP C 290 42.56 -8.34 -20.84
C ASP C 290 42.85 -7.03 -20.14
N PHE C 291 42.19 -5.97 -20.63
CA PHE C 291 42.30 -4.66 -20.03
C PHE C 291 41.45 -4.66 -18.77
N TRP C 292 42.07 -4.25 -17.68
CA TRP C 292 41.39 -4.14 -16.40
C TRP C 292 41.51 -2.71 -16.00
N GLY C 293 40.39 -2.01 -15.92
CA GLY C 293 40.43 -0.69 -15.33
C GLY C 293 40.04 0.39 -16.30
N GLU C 294 40.24 1.64 -15.89
CA GLU C 294 39.83 2.77 -16.71
C GLU C 294 40.89 3.80 -16.91
N LYS C 295 41.12 4.09 -18.19
CA LYS C 295 42.33 4.76 -18.63
C LYS C 295 42.89 5.85 -17.69
N PRO C 296 44.23 5.95 -17.65
CA PRO C 296 45.20 4.98 -18.19
C PRO C 296 45.85 4.38 -16.96
N ASN C 297 44.91 3.97 -16.13
CA ASN C 297 45.12 3.22 -14.94
C ASN C 297 44.23 2.02 -15.16
N LEU C 298 44.45 1.44 -16.33
CA LEU C 298 44.11 0.08 -16.67
C LEU C 298 45.34 -0.66 -16.35
N SER C 299 45.21 -1.81 -15.72
CA SER C 299 46.34 -2.70 -15.61
C SER C 299 46.17 -3.77 -16.71
N TYR C 300 47.14 -4.68 -16.91
CA TYR C 300 46.91 -5.69 -17.91
C TYR C 300 46.72 -7.01 -17.22
N ILE C 301 46.11 -7.94 -17.94
CA ILE C 301 45.97 -9.30 -17.44
C ILE C 301 46.78 -10.32 -18.22
N ILE C 302 47.60 -11.05 -17.51
CA ILE C 302 48.24 -12.18 -18.12
C ILE C 302 47.16 -13.23 -18.11
N GLY C 303 46.78 -13.73 -19.28
CA GLY C 303 45.64 -14.61 -19.36
C GLY C 303 45.71 -15.71 -20.41
N LYS C 304 44.71 -16.60 -20.39
CA LYS C 304 44.68 -17.77 -21.28
C LYS C 304 45.13 -17.45 -22.70
N ASP C 305 45.01 -16.19 -23.12
CA ASP C 305 45.55 -15.77 -24.42
C ASP C 305 46.54 -14.60 -24.29
N THR C 306 47.48 -14.68 -23.36
CA THR C 306 48.54 -13.65 -23.25
C THR C 306 49.90 -14.27 -23.41
N TRP C 307 50.77 -13.67 -24.22
CA TRP C 307 52.05 -14.33 -24.56
C TRP C 307 53.22 -14.02 -23.62
N VAL C 308 53.94 -15.08 -23.23
CA VAL C 308 55.06 -14.92 -22.33
C VAL C 308 56.37 -15.37 -22.95
N GLU C 309 57.39 -14.54 -22.74
CA GLU C 309 58.68 -14.78 -23.34
C GLU C 309 59.70 -13.88 -22.69
N HIS C 310 60.85 -14.46 -22.37
CA HIS C 310 61.93 -13.77 -21.70
C HIS C 310 62.97 -13.22 -22.66
N TRP C 311 63.11 -11.91 -22.77
CA TRP C 311 64.02 -11.31 -23.77
C TRP C 311 65.44 -11.08 -23.22
N PRO C 312 66.36 -12.00 -23.55
CA PRO C 312 67.74 -11.92 -23.06
C PRO C 312 68.31 -10.55 -23.24
N GLU C 313 69.23 -10.19 -22.37
CA GLU C 313 69.77 -8.85 -22.38
C GLU C 313 70.47 -8.64 -23.68
N GLU C 314 71.09 -7.48 -23.84
CA GLU C 314 71.77 -7.23 -25.10
C GLU C 314 73.10 -7.97 -25.27
N ASP C 315 73.84 -8.15 -24.19
CA ASP C 315 75.10 -8.89 -24.32
C ASP C 315 74.92 -10.37 -24.07
N GLU C 316 73.69 -10.78 -23.77
CA GLU C 316 73.40 -12.20 -23.59
C GLU C 316 73.22 -12.87 -24.94
N CYS C 317 72.97 -12.06 -25.95
CA CYS C 317 72.66 -12.53 -27.29
C CYS C 317 73.86 -13.23 -27.89
N GLN C 318 74.86 -13.52 -27.07
CA GLN C 318 76.09 -14.04 -27.64
C GLN C 318 76.22 -15.55 -27.45
N ASP C 319 75.90 -16.03 -26.26
CA ASP C 319 75.84 -17.48 -26.04
C ASP C 319 75.29 -18.16 -27.27
N GLU C 320 76.01 -19.15 -27.78
CA GLU C 320 75.58 -19.96 -28.95
C GLU C 320 74.29 -20.75 -28.68
N GLU C 321 73.68 -20.53 -27.53
CA GLU C 321 72.43 -21.17 -27.12
C GLU C 321 71.34 -20.10 -26.97
N ASN C 322 71.77 -18.85 -26.94
CA ASN C 322 70.91 -17.69 -26.77
C ASN C 322 70.65 -17.04 -28.11
N GLN C 323 71.67 -17.03 -28.96
CA GLN C 323 71.57 -16.33 -30.24
C GLN C 323 70.27 -16.63 -30.98
N LYS C 324 69.88 -17.89 -31.03
CA LYS C 324 68.74 -18.32 -31.85
C LYS C 324 67.46 -17.60 -31.46
N GLN C 325 67.39 -17.22 -30.20
CA GLN C 325 66.24 -16.50 -29.72
C GLN C 325 66.52 -15.02 -29.84
N CYS C 326 67.80 -14.69 -29.96
CA CYS C 326 68.20 -13.29 -30.05
C CYS C 326 68.12 -12.80 -31.50
N GLN C 327 68.07 -13.73 -32.44
CA GLN C 327 67.94 -13.38 -33.86
C GLN C 327 66.50 -13.54 -34.30
N ASP C 328 65.81 -14.56 -33.81
CA ASP C 328 64.40 -14.71 -34.10
C ASP C 328 63.67 -13.41 -33.73
N LEU C 329 63.83 -12.95 -32.48
CA LEU C 329 63.11 -11.76 -31.99
C LEU C 329 63.47 -10.46 -32.72
N GLY C 330 64.74 -10.26 -33.01
CA GLY C 330 65.13 -9.11 -33.79
C GLY C 330 64.55 -9.26 -35.17
N ALA C 331 64.43 -10.51 -35.60
CA ALA C 331 63.82 -10.80 -36.88
C ALA C 331 62.33 -10.95 -36.67
N PHE C 332 61.81 -10.25 -35.69
CA PHE C 332 60.40 -10.27 -35.44
C PHE C 332 60.07 -8.84 -35.18
N THR C 333 60.84 -8.21 -34.31
CA THR C 333 60.75 -6.79 -34.14
C THR C 333 60.86 -6.14 -35.51
N GLU C 334 61.80 -6.60 -36.30
CA GLU C 334 62.05 -5.89 -37.53
C GLU C 334 60.90 -6.02 -38.50
N SER C 335 60.24 -7.17 -38.54
CA SER C 335 59.10 -7.34 -39.45
C SER C 335 57.88 -6.51 -39.00
N MET C 336 57.52 -6.61 -37.73
CA MET C 336 56.36 -5.91 -37.16
C MET C 336 56.42 -4.41 -37.30
N VAL C 337 57.62 -3.85 -37.28
CA VAL C 337 57.77 -2.42 -37.24
C VAL C 337 57.77 -1.84 -38.64
N VAL C 338 58.21 -2.67 -39.59
CA VAL C 338 58.27 -2.30 -40.98
C VAL C 338 56.92 -2.49 -41.63
N PHE C 339 56.45 -3.74 -41.59
CA PHE C 339 55.31 -4.20 -42.38
C PHE C 339 53.97 -4.02 -41.69
N GLY C 340 53.96 -4.15 -40.37
CA GLY C 340 52.74 -4.02 -39.59
C GLY C 340 52.07 -5.38 -39.61
N CYS C 341 50.68 -5.30 -39.66
CA CYS C 341 50.06 -6.60 -39.84
C CYS C 341 49.33 -6.76 -41.18
N PRO C 342 49.45 -7.95 -41.77
CA PRO C 342 48.80 -8.24 -43.05
C PRO C 342 47.44 -7.55 -43.17
N ASN C 343 46.38 -8.24 -42.76
CA ASN C 343 45.04 -7.68 -42.82
C ASN C 343 44.97 -6.27 -42.25
N SER D 1 -22.59 63.10 -36.21
CA SER D 1 -21.87 62.02 -35.56
C SER D 1 -22.09 62.01 -34.05
N PRO D 2 -22.94 61.11 -33.57
CA PRO D 2 -22.81 60.68 -32.18
C PRO D 2 -22.12 59.31 -32.19
N MET D 3 -21.21 59.09 -31.24
CA MET D 3 -20.60 57.78 -31.06
C MET D 3 -21.16 57.13 -29.83
N TYR D 4 -21.57 55.88 -29.99
CA TYR D 4 -22.06 55.07 -28.88
C TYR D 4 -21.02 54.03 -28.50
N SER D 5 -20.77 53.88 -27.21
CA SER D 5 -19.66 53.03 -26.76
C SER D 5 -20.10 52.08 -25.63
N ILE D 6 -19.59 50.86 -25.69
CA ILE D 6 -20.05 49.76 -24.83
C ILE D 6 -18.89 49.04 -24.13
N ILE D 7 -18.88 49.08 -22.79
CA ILE D 7 -17.76 48.52 -22.03
C ILE D 7 -18.19 47.43 -21.03
N THR D 8 -17.48 46.30 -21.06
CA THR D 8 -17.65 45.24 -20.07
C THR D 8 -16.35 44.51 -19.87
N PRO D 9 -16.24 43.75 -18.77
CA PRO D 9 -15.03 42.95 -18.57
C PRO D 9 -14.74 42.02 -19.75
N ASN D 10 -13.44 41.81 -20.03
CA ASN D 10 -12.91 40.83 -21.01
C ASN D 10 -13.55 39.49 -20.91
N ILE D 11 -13.82 39.11 -19.66
CA ILE D 11 -14.39 37.81 -19.32
C ILE D 11 -15.62 38.04 -18.46
N LEU D 12 -16.71 37.36 -18.83
CA LEU D 12 -17.97 37.52 -18.14
C LEU D 12 -18.25 36.28 -17.37
N ARG D 13 -18.83 36.45 -16.18
CA ARG D 13 -19.09 35.31 -15.32
C ARG D 13 -20.58 34.96 -15.25
N LEU D 14 -20.85 33.67 -15.06
CA LEU D 14 -22.21 33.18 -15.02
C LEU D 14 -22.75 33.30 -13.62
N GLU D 15 -24.07 33.47 -13.53
CA GLU D 15 -24.78 33.57 -12.26
C GLU D 15 -24.18 34.64 -11.33
N SER D 16 -23.65 35.70 -11.92
CA SER D 16 -23.19 36.85 -11.12
C SER D 16 -23.43 38.13 -11.87
N GLU D 17 -23.67 39.19 -11.12
CA GLU D 17 -23.93 40.48 -11.71
C GLU D 17 -22.69 41.05 -12.38
N GLU D 18 -22.74 41.22 -13.69
CA GLU D 18 -21.75 42.03 -14.39
C GLU D 18 -22.35 43.40 -14.74
N THR D 19 -21.49 44.35 -15.05
CA THR D 19 -21.96 45.69 -15.36
C THR D 19 -21.55 46.07 -16.78
N MET D 20 -22.45 46.73 -17.48
CA MET D 20 -22.21 47.18 -18.83
C MET D 20 -22.21 48.67 -18.76
N VAL D 21 -21.20 49.30 -19.35
CA VAL D 21 -21.13 50.75 -19.24
C VAL D 21 -21.43 51.41 -20.56
N LEU D 22 -22.57 52.12 -20.58
CA LEU D 22 -23.15 52.63 -21.80
C LEU D 22 -22.89 54.11 -21.91
N GLU D 23 -22.51 54.55 -23.10
CA GLU D 23 -22.17 55.94 -23.32
C GLU D 23 -22.66 56.52 -24.63
N ALA D 24 -22.99 57.80 -24.58
CA ALA D 24 -23.43 58.53 -25.76
C ALA D 24 -22.56 59.76 -25.87
N HIS D 25 -21.71 59.78 -26.89
CA HIS D 25 -20.78 60.86 -27.08
C HIS D 25 -21.27 61.78 -28.18
N ASP D 26 -21.22 63.08 -27.94
CA ASP D 26 -21.66 64.06 -28.93
C ASP D 26 -23.12 63.80 -29.33
N ALA D 27 -23.98 63.58 -28.35
CA ALA D 27 -25.39 63.28 -28.61
C ALA D 27 -26.32 64.28 -27.95
N GLN D 28 -27.53 64.41 -28.49
CA GLN D 28 -28.49 65.36 -27.95
C GLN D 28 -29.69 64.68 -27.32
N GLY D 29 -29.95 65.03 -26.06
CA GLY D 29 -31.14 64.60 -25.35
C GLY D 29 -31.31 63.10 -25.19
N ASP D 30 -32.40 62.72 -24.51
CA ASP D 30 -32.67 61.31 -24.18
C ASP D 30 -32.33 60.30 -25.29
N VAL D 31 -31.71 59.21 -24.88
CA VAL D 31 -31.48 58.09 -25.79
C VAL D 31 -31.65 56.78 -25.06
N PRO D 32 -32.52 55.91 -25.60
CA PRO D 32 -32.93 54.67 -24.95
C PRO D 32 -31.98 53.54 -25.32
N VAL D 33 -31.46 52.83 -24.34
CA VAL D 33 -30.64 51.67 -24.65
C VAL D 33 -31.34 50.41 -24.19
N THR D 34 -31.36 49.42 -25.06
CA THR D 34 -31.84 48.11 -24.66
C THR D 34 -30.65 47.19 -24.87
N VAL D 35 -30.28 46.48 -23.82
CA VAL D 35 -29.09 45.66 -23.86
C VAL D 35 -29.41 44.16 -23.77
N THR D 36 -28.62 43.37 -24.47
CA THR D 36 -28.99 41.99 -24.68
C THR D 36 -27.82 41.08 -24.87
N VAL D 37 -27.90 39.92 -24.24
CA VAL D 37 -26.84 38.94 -24.34
C VAL D 37 -27.43 37.66 -24.90
N HIS D 38 -26.97 37.26 -26.09
CA HIS D 38 -27.40 36.01 -26.70
C HIS D 38 -26.26 34.98 -26.67
N ASP D 39 -26.61 33.72 -26.91
CA ASP D 39 -25.61 32.66 -27.03
C ASP D 39 -24.66 32.93 -28.20
N PHE D 40 -23.57 32.18 -28.29
CA PHE D 40 -22.71 32.28 -29.48
C PHE D 40 -22.29 30.97 -30.12
N PRO D 41 -22.55 30.81 -31.44
CA PRO D 41 -23.36 31.72 -32.26
C PRO D 41 -24.82 31.27 -32.42
N GLY D 42 -25.66 32.18 -32.87
CA GLY D 42 -27.08 31.92 -32.95
C GLY D 42 -27.86 32.93 -32.15
N LYS D 43 -29.03 32.50 -31.69
CA LYS D 43 -29.94 33.37 -30.99
C LYS D 43 -30.69 32.53 -29.97
N LYS D 44 -30.64 32.94 -28.71
CA LYS D 44 -31.26 32.21 -27.63
C LYS D 44 -31.83 33.26 -26.70
N LEU D 45 -31.05 34.31 -26.51
CA LEU D 45 -31.37 35.43 -25.63
C LEU D 45 -31.20 35.10 -24.14
N VAL D 46 -30.00 34.63 -23.81
CA VAL D 46 -29.60 34.31 -22.45
C VAL D 46 -29.87 35.45 -21.43
N LEU D 47 -30.04 36.67 -21.93
CA LEU D 47 -30.64 37.72 -21.12
C LEU D 47 -31.07 38.91 -21.93
N SER D 48 -32.36 39.22 -21.82
CA SER D 48 -32.95 40.33 -22.55
C SER D 48 -33.00 41.57 -21.68
N SER D 49 -33.47 41.39 -20.46
CA SER D 49 -33.79 42.51 -19.60
C SER D 49 -32.66 43.53 -19.62
N GLU D 50 -32.78 44.53 -18.76
CA GLU D 50 -31.85 45.64 -18.78
C GLU D 50 -32.15 46.51 -20.00
N LYS D 51 -32.69 47.67 -19.68
CA LYS D 51 -33.08 48.69 -20.62
C LYS D 51 -32.80 49.93 -19.79
N THR D 52 -32.41 51.01 -20.42
CA THR D 52 -32.23 52.26 -19.69
C THR D 52 -32.15 53.42 -20.67
N VAL D 53 -32.05 54.63 -20.13
CA VAL D 53 -31.98 55.80 -20.98
C VAL D 53 -30.88 56.72 -20.50
N LEU D 54 -30.16 57.26 -21.46
CA LEU D 54 -29.07 58.19 -21.19
C LEU D 54 -29.62 59.61 -21.31
N THR D 55 -29.27 60.46 -20.35
CA THR D 55 -29.82 61.80 -20.30
C THR D 55 -28.69 62.81 -20.23
N PRO D 56 -28.89 63.98 -20.84
CA PRO D 56 -27.89 65.06 -20.63
C PRO D 56 -27.73 65.45 -19.14
N ALA D 57 -28.65 64.97 -18.30
CA ALA D 57 -28.54 65.13 -16.85
C ALA D 57 -27.45 64.22 -16.29
N THR D 58 -27.23 63.09 -16.97
CA THR D 58 -26.16 62.17 -16.63
C THR D 58 -25.14 62.20 -17.77
N ASN D 59 -25.03 63.34 -18.45
CA ASN D 59 -24.09 63.54 -19.55
C ASN D 59 -24.01 62.35 -20.51
N HIS D 60 -25.03 61.51 -20.48
CA HIS D 60 -25.16 60.34 -21.36
C HIS D 60 -24.26 59.19 -20.91
N MET D 61 -24.26 58.88 -19.61
CA MET D 61 -23.45 57.78 -19.05
C MET D 61 -24.31 56.87 -18.15
N GLY D 62 -24.32 55.57 -18.42
CA GLY D 62 -25.22 54.65 -17.73
C GLY D 62 -24.74 53.26 -17.33
N ASN D 63 -25.37 52.71 -16.28
CA ASN D 63 -25.08 51.36 -15.80
C ASN D 63 -25.84 50.38 -16.68
N VAL D 64 -26.75 49.66 -16.01
CA VAL D 64 -27.42 48.40 -16.41
C VAL D 64 -26.58 47.19 -16.03
N THR D 65 -26.98 46.55 -14.94
CA THR D 65 -26.33 45.35 -14.47
C THR D 65 -27.18 44.18 -14.97
N PHE D 66 -26.53 43.22 -15.62
CA PHE D 66 -27.23 42.03 -16.10
C PHE D 66 -26.65 40.75 -15.53
N THR D 67 -27.43 39.69 -15.57
CA THR D 67 -26.96 38.39 -15.12
C THR D 67 -27.20 37.28 -16.13
N ILE D 68 -26.10 36.66 -16.53
CA ILE D 68 -26.11 35.57 -17.49
C ILE D 68 -26.21 34.23 -16.77
N PRO D 69 -27.38 33.56 -16.84
CA PRO D 69 -27.56 32.16 -16.46
C PRO D 69 -26.64 31.36 -17.37
N ALA D 70 -26.19 30.13 -17.07
CA ALA D 70 -26.67 29.20 -16.05
C ALA D 70 -27.79 28.33 -16.61
N ARG D 80 -13.35 23.68 -25.36
CA ARG D 80 -14.05 24.31 -26.47
C ARG D 80 -14.22 25.80 -26.23
N ASN D 81 -14.70 26.15 -25.05
CA ASN D 81 -14.80 27.55 -24.63
C ASN D 81 -16.07 28.24 -25.09
N LYS D 82 -16.80 28.81 -24.14
CA LYS D 82 -18.12 29.38 -24.42
C LYS D 82 -18.06 30.89 -24.62
N PHE D 83 -18.91 31.39 -25.50
CA PHE D 83 -18.96 32.82 -25.74
C PHE D 83 -20.41 33.28 -25.83
N VAL D 84 -20.65 34.51 -25.37
CA VAL D 84 -21.94 35.15 -25.53
C VAL D 84 -21.77 36.31 -26.47
N THR D 85 -22.89 36.84 -26.97
CA THR D 85 -22.86 38.06 -27.75
C THR D 85 -23.63 39.14 -27.02
N VAL D 86 -22.95 40.17 -26.56
CA VAL D 86 -23.63 41.32 -26.01
C VAL D 86 -24.06 42.21 -27.17
N GLN D 87 -25.17 42.92 -26.99
CA GLN D 87 -25.73 43.73 -28.07
C GLN D 87 -26.65 44.85 -27.57
N ALA D 88 -26.10 46.06 -27.47
CA ALA D 88 -26.87 47.17 -26.96
C ALA D 88 -27.32 48.03 -28.10
N THR D 89 -28.60 48.35 -28.09
CA THR D 89 -29.15 49.24 -29.09
C THR D 89 -29.37 50.63 -28.51
N PHE D 90 -28.65 51.61 -29.09
CA PHE D 90 -28.87 53.03 -28.81
C PHE D 90 -29.83 53.55 -29.91
N GLY D 91 -31.02 54.00 -29.53
CA GLY D 91 -32.03 54.37 -30.51
C GLY D 91 -32.15 53.33 -31.61
N THR D 92 -31.62 53.65 -32.79
CA THR D 92 -31.65 52.73 -33.92
C THR D 92 -30.30 52.06 -34.12
N GLN D 93 -29.22 52.79 -33.80
CA GLN D 93 -27.86 52.33 -34.03
C GLN D 93 -27.54 51.22 -33.04
N VAL D 94 -27.03 50.11 -33.54
CA VAL D 94 -26.83 48.93 -32.68
C VAL D 94 -25.38 48.47 -32.63
N VAL D 95 -24.84 48.48 -31.42
CA VAL D 95 -23.45 48.06 -31.15
C VAL D 95 -23.42 46.65 -30.53
N GLU D 96 -22.47 45.83 -31.00
CA GLU D 96 -22.37 44.47 -30.51
C GLU D 96 -20.93 43.96 -30.43
N LYS D 97 -20.61 43.30 -29.33
CA LYS D 97 -19.31 42.71 -29.15
C LYS D 97 -19.47 41.29 -28.65
N VAL D 98 -18.52 40.43 -28.97
CA VAL D 98 -18.52 39.05 -28.51
C VAL D 98 -17.49 38.87 -27.41
N VAL D 99 -17.99 38.53 -26.22
CA VAL D 99 -17.18 38.37 -25.02
C VAL D 99 -16.98 36.89 -24.61
N LEU D 100 -15.82 36.60 -24.03
CA LEU D 100 -15.51 35.28 -23.51
C LEU D 100 -16.27 35.06 -22.22
N VAL D 101 -16.67 33.82 -21.98
CA VAL D 101 -17.42 33.46 -20.75
C VAL D 101 -16.69 32.40 -19.91
N SER D 102 -16.92 32.44 -18.60
CA SER D 102 -16.22 31.55 -17.68
C SER D 102 -17.19 30.85 -16.73
N LEU D 103 -17.08 29.50 -16.65
CA LEU D 103 -17.96 28.69 -15.81
C LEU D 103 -17.55 28.73 -14.35
N GLN D 104 -16.48 29.46 -14.08
CA GLN D 104 -15.88 29.46 -12.76
C GLN D 104 -16.74 30.23 -11.80
N SER D 105 -17.41 29.48 -10.92
CA SER D 105 -18.42 30.01 -9.99
C SER D 105 -17.82 31.02 -9.02
N GLY D 106 -16.59 30.75 -8.61
CA GLY D 106 -15.88 31.56 -7.64
C GLY D 106 -14.66 30.81 -7.17
N TYR D 107 -14.46 30.80 -5.86
CA TYR D 107 -13.30 30.17 -5.22
C TYR D 107 -13.65 29.09 -4.21
N LEU D 108 -12.65 28.26 -3.88
CA LEU D 108 -12.77 27.32 -2.79
C LEU D 108 -11.56 27.49 -1.92
N PHE D 109 -11.79 27.44 -0.63
CA PHE D 109 -10.68 27.38 0.29
C PHE D 109 -10.89 26.24 1.26
N ILE D 110 -9.83 25.48 1.51
CA ILE D 110 -9.94 24.32 2.35
C ILE D 110 -9.14 24.51 3.65
N GLN D 111 -9.70 24.05 4.77
CA GLN D 111 -9.06 24.11 6.10
C GLN D 111 -8.99 22.74 6.74
N THR D 112 -7.79 22.34 7.16
CA THR D 112 -7.61 21.10 7.92
C THR D 112 -7.33 21.44 9.37
N ASP D 113 -7.95 20.72 10.30
CA ASP D 113 -7.70 20.99 11.69
C ASP D 113 -6.19 20.98 12.01
N LYS D 114 -5.45 20.01 11.48
CA LYS D 114 -4.00 20.05 11.68
C LYS D 114 -3.24 20.08 10.36
N THR D 115 -1.91 20.08 10.45
CA THR D 115 -1.06 20.08 9.28
C THR D 115 -0.53 18.69 9.09
N ILE D 116 -0.61 17.89 10.13
CA ILE D 116 -0.05 16.55 10.10
C ILE D 116 -0.89 15.59 10.95
N TYR D 117 -1.02 14.35 10.49
CA TYR D 117 -1.84 13.35 11.17
C TYR D 117 -1.20 11.97 11.28
N THR D 118 -1.64 11.21 12.27
CA THR D 118 -1.23 9.84 12.46
C THR D 118 -2.16 8.92 11.69
N PRO D 119 -1.66 7.76 11.26
CA PRO D 119 -2.60 6.75 10.76
C PRO D 119 -3.65 6.46 11.83
N GLY D 120 -4.88 6.21 11.39
CA GLY D 120 -5.94 5.86 12.30
C GLY D 120 -6.44 7.01 13.14
N SER D 121 -6.14 8.24 12.74
CA SER D 121 -6.83 9.37 13.32
C SER D 121 -7.86 9.85 12.31
N THR D 122 -8.55 10.93 12.62
CA THR D 122 -9.56 11.47 11.71
C THR D 122 -9.20 12.87 11.23
N VAL D 123 -9.06 13.04 9.93
CA VAL D 123 -8.85 14.38 9.39
C VAL D 123 -10.14 15.19 9.36
N LEU D 124 -10.11 16.35 9.99
CA LEU D 124 -11.27 17.24 10.02
C LEU D 124 -11.00 18.34 9.05
N TYR D 125 -11.92 18.61 8.15
CA TYR D 125 -11.65 19.65 7.20
C TYR D 125 -12.92 20.37 6.79
N ARG D 126 -12.79 21.66 6.56
CA ARG D 126 -13.89 22.46 6.08
C ARG D 126 -13.58 22.87 4.68
N ILE D 127 -14.59 23.32 3.97
CA ILE D 127 -14.43 23.82 2.60
C ILE D 127 -15.31 25.04 2.50
N PHE D 128 -14.72 26.16 2.10
CA PHE D 128 -15.46 27.39 2.01
C PHE D 128 -15.82 27.70 0.58
N THR D 129 -17.12 27.92 0.34
CA THR D 129 -17.57 28.17 -1.02
C THR D 129 -17.95 29.62 -1.22
N VAL D 130 -17.29 30.29 -2.17
CA VAL D 130 -17.49 31.73 -2.39
C VAL D 130 -17.39 32.15 -3.87
N ASN D 131 -18.06 33.25 -4.22
CA ASN D 131 -18.02 33.74 -5.59
C ASN D 131 -16.83 34.64 -5.80
N HIS D 132 -16.68 35.16 -7.02
CA HIS D 132 -15.43 35.83 -7.41
C HIS D 132 -15.24 37.19 -6.75
N LYS D 133 -16.10 37.47 -5.78
CA LYS D 133 -16.03 38.70 -4.99
C LYS D 133 -15.92 38.36 -3.51
N LEU D 134 -15.69 37.07 -3.25
CA LEU D 134 -15.41 36.54 -1.92
C LEU D 134 -16.63 36.34 -1.02
N LEU D 135 -17.83 36.51 -1.53
CA LEU D 135 -19.02 36.28 -0.69
C LEU D 135 -19.47 34.84 -0.73
N PRO D 136 -20.12 34.36 0.34
CA PRO D 136 -20.52 32.96 0.43
C PRO D 136 -21.60 32.64 -0.61
N VAL D 137 -21.82 31.37 -0.90
CA VAL D 137 -22.59 30.98 -2.07
C VAL D 137 -23.12 29.56 -1.88
N GLY D 138 -24.25 29.25 -2.51
CA GLY D 138 -24.78 27.90 -2.45
C GLY D 138 -24.52 27.12 -3.71
N ARG D 139 -23.62 26.14 -3.65
CA ARG D 139 -23.28 25.34 -4.83
C ARG D 139 -22.97 23.87 -4.53
N THR D 140 -22.72 23.11 -5.59
CA THR D 140 -22.41 21.70 -5.47
C THR D 140 -20.91 21.48 -5.73
N VAL D 141 -20.23 20.77 -4.85
CA VAL D 141 -18.78 20.60 -4.94
C VAL D 141 -18.35 19.15 -4.81
N MET D 142 -17.31 18.79 -5.56
CA MET D 142 -16.72 17.47 -5.44
C MET D 142 -15.45 17.59 -4.62
N VAL D 143 -15.24 16.68 -3.69
CA VAL D 143 -13.99 16.69 -2.96
C VAL D 143 -13.36 15.32 -3.09
N ASN D 144 -12.04 15.28 -2.95
CA ASN D 144 -11.21 14.12 -3.24
C ASN D 144 -10.03 14.10 -2.29
N ILE D 145 -9.83 13.00 -1.59
CA ILE D 145 -8.64 12.86 -0.79
C ILE D 145 -7.70 12.00 -1.61
N GLU D 146 -6.68 12.63 -2.19
CA GLU D 146 -5.65 11.92 -2.94
C GLU D 146 -4.49 11.44 -2.07
N ASN D 147 -4.11 10.18 -2.20
CA ASN D 147 -2.97 9.71 -1.44
C ASN D 147 -1.67 10.35 -1.97
N PRO D 148 -0.51 10.02 -1.37
CA PRO D 148 0.70 10.76 -1.75
C PRO D 148 1.25 10.37 -3.09
N GLU D 149 0.77 9.28 -3.68
CA GLU D 149 1.16 8.93 -5.05
C GLU D 149 0.10 9.36 -6.07
N GLY D 150 -0.89 10.12 -5.61
CA GLY D 150 -1.86 10.76 -6.48
C GLY D 150 -3.15 9.99 -6.70
N ILE D 151 -3.47 9.08 -5.78
CA ILE D 151 -4.63 8.25 -5.96
C ILE D 151 -5.81 8.77 -5.16
N PRO D 152 -6.89 9.19 -5.84
CA PRO D 152 -8.17 9.49 -5.19
C PRO D 152 -8.64 8.29 -4.34
N VAL D 153 -8.82 8.47 -3.04
CA VAL D 153 -9.17 7.35 -2.17
C VAL D 153 -10.42 7.63 -1.35
N LYS D 154 -11.13 8.68 -1.73
CA LYS D 154 -12.43 9.01 -1.13
C LYS D 154 -12.94 10.29 -1.76
N GLN D 155 -14.23 10.33 -2.08
CA GLN D 155 -14.83 11.57 -2.53
C GLN D 155 -16.27 11.69 -2.12
N ASP D 156 -16.62 12.91 -1.70
CA ASP D 156 -17.97 13.24 -1.37
C ASP D 156 -18.39 14.30 -2.36
N SER D 157 -19.62 14.20 -2.85
CA SER D 157 -20.20 15.23 -3.69
C SER D 157 -21.25 15.92 -2.84
N LEU D 158 -20.97 17.13 -2.42
CA LEU D 158 -21.83 17.79 -1.46
C LEU D 158 -22.27 19.17 -1.94
N SER D 159 -23.47 19.63 -1.56
CA SER D 159 -23.91 20.99 -1.94
C SER D 159 -23.98 21.93 -0.75
N SER D 160 -23.54 23.17 -0.94
CA SER D 160 -23.45 24.13 0.14
C SER D 160 -24.63 25.09 0.16
N GLN D 161 -25.71 24.67 -0.51
CA GLN D 161 -26.97 25.38 -0.40
C GLN D 161 -27.38 25.45 1.06
N ASN D 162 -27.77 26.64 1.51
CA ASN D 162 -28.22 26.82 2.88
C ASN D 162 -27.16 26.40 3.88
N GLN D 163 -25.95 26.20 3.37
CA GLN D 163 -24.85 25.83 4.22
C GLN D 163 -24.14 27.07 4.70
N LEU D 164 -24.40 28.18 4.01
CA LEU D 164 -23.87 29.48 4.39
C LEU D 164 -22.37 29.54 4.18
N GLY D 165 -21.92 28.93 3.09
CA GLY D 165 -20.54 29.03 2.68
C GLY D 165 -19.59 27.99 3.26
N VAL D 166 -20.06 27.23 4.25
CA VAL D 166 -19.18 26.30 4.94
C VAL D 166 -19.62 24.84 4.89
N LEU D 167 -18.74 23.98 4.39
CA LEU D 167 -19.01 22.55 4.26
C LEU D 167 -18.10 21.75 5.16
N PRO D 168 -18.57 21.41 6.38
CA PRO D 168 -17.74 20.57 7.25
C PRO D 168 -17.73 19.16 6.73
N LEU D 169 -16.58 18.52 6.80
CA LEU D 169 -16.44 17.16 6.33
C LEU D 169 -15.50 16.43 7.27
N SER D 170 -15.29 15.15 7.00
CA SER D 170 -14.22 14.44 7.67
C SER D 170 -13.81 13.23 6.85
N TRP D 171 -12.76 12.57 7.29
CA TRP D 171 -12.30 11.33 6.69
C TRP D 171 -11.39 10.65 7.68
N ASP D 172 -11.68 9.38 8.00
CA ASP D 172 -10.79 8.64 8.90
C ASP D 172 -9.67 7.95 8.10
N ILE D 173 -8.44 8.23 8.49
CA ILE D 173 -7.33 7.52 7.92
C ILE D 173 -7.29 6.10 8.49
N PRO D 174 -7.19 5.10 7.60
CA PRO D 174 -7.06 3.69 7.98
C PRO D 174 -5.74 3.52 8.69
N GLU D 175 -5.67 2.55 9.60
CA GLU D 175 -4.46 2.35 10.37
C GLU D 175 -3.36 1.99 9.39
N LEU D 176 -3.75 1.34 8.31
CA LEU D 176 -2.83 0.87 7.29
C LEU D 176 -2.84 1.83 6.10
N VAL D 177 -1.79 2.63 5.97
CA VAL D 177 -1.83 3.65 4.93
C VAL D 177 -0.48 4.24 4.63
N ASN D 178 -0.37 4.81 3.43
CA ASN D 178 0.87 5.39 2.92
C ASN D 178 1.30 6.66 3.64
N MET D 179 2.48 6.61 4.26
CA MET D 179 3.04 7.78 4.90
C MET D 179 3.39 8.83 3.84
N GLY D 180 3.33 10.10 4.20
CA GLY D 180 3.76 11.15 3.30
C GLY D 180 2.71 12.22 3.06
N GLN D 181 2.94 13.07 2.05
CA GLN D 181 2.06 14.22 1.81
C GLN D 181 0.79 13.93 1.02
N TRP D 182 -0.35 13.91 1.70
CA TRP D 182 -1.65 13.74 1.08
C TRP D 182 -2.15 15.09 0.60
N LYS D 183 -3.16 15.09 -0.26
CA LYS D 183 -3.78 16.31 -0.78
C LYS D 183 -5.29 16.21 -0.72
N ILE D 184 -5.95 17.35 -0.56
CA ILE D 184 -7.41 17.40 -0.67
C ILE D 184 -7.74 18.29 -1.86
N ARG D 185 -8.28 17.69 -2.91
CA ARG D 185 -8.55 18.45 -4.11
C ARG D 185 -10.04 18.68 -4.21
N ALA D 186 -10.43 19.91 -4.47
CA ALA D 186 -11.85 20.25 -4.53
C ALA D 186 -12.16 21.15 -5.73
N TYR D 187 -13.30 20.90 -6.38
CA TYR D 187 -13.68 21.66 -7.55
C TYR D 187 -15.20 21.79 -7.59
N TYR D 188 -15.69 22.88 -8.21
CA TYR D 188 -17.12 23.10 -8.40
C TYR D 188 -17.64 22.16 -9.47
N GLU D 189 -18.84 21.62 -9.29
CA GLU D 189 -19.44 20.68 -10.25
C GLU D 189 -19.31 21.26 -11.64
N ASN D 190 -19.58 22.56 -11.73
CA ASN D 190 -19.65 23.27 -13.01
C ASN D 190 -18.29 23.65 -13.58
N SER D 191 -17.29 23.81 -12.72
CA SER D 191 -15.94 24.20 -13.16
C SER D 191 -14.85 23.15 -12.88
N PRO D 192 -15.07 21.89 -13.30
CA PRO D 192 -14.14 20.79 -13.02
C PRO D 192 -12.68 20.99 -13.42
N GLN D 193 -12.41 21.91 -14.35
CA GLN D 193 -11.04 22.18 -14.77
C GLN D 193 -10.31 23.05 -13.75
N GLN D 194 -11.05 23.99 -13.15
CA GLN D 194 -10.53 24.83 -12.06
C GLN D 194 -10.56 24.10 -10.69
N VAL D 195 -9.42 23.58 -10.25
CA VAL D 195 -9.34 22.74 -9.04
C VAL D 195 -8.61 23.46 -7.91
N PHE D 196 -8.90 23.05 -6.67
CA PHE D 196 -8.32 23.68 -5.47
C PHE D 196 -7.71 22.64 -4.52
N SER D 197 -6.59 22.98 -3.89
CA SER D 197 -5.84 21.99 -3.12
C SER D 197 -5.28 22.51 -1.79
N THR D 198 -5.29 21.67 -0.76
CA THR D 198 -4.40 21.83 0.40
C THR D 198 -3.68 20.53 0.54
N GLU D 199 -2.57 20.53 1.26
CA GLU D 199 -1.90 19.28 1.56
C GLU D 199 -2.00 19.00 3.04
N PHE D 200 -1.67 17.77 3.43
CA PHE D 200 -1.40 17.44 4.84
C PHE D 200 -0.50 16.22 4.96
N GLU D 201 0.45 16.27 5.87
CA GLU D 201 1.34 15.14 6.10
C GLU D 201 0.69 14.02 6.94
N VAL D 202 0.73 12.79 6.45
CA VAL D 202 0.46 11.65 7.31
C VAL D 202 1.81 11.08 7.72
N LYS D 203 1.92 10.69 8.98
CA LYS D 203 3.19 10.27 9.54
C LYS D 203 2.97 9.55 10.85
N GLU D 204 3.97 8.80 11.29
CA GLU D 204 3.95 8.23 12.62
C GLU D 204 4.78 9.16 13.49
N TYR D 205 4.25 9.58 14.64
CA TYR D 205 4.93 10.57 15.46
C TYR D 205 4.23 10.77 16.80
N VAL D 206 4.85 11.58 17.66
CA VAL D 206 4.25 12.01 18.89
C VAL D 206 4.71 13.43 19.12
N LEU D 207 3.79 14.28 19.56
CA LEU D 207 4.08 15.67 19.86
C LEU D 207 5.28 15.77 20.77
N PRO D 208 6.24 16.62 20.39
CA PRO D 208 7.40 16.89 21.23
C PRO D 208 6.92 17.78 22.35
N SER D 209 7.75 17.98 23.38
CA SER D 209 7.35 18.81 24.53
C SER D 209 7.84 20.26 24.43
N PHE D 210 8.78 20.51 23.53
CA PHE D 210 9.26 21.86 23.32
C PHE D 210 9.46 22.10 21.84
N GLU D 211 9.63 23.38 21.47
CA GLU D 211 9.93 23.80 20.10
C GLU D 211 11.33 24.34 20.00
N VAL D 212 11.85 24.32 18.78
CA VAL D 212 13.24 24.71 18.48
C VAL D 212 13.26 25.64 17.32
N ILE D 213 13.96 26.75 17.46
CA ILE D 213 13.91 27.84 16.52
C ILE D 213 15.31 28.19 16.10
N VAL D 214 15.57 28.19 14.81
CA VAL D 214 16.85 28.72 14.30
C VAL D 214 16.69 29.89 13.32
N GLU D 215 17.28 31.03 13.66
CA GLU D 215 17.30 32.16 12.73
C GLU D 215 18.74 32.58 12.57
N PRO D 216 19.19 32.69 11.31
CA PRO D 216 20.42 33.42 10.97
C PRO D 216 20.30 34.89 11.40
N THR D 217 21.41 35.52 11.80
CA THR D 217 21.37 36.91 12.21
C THR D 217 21.09 37.83 11.04
N GLU D 218 21.21 37.32 9.82
CA GLU D 218 20.78 38.03 8.61
C GLU D 218 19.92 37.06 7.80
N LYS D 219 18.92 37.56 7.09
CA LYS D 219 18.07 36.64 6.33
C LYS D 219 18.71 36.26 4.98
N PHE D 220 20.04 36.18 4.97
CA PHE D 220 20.84 35.92 3.77
C PHE D 220 22.34 35.84 4.06
N TYR D 221 23.11 35.37 3.07
CA TYR D 221 24.55 35.39 3.21
C TYR D 221 25.23 36.26 2.13
N TYR D 222 26.07 37.19 2.55
CA TYR D 222 26.89 37.96 1.64
C TYR D 222 28.23 37.24 1.48
N ILE D 223 28.57 36.79 0.25
CA ILE D 223 29.77 35.97 0.01
C ILE D 223 31.11 36.62 0.31
N TYR D 224 31.09 37.83 0.82
CA TYR D 224 32.35 38.44 1.20
C TYR D 224 32.33 38.81 2.67
N ASN D 225 31.22 38.49 3.34
CA ASN D 225 31.13 38.65 4.78
C ASN D 225 31.91 37.52 5.45
N GLU D 226 33.14 37.79 5.88
CA GLU D 226 34.00 36.75 6.40
C GLU D 226 33.65 36.27 7.82
N LYS D 227 32.79 37.01 8.52
CA LYS D 227 32.34 36.52 9.83
C LYS D 227 31.67 35.15 9.68
N GLY D 228 31.22 34.87 8.46
CA GLY D 228 30.50 33.64 8.16
C GLY D 228 29.01 33.89 8.29
N LEU D 229 28.28 32.79 8.43
CA LEU D 229 26.84 32.84 8.63
C LEU D 229 26.56 32.55 10.08
N GLU D 230 26.11 33.56 10.82
CA GLU D 230 25.92 33.40 12.26
C GLU D 230 24.47 33.10 12.63
N VAL D 231 24.30 32.06 13.43
CA VAL D 231 22.98 31.52 13.73
C VAL D 231 22.65 31.53 15.23
N THR D 232 21.38 31.76 15.56
CA THR D 232 20.93 31.53 16.92
C THR D 232 19.97 30.37 16.99
N ILE D 233 20.15 29.52 17.99
CA ILE D 233 19.27 28.40 18.23
C ILE D 233 18.49 28.65 19.50
N THR D 234 17.18 28.77 19.36
CA THR D 234 16.31 28.98 20.51
C THR D 234 15.46 27.76 20.81
N ALA D 235 15.40 27.36 22.08
CA ALA D 235 14.54 26.26 22.51
C ALA D 235 13.64 26.69 23.69
N ARG D 236 12.42 26.17 23.75
CA ARG D 236 11.49 26.57 24.82
C ARG D 236 10.26 25.67 24.85
N PHE D 237 10.01 25.03 25.98
CA PHE D 237 8.83 24.19 26.13
C PHE D 237 7.58 24.89 25.65
N LEU D 238 6.69 24.14 25.05
CA LEU D 238 5.48 24.71 24.45
C LEU D 238 4.66 25.52 25.44
N TYR D 239 5.05 25.56 26.70
CA TYR D 239 4.27 26.31 27.69
C TYR D 239 4.95 27.59 28.21
N GLY D 240 6.09 27.93 27.62
CA GLY D 240 6.78 29.13 28.01
C GLY D 240 8.19 28.83 28.42
N LYS D 241 8.33 28.18 29.57
CA LYS D 241 9.64 28.01 30.21
C LYS D 241 10.83 27.67 29.27
N LYS D 242 11.99 28.28 29.55
CA LYS D 242 13.19 28.14 28.71
C LYS D 242 13.77 26.74 28.81
N VAL D 243 14.45 26.30 27.76
CA VAL D 243 14.93 24.92 27.69
C VAL D 243 16.40 24.77 28.02
N GLU D 244 16.74 23.72 28.76
CA GLU D 244 18.13 23.41 29.06
C GLU D 244 18.52 22.16 28.32
N GLY D 245 19.54 22.27 27.50
CA GLY D 245 20.00 21.08 26.80
C GLY D 245 21.25 21.28 25.95
N THR D 246 21.47 20.31 25.08
CA THR D 246 22.60 20.32 24.17
C THR D 246 22.08 20.23 22.74
N ALA D 247 22.80 20.81 21.78
CA ALA D 247 22.27 20.93 20.43
C ALA D 247 23.29 20.59 19.36
N PHE D 248 22.84 19.88 18.32
CA PHE D 248 23.69 19.58 17.16
C PHE D 248 23.25 20.37 15.94
N VAL D 249 24.13 21.20 15.41
CA VAL D 249 23.81 21.92 14.17
C VAL D 249 24.83 21.71 13.05
N ILE D 250 24.34 21.25 11.91
CA ILE D 250 25.16 21.08 10.73
C ILE D 250 24.54 21.96 9.67
N PHE D 251 25.34 22.39 8.69
CA PHE D 251 24.79 23.19 7.59
C PHE D 251 24.72 22.41 6.28
N GLY D 252 24.52 23.15 5.19
CA GLY D 252 24.42 22.56 3.87
C GLY D 252 23.97 23.56 2.80
N ILE D 253 24.14 23.18 1.53
CA ILE D 253 23.87 24.08 0.42
C ILE D 253 22.82 23.47 -0.46
N GLN D 254 21.90 24.31 -0.93
CA GLN D 254 20.80 23.85 -1.79
C GLN D 254 20.87 24.54 -3.15
N ASP D 255 20.77 23.74 -4.22
CA ASP D 255 20.80 24.25 -5.59
C ASP D 255 20.49 23.12 -6.55
N GLY D 256 19.27 23.07 -7.06
CA GLY D 256 18.23 23.95 -6.62
C GLY D 256 17.33 23.11 -5.74
N GLU D 257 17.13 21.86 -6.14
CA GLU D 257 16.47 20.88 -5.29
C GLU D 257 17.52 19.88 -4.87
N GLN D 258 18.77 20.20 -5.17
CA GLN D 258 19.86 19.36 -4.76
C GLN D 258 20.49 19.89 -3.46
N ARG D 259 20.59 19.05 -2.44
CA ARG D 259 21.21 19.45 -1.18
C ARG D 259 22.54 18.76 -0.97
N ILE D 260 23.50 19.52 -0.47
CA ILE D 260 24.83 18.98 -0.16
C ILE D 260 25.19 19.33 1.27
N SER D 261 25.35 18.33 2.13
CA SER D 261 25.67 18.64 3.50
C SER D 261 27.12 19.07 3.60
N LEU D 262 27.44 19.88 4.60
CA LEU D 262 28.81 20.28 4.83
C LEU D 262 29.27 19.62 6.11
N PRO D 263 29.61 18.34 6.03
CA PRO D 263 29.91 17.64 7.28
C PRO D 263 30.94 18.39 8.14
N GLU D 264 31.89 19.09 7.52
CA GLU D 264 32.92 19.77 8.27
C GLU D 264 32.33 20.88 9.15
N SER D 265 31.04 21.16 8.95
CA SER D 265 30.38 22.28 9.59
C SER D 265 29.69 21.91 10.90
N LEU D 266 29.48 20.61 11.10
CA LEU D 266 28.68 20.08 12.20
C LEU D 266 29.26 20.36 13.58
N LYS D 267 28.47 21.01 14.44
CA LYS D 267 28.95 21.42 15.75
C LYS D 267 28.00 21.01 16.88
N ARG D 268 28.56 20.70 18.05
CA ARG D 268 27.78 20.39 19.23
C ARG D 268 27.93 21.48 20.27
N ILE D 269 26.83 22.13 20.60
CA ILE D 269 26.89 23.28 21.48
C ILE D 269 25.79 23.20 22.54
N PRO D 270 26.07 23.69 23.75
CA PRO D 270 25.10 23.67 24.84
C PRO D 270 24.01 24.74 24.65
N ILE D 271 22.82 24.44 25.16
CA ILE D 271 21.70 25.36 25.12
C ILE D 271 21.39 25.78 26.53
N GLU D 272 21.70 27.03 26.86
CA GLU D 272 21.62 27.49 28.24
C GLU D 272 20.69 28.69 28.35
N ASP D 273 19.75 28.65 29.30
CA ASP D 273 18.70 29.66 29.37
C ASP D 273 18.01 29.73 28.01
N GLY D 274 17.84 28.56 27.40
CA GLY D 274 17.09 28.41 26.17
C GLY D 274 17.77 28.95 24.94
N SER D 275 19.10 29.04 24.97
CA SER D 275 19.82 29.58 23.83
C SER D 275 21.22 29.03 23.69
N GLY D 276 21.58 28.72 22.46
CA GLY D 276 22.97 28.47 22.11
C GLY D 276 23.31 29.31 20.91
N GLU D 277 24.57 29.26 20.47
CA GLU D 277 25.00 30.03 19.30
C GLU D 277 25.96 29.21 18.48
N VAL D 278 25.91 29.38 17.17
CA VAL D 278 26.75 28.60 16.26
C VAL D 278 27.06 29.40 15.00
N VAL D 279 28.13 29.03 14.32
CA VAL D 279 28.54 29.73 13.12
C VAL D 279 29.10 28.78 12.09
N LEU D 280 28.87 29.12 10.83
CA LEU D 280 29.43 28.41 9.69
C LEU D 280 30.50 29.30 9.09
N SER D 281 31.76 29.14 9.52
CA SER D 281 32.82 30.02 9.05
C SER D 281 32.88 30.07 7.51
N ARG D 282 33.24 31.24 6.99
CA ARG D 282 33.28 31.44 5.54
C ARG D 282 34.21 30.38 4.96
N LYS D 283 35.31 30.16 5.68
CA LYS D 283 36.30 29.15 5.32
C LYS D 283 35.62 27.85 4.96
N VAL D 284 34.96 27.25 5.94
CA VAL D 284 34.43 25.90 5.83
C VAL D 284 33.40 25.76 4.71
N LEU D 285 32.71 26.85 4.39
CA LEU D 285 31.70 26.87 3.32
C LEU D 285 32.37 26.65 1.99
N LEU D 286 33.40 27.44 1.73
CA LEU D 286 34.12 27.38 0.47
C LEU D 286 34.93 26.11 0.32
N ASP D 287 35.70 25.75 1.35
CA ASP D 287 36.42 24.48 1.37
C ASP D 287 35.42 23.34 1.16
N GLY D 288 34.19 23.56 1.59
CA GLY D 288 33.14 22.56 1.45
C GLY D 288 32.71 22.38 0.00
N VAL D 289 31.95 23.33 -0.53
CA VAL D 289 31.41 23.22 -1.89
C VAL D 289 32.47 23.16 -3.00
N GLN D 290 33.46 24.04 -2.91
CA GLN D 290 34.62 24.05 -3.81
C GLN D 290 34.39 24.17 -5.33
N ASN D 291 33.45 25.00 -5.77
CA ASN D 291 33.29 25.23 -7.20
C ASN D 291 34.23 26.36 -7.61
N PRO D 292 34.75 26.38 -8.84
CA PRO D 292 35.65 27.50 -9.12
C PRO D 292 35.72 28.63 -8.08
N ARG D 293 34.77 29.56 -8.05
CA ARG D 293 34.85 30.69 -7.14
C ARG D 293 33.58 30.87 -6.30
N ALA D 294 33.76 31.41 -5.10
CA ALA D 294 32.64 31.68 -4.22
C ALA D 294 31.54 32.39 -5.00
N GLU D 295 31.94 33.31 -5.88
CA GLU D 295 31.00 34.00 -6.74
C GLU D 295 30.06 32.99 -7.39
N ASP D 296 30.57 31.78 -7.59
CA ASP D 296 29.77 30.69 -8.15
C ASP D 296 28.51 30.43 -7.32
N LEU D 297 28.61 30.65 -6.02
CA LEU D 297 27.58 30.30 -5.05
C LEU D 297 26.42 31.25 -5.05
N VAL D 298 26.59 32.40 -5.70
CA VAL D 298 25.51 33.38 -5.74
C VAL D 298 24.30 32.84 -6.48
N GLY D 299 23.13 32.94 -5.85
CA GLY D 299 21.92 32.41 -6.42
C GLY D 299 21.54 31.06 -5.83
N LYS D 300 22.45 30.52 -5.03
CA LYS D 300 22.19 29.26 -4.34
C LYS D 300 21.75 29.61 -2.92
N SER D 301 21.22 28.64 -2.21
CA SER D 301 20.67 28.90 -0.89
C SER D 301 21.41 28.07 0.17
N LEU D 302 21.27 28.48 1.43
CA LEU D 302 21.91 27.78 2.53
C LEU D 302 20.85 27.19 3.48
N TYR D 303 21.19 26.11 4.17
CA TYR D 303 20.34 25.62 5.26
C TYR D 303 21.07 25.23 6.55
N VAL D 304 20.39 25.45 7.68
CA VAL D 304 20.91 25.12 8.99
C VAL D 304 20.00 24.06 9.52
N SER D 305 20.56 22.93 9.96
CA SER D 305 19.77 21.85 10.53
C SER D 305 20.14 21.58 12.00
N ALA D 306 19.23 21.93 12.90
CA ALA D 306 19.49 21.86 14.34
C ALA D 306 18.72 20.74 15.04
N THR D 307 19.42 20.01 15.92
CA THR D 307 18.81 18.91 16.62
C THR D 307 19.15 19.06 18.09
N VAL D 308 18.12 19.12 18.92
CA VAL D 308 18.30 19.49 20.30
C VAL D 308 17.84 18.40 21.27
N ILE D 309 18.74 18.04 22.20
CA ILE D 309 18.44 16.99 23.14
C ILE D 309 18.40 17.52 24.55
N LEU D 310 17.25 17.38 25.21
CA LEU D 310 17.12 17.80 26.60
C LEU D 310 18.12 17.03 27.40
N HIS D 311 18.48 17.53 28.59
CA HIS D 311 19.52 16.86 29.35
C HIS D 311 19.03 15.55 29.95
N SER D 312 17.73 15.42 30.15
CA SER D 312 17.16 14.18 30.64
C SER D 312 17.36 13.05 29.61
N GLY D 313 17.51 13.41 28.35
CA GLY D 313 17.54 12.42 27.29
C GLY D 313 16.13 12.03 26.89
N SER D 314 15.17 12.51 27.68
CA SER D 314 13.78 12.08 27.56
C SER D 314 13.11 12.61 26.31
N ASP D 315 13.39 13.85 25.96
CA ASP D 315 12.79 14.43 24.76
C ASP D 315 13.86 14.92 23.81
N MET D 316 13.54 14.90 22.52
CA MET D 316 14.47 15.36 21.51
C MET D 316 13.65 16.01 20.41
N VAL D 317 14.25 16.92 19.66
CA VAL D 317 13.54 17.71 18.65
C VAL D 317 14.46 18.15 17.51
N GLN D 318 14.03 17.97 16.25
CA GLN D 318 14.79 18.43 15.09
C GLN D 318 14.08 19.60 14.45
N ALA D 319 14.80 20.36 13.65
CA ALA D 319 14.27 21.63 13.18
C ALA D 319 15.21 22.23 12.15
N GLU D 320 14.69 23.14 11.32
CA GLU D 320 15.45 23.60 10.17
C GLU D 320 15.03 24.97 9.72
N ARG D 321 16.02 25.82 9.45
CA ARG D 321 15.82 26.98 8.60
C ARG D 321 16.49 26.75 7.25
N SER D 322 15.75 26.95 6.18
CA SER D 322 16.25 26.62 4.87
C SER D 322 16.09 27.84 3.97
N GLY D 323 16.78 27.79 2.84
CA GLY D 323 16.69 28.83 1.84
C GLY D 323 17.21 30.18 2.27
N ILE D 324 18.37 30.21 2.88
CA ILE D 324 19.07 31.47 3.11
C ILE D 324 19.87 31.72 1.84
N PRO D 325 19.51 32.78 1.09
CA PRO D 325 20.13 32.99 -0.21
C PRO D 325 21.57 33.50 -0.09
N ILE D 326 22.43 33.09 -1.00
CA ILE D 326 23.76 33.67 -1.08
C ILE D 326 23.65 34.81 -2.08
N VAL D 327 24.05 36.01 -1.69
CA VAL D 327 23.84 37.22 -2.47
C VAL D 327 25.02 38.16 -2.49
N THR D 328 25.14 38.96 -3.55
CA THR D 328 26.18 39.96 -3.61
C THR D 328 25.60 41.22 -3.05
N SER D 329 24.28 41.20 -2.93
CA SER D 329 23.57 42.37 -2.43
C SER D 329 22.36 42.06 -1.53
N PRO D 330 22.17 42.91 -0.52
CA PRO D 330 21.11 42.84 0.48
C PRO D 330 19.72 43.03 -0.13
N TYR D 331 19.64 43.38 -1.42
CA TYR D 331 18.35 43.70 -2.05
C TYR D 331 18.18 43.16 -3.45
N GLN D 332 16.95 43.31 -3.95
CA GLN D 332 16.60 42.96 -5.32
C GLN D 332 15.63 44.04 -5.81
N ILE D 333 15.67 44.35 -7.10
CA ILE D 333 14.77 45.34 -7.66
C ILE D 333 13.79 44.71 -8.66
N HIS D 334 12.55 45.21 -8.65
CA HIS D 334 11.48 44.60 -9.44
C HIS D 334 10.57 45.56 -10.23
N PHE D 335 10.54 45.39 -11.55
CA PHE D 335 9.70 46.23 -12.38
C PHE D 335 8.37 45.57 -12.68
N THR D 336 8.02 44.59 -11.86
CA THR D 336 6.83 43.79 -12.09
C THR D 336 5.61 44.61 -11.78
N LYS D 337 5.78 45.73 -11.10
CA LYS D 337 4.65 46.59 -10.80
C LYS D 337 4.59 47.83 -11.69
N THR D 338 5.50 47.92 -12.67
CA THR D 338 5.60 49.09 -13.51
C THR D 338 5.13 48.81 -14.92
N PRO D 339 4.30 49.70 -15.48
CA PRO D 339 3.76 49.55 -16.83
C PRO D 339 4.89 49.46 -17.86
N LYS D 340 4.76 48.64 -18.89
CA LYS D 340 5.83 48.54 -19.89
C LYS D 340 5.62 49.36 -21.17
N TYR D 341 4.86 50.46 -21.05
CA TYR D 341 4.49 51.32 -22.17
C TYR D 341 4.49 52.72 -21.69
N PHE D 342 5.26 53.56 -22.37
CA PHE D 342 5.34 54.97 -22.02
C PHE D 342 4.76 55.85 -23.13
N LYS D 343 4.33 57.05 -22.74
CA LYS D 343 3.79 58.01 -23.67
C LYS D 343 4.86 59.07 -24.00
N PRO D 344 5.49 58.97 -25.20
CA PRO D 344 6.60 59.82 -25.66
C PRO D 344 6.43 61.32 -25.36
N GLY D 345 7.51 61.97 -24.93
CA GLY D 345 7.45 63.35 -24.49
C GLY D 345 6.43 63.58 -23.39
N MET D 346 6.50 62.76 -22.35
CA MET D 346 5.55 62.84 -21.25
C MET D 346 6.27 62.30 -20.04
N PRO D 347 5.60 62.27 -18.89
CA PRO D 347 6.32 61.49 -17.87
C PRO D 347 6.21 59.98 -18.15
N PHE D 348 7.16 59.24 -17.58
CA PHE D 348 7.01 57.80 -17.48
C PHE D 348 7.20 57.42 -16.02
N ASP D 349 6.14 56.95 -15.36
CA ASP D 349 6.26 56.70 -13.92
C ASP D 349 6.69 55.25 -13.66
N LEU D 350 7.71 55.06 -12.82
CA LEU D 350 8.16 53.71 -12.47
C LEU D 350 7.79 53.39 -11.05
N MET D 351 7.09 52.28 -10.85
CA MET D 351 6.93 51.75 -9.49
C MET D 351 8.04 50.75 -9.25
N VAL D 352 9.08 51.21 -8.56
CA VAL D 352 10.20 50.36 -8.25
C VAL D 352 9.88 49.61 -6.97
N PHE D 353 9.98 48.29 -7.05
CA PHE D 353 9.64 47.43 -5.93
C PHE D 353 10.93 46.79 -5.45
N VAL D 354 11.33 47.16 -4.24
CA VAL D 354 12.60 46.69 -3.69
C VAL D 354 12.39 45.70 -2.59
N THR D 355 12.82 44.46 -2.80
CA THR D 355 12.67 43.42 -1.79
C THR D 355 13.99 43.03 -1.15
N ASN D 356 13.88 42.30 -0.06
CA ASN D 356 15.03 41.68 0.56
C ASN D 356 15.29 40.37 -0.16
N PRO D 357 16.35 39.65 0.26
CA PRO D 357 16.69 38.45 -0.52
C PRO D 357 15.68 37.33 -0.37
N ASP D 358 14.97 37.29 0.77
CA ASP D 358 14.00 36.23 0.99
C ASP D 358 12.70 36.48 0.23
N GLY D 359 12.27 37.73 0.19
CA GLY D 359 11.11 38.12 -0.59
C GLY D 359 10.35 39.29 -0.01
N SER D 360 10.54 39.53 1.28
CA SER D 360 9.85 40.60 2.00
C SER D 360 10.13 41.90 1.30
N PRO D 361 9.20 42.86 1.42
CA PRO D 361 9.52 44.24 1.04
C PRO D 361 10.59 44.85 1.95
N ALA D 362 11.52 45.60 1.35
CA ALA D 362 12.53 46.35 2.09
C ALA D 362 11.99 47.75 2.23
N TYR D 363 12.26 48.40 3.36
CA TYR D 363 11.64 49.68 3.68
C TYR D 363 12.67 50.80 3.91
N ARG D 364 12.36 52.00 3.43
CA ARG D 364 13.28 53.12 3.56
C ARG D 364 14.55 52.98 2.70
N VAL D 365 14.43 52.31 1.56
CA VAL D 365 15.58 52.10 0.68
C VAL D 365 15.63 53.07 -0.50
N PRO D 366 16.65 53.94 -0.53
CA PRO D 366 16.72 54.90 -1.63
C PRO D 366 17.10 54.22 -2.94
N VAL D 367 16.43 54.60 -4.03
CA VAL D 367 16.79 54.11 -5.36
C VAL D 367 16.87 55.27 -6.34
N ALA D 368 17.75 55.20 -7.33
CA ALA D 368 17.84 56.23 -8.34
C ALA D 368 18.08 55.62 -9.69
N VAL D 369 17.86 56.38 -10.75
CA VAL D 369 18.10 55.90 -12.10
C VAL D 369 19.60 55.93 -12.47
N GLN D 370 19.93 55.68 -13.74
CA GLN D 370 21.34 55.58 -14.17
C GLN D 370 22.13 56.90 -14.12
N GLY D 371 23.19 56.87 -13.32
CA GLY D 371 23.87 58.08 -12.88
C GLY D 371 23.07 58.58 -11.69
N GLU D 372 22.12 59.47 -11.98
CA GLU D 372 21.27 60.12 -10.96
C GLU D 372 21.93 60.22 -9.59
N ASP D 373 22.79 61.24 -9.42
CA ASP D 373 22.77 62.47 -10.22
C ASP D 373 21.52 63.14 -9.66
N THR D 374 21.53 63.32 -8.33
CA THR D 374 20.33 63.63 -7.56
C THR D 374 19.23 62.61 -7.86
N VAL D 375 18.04 63.10 -8.24
CA VAL D 375 16.85 62.26 -8.41
C VAL D 375 16.50 61.61 -7.06
N GLN D 376 16.50 60.29 -7.00
CA GLN D 376 16.31 59.53 -5.75
C GLN D 376 14.93 59.67 -5.10
N SER D 377 14.43 58.55 -4.56
CA SER D 377 13.24 58.52 -3.72
C SER D 377 13.30 57.28 -2.83
N LEU D 378 12.66 57.36 -1.67
CA LEU D 378 12.74 56.27 -0.70
C LEU D 378 11.59 55.30 -0.77
N THR D 379 11.96 54.03 -0.76
CA THR D 379 11.03 52.91 -0.73
C THR D 379 10.05 53.06 0.45
N GLN D 380 8.77 52.81 0.21
CA GLN D 380 7.76 52.92 1.26
C GLN D 380 7.52 51.59 1.94
N GLY D 381 6.56 51.57 2.84
CA GLY D 381 6.23 50.36 3.58
C GLY D 381 6.14 49.08 2.76
N ASP D 382 5.42 49.15 1.64
CA ASP D 382 5.17 47.95 0.84
C ASP D 382 6.33 47.69 -0.11
N GLY D 383 7.43 48.39 0.14
CA GLY D 383 8.66 48.22 -0.61
C GLY D 383 8.54 48.83 -1.99
N VAL D 384 7.69 49.85 -2.10
CA VAL D 384 7.55 50.53 -3.37
C VAL D 384 7.92 52.00 -3.30
N ALA D 385 8.72 52.44 -4.25
CA ALA D 385 9.05 53.84 -4.39
C ALA D 385 8.73 54.18 -5.83
N LYS D 386 8.40 55.43 -6.10
CA LYS D 386 8.04 55.84 -7.46
C LYS D 386 8.92 56.92 -8.06
N LEU D 387 9.71 56.53 -9.05
CA LEU D 387 10.51 57.47 -9.80
C LEU D 387 9.79 57.87 -11.09
N SER D 388 9.84 59.16 -11.44
CA SER D 388 9.29 59.63 -12.70
C SER D 388 10.38 60.29 -13.57
N ILE D 389 10.60 59.75 -14.77
CA ILE D 389 11.48 60.43 -15.74
C ILE D 389 10.70 61.04 -16.91
N ASN D 390 11.42 61.75 -17.78
CA ASN D 390 10.77 62.47 -18.87
C ASN D 390 11.13 61.89 -20.25
N THR D 391 10.35 62.22 -21.26
CA THR D 391 10.41 61.38 -22.44
C THR D 391 10.87 62.02 -23.76
N HIS D 392 11.77 61.29 -24.40
CA HIS D 392 12.10 61.44 -25.82
C HIS D 392 10.83 61.23 -26.65
N PRO D 393 10.28 62.31 -27.29
CA PRO D 393 9.13 61.99 -28.17
C PRO D 393 9.47 60.99 -29.27
N SER D 394 10.72 60.52 -29.31
CA SER D 394 11.16 59.42 -30.19
C SER D 394 10.30 58.16 -30.06
N GLN D 395 10.41 57.27 -31.05
CA GLN D 395 9.67 55.99 -31.06
C GLN D 395 10.60 54.86 -30.63
N LYS D 396 11.76 55.24 -30.12
CA LYS D 396 12.71 54.26 -29.64
C LYS D 396 12.22 53.69 -28.32
N PRO D 397 12.39 52.37 -28.16
CA PRO D 397 12.16 51.74 -26.86
C PRO D 397 12.88 52.52 -25.75
N LEU D 398 12.30 52.54 -24.55
CA LEU D 398 12.89 53.20 -23.39
C LEU D 398 13.56 52.17 -22.51
N SER D 399 14.86 52.33 -22.26
CA SER D 399 15.59 51.36 -21.44
C SER D 399 16.13 52.01 -20.18
N ILE D 400 15.35 51.94 -19.10
CA ILE D 400 15.72 52.55 -17.82
C ILE D 400 16.39 51.54 -16.88
N THR D 401 17.33 52.02 -16.08
CA THR D 401 18.03 51.16 -15.15
C THR D 401 18.12 51.80 -13.79
N VAL D 402 17.53 51.11 -12.82
CA VAL D 402 17.52 51.60 -11.45
C VAL D 402 18.50 50.85 -10.54
N ARG D 403 19.32 51.63 -9.85
CA ARG D 403 20.25 51.07 -8.90
C ARG D 403 19.81 51.62 -7.57
N THR D 404 20.03 50.82 -6.55
CA THR D 404 19.72 51.21 -5.19
C THR D 404 20.88 52.08 -4.73
N LYS D 405 20.60 53.08 -3.89
CA LYS D 405 21.64 53.98 -3.42
C LYS D 405 21.75 54.01 -1.88
N LYS D 406 21.65 52.83 -1.27
CA LYS D 406 21.77 52.71 0.18
C LYS D 406 23.13 53.20 0.58
N GLN D 407 23.16 54.17 1.50
CA GLN D 407 24.43 54.57 2.09
C GLN D 407 25.00 53.34 2.77
N GLU D 408 26.18 53.46 3.39
CA GLU D 408 26.69 52.37 4.23
C GLU D 408 26.98 51.11 3.44
N LEU D 409 26.63 51.11 2.16
CA LEU D 409 26.92 49.95 1.32
C LEU D 409 28.10 50.28 0.46
N SER D 410 28.09 49.80 -0.78
CA SER D 410 29.17 50.04 -1.71
C SER D 410 28.65 49.83 -3.09
N GLU D 411 29.35 50.35 -4.09
CA GLU D 411 28.89 50.14 -5.46
C GLU D 411 28.68 48.64 -5.74
N ALA D 412 29.58 47.83 -5.20
CA ALA D 412 29.47 46.39 -5.29
C ALA D 412 28.08 45.91 -4.82
N GLU D 413 27.72 46.31 -3.61
CA GLU D 413 26.59 45.73 -2.89
C GLU D 413 25.20 46.21 -3.30
N GLN D 414 25.12 47.37 -3.94
CA GLN D 414 23.86 47.86 -4.48
C GLN D 414 23.31 46.85 -5.47
N ALA D 415 22.00 46.74 -5.51
CA ALA D 415 21.39 45.89 -6.53
C ALA D 415 21.11 46.76 -7.73
N THR D 416 20.68 46.13 -8.81
CA THR D 416 20.44 46.83 -10.03
C THR D 416 19.35 46.08 -10.74
N ARG D 417 18.85 46.66 -11.81
CA ARG D 417 17.96 45.96 -12.70
C ARG D 417 17.66 46.87 -13.86
N THR D 418 17.31 46.27 -15.00
CA THR D 418 16.99 47.04 -16.19
C THR D 418 15.62 46.67 -16.72
N MET D 419 14.93 47.62 -17.33
CA MET D 419 13.67 47.31 -17.94
C MET D 419 13.41 48.13 -19.19
N GLN D 420 12.34 47.81 -19.89
CA GLN D 420 12.13 48.47 -21.15
C GLN D 420 10.65 48.71 -21.42
N ALA D 421 10.33 49.94 -21.79
CA ALA D 421 8.98 50.27 -22.23
C ALA D 421 8.99 50.66 -23.69
N LEU D 422 7.89 50.33 -24.38
CA LEU D 422 7.69 50.70 -25.78
C LEU D 422 6.65 51.78 -25.78
N PRO D 423 6.68 52.65 -26.79
CA PRO D 423 5.72 53.76 -26.83
C PRO D 423 4.28 53.35 -27.22
N TYR D 424 3.35 54.15 -26.73
CA TYR D 424 1.93 53.98 -26.98
C TYR D 424 1.70 54.55 -28.36
N SER D 425 1.12 53.74 -29.25
CA SER D 425 0.89 54.20 -30.62
C SER D 425 -0.48 54.89 -30.76
N THR D 426 -0.48 56.07 -31.37
CA THR D 426 -1.71 56.83 -31.53
C THR D 426 -2.35 56.68 -32.91
N VAL D 427 -3.61 57.08 -32.98
CA VAL D 427 -4.37 56.99 -34.21
C VAL D 427 -3.81 57.88 -35.33
N GLY D 428 -3.01 57.28 -36.21
CA GLY D 428 -2.42 58.00 -37.32
C GLY D 428 -1.45 59.05 -36.83
N ASN D 429 -0.86 58.81 -35.67
CA ASN D 429 0.17 59.68 -35.11
C ASN D 429 -0.37 61.04 -34.75
N SER D 430 -1.39 61.02 -33.90
CA SER D 430 -2.09 62.23 -33.54
C SER D 430 -1.39 62.86 -32.37
N ASN D 431 -0.35 62.19 -31.88
CA ASN D 431 0.41 62.73 -30.75
C ASN D 431 -0.50 63.24 -29.65
N ASN D 432 -1.61 62.53 -29.48
CA ASN D 432 -2.54 62.71 -28.38
C ASN D 432 -2.39 61.53 -27.44
N TYR D 433 -2.40 61.82 -26.14
CA TYR D 433 -2.07 60.81 -25.14
C TYR D 433 -2.83 61.12 -23.89
N LEU D 434 -2.87 60.16 -22.97
CA LEU D 434 -3.41 60.43 -21.65
C LEU D 434 -2.48 59.77 -20.66
N HIS D 435 -2.25 60.41 -19.52
CA HIS D 435 -1.37 59.85 -18.50
C HIS D 435 -1.92 59.98 -17.09
N LEU D 436 -2.25 58.83 -16.51
CA LEU D 436 -2.70 58.77 -15.14
C LEU D 436 -1.49 58.68 -14.21
N SER D 437 -1.50 59.52 -13.19
CA SER D 437 -0.53 59.40 -12.13
C SER D 437 -1.29 59.52 -10.83
N VAL D 438 -0.82 58.81 -9.82
CA VAL D 438 -1.40 58.85 -8.49
C VAL D 438 -0.22 58.76 -7.51
N LEU D 439 -0.44 59.14 -6.26
CA LEU D 439 0.67 59.16 -5.31
C LEU D 439 0.94 57.78 -4.74
N ARG D 440 2.22 57.40 -4.76
CA ARG D 440 2.56 56.12 -4.17
C ARG D 440 2.79 56.30 -2.67
N THR D 441 1.82 55.83 -1.91
CA THR D 441 1.94 55.66 -0.46
C THR D 441 1.00 54.52 -0.23
N GLU D 442 1.06 53.91 0.95
CA GLU D 442 0.12 52.83 1.26
C GLU D 442 -1.31 53.35 1.31
N LEU D 443 -2.26 52.53 0.87
CA LEU D 443 -3.66 52.90 0.81
C LEU D 443 -4.54 52.01 1.67
N ARG D 444 -5.25 52.59 2.63
CA ARG D 444 -6.17 51.84 3.50
C ARG D 444 -7.60 52.19 3.11
N PRO D 445 -8.55 51.26 3.31
CA PRO D 445 -9.91 51.75 3.02
C PRO D 445 -10.27 52.80 4.05
N GLY D 446 -11.06 53.78 3.62
CA GLY D 446 -11.41 54.94 4.43
C GLY D 446 -10.71 56.20 3.94
N GLU D 447 -9.53 56.03 3.36
CA GLU D 447 -8.73 57.14 2.85
C GLU D 447 -9.30 57.63 1.52
N THR D 448 -8.83 58.78 1.06
CA THR D 448 -9.21 59.18 -0.29
C THR D 448 -7.99 59.47 -1.13
N LEU D 449 -8.08 59.06 -2.39
CA LEU D 449 -6.92 59.04 -3.26
C LEU D 449 -7.12 60.04 -4.37
N ASN D 450 -6.10 60.86 -4.58
CA ASN D 450 -6.16 61.77 -5.70
C ASN D 450 -5.61 61.11 -6.95
N VAL D 451 -6.45 61.02 -7.97
CA VAL D 451 -6.01 60.44 -9.23
C VAL D 451 -5.75 61.52 -10.30
N ASN D 452 -4.47 61.84 -10.51
CA ASN D 452 -4.09 62.89 -11.45
C ASN D 452 -4.32 62.53 -12.92
N PHE D 453 -5.18 63.28 -13.59
CA PHE D 453 -5.38 63.11 -15.03
C PHE D 453 -4.54 64.11 -15.80
N LEU D 454 -3.45 63.66 -16.38
CA LEU D 454 -2.65 64.54 -17.21
C LEU D 454 -2.87 64.30 -18.72
N LEU D 455 -3.09 65.40 -19.46
CA LEU D 455 -3.45 65.35 -20.87
C LEU D 455 -2.44 66.00 -21.80
N ARG D 456 -2.09 65.30 -22.87
CA ARG D 456 -1.17 65.82 -23.87
C ARG D 456 -1.82 65.94 -25.26
N MET D 457 -2.05 67.16 -25.71
CA MET D 457 -2.41 67.40 -27.10
C MET D 457 -2.26 68.87 -27.42
N ASP D 458 -2.31 69.17 -28.72
CA ASP D 458 -2.04 70.51 -29.26
C ASP D 458 -3.20 71.47 -29.01
N ARG D 459 -2.88 72.70 -28.59
CA ARG D 459 -3.92 73.61 -28.12
C ARG D 459 -5.00 73.83 -29.20
N ALA D 460 -4.65 73.53 -30.45
CA ALA D 460 -5.58 73.64 -31.55
C ALA D 460 -6.78 72.71 -31.37
N HIS D 461 -6.66 71.74 -30.47
CA HIS D 461 -7.71 70.74 -30.32
C HIS D 461 -8.06 70.42 -28.86
N GLU D 462 -7.28 70.98 -27.94
CA GLU D 462 -7.46 70.64 -26.55
C GLU D 462 -8.86 70.95 -26.04
N ALA D 463 -9.52 71.95 -26.61
CA ALA D 463 -10.81 72.39 -26.07
C ALA D 463 -11.95 71.42 -26.30
N LYS D 464 -11.77 70.47 -27.21
CA LYS D 464 -12.85 69.54 -27.51
C LYS D 464 -12.99 68.55 -26.37
N ILE D 465 -11.94 68.42 -25.56
CA ILE D 465 -11.97 67.45 -24.48
C ILE D 465 -12.61 68.04 -23.26
N ARG D 466 -13.87 67.75 -23.04
CA ARG D 466 -14.56 68.33 -21.94
C ARG D 466 -14.68 67.37 -20.78
N TYR D 467 -14.36 66.11 -21.03
CA TYR D 467 -14.46 65.10 -19.97
C TYR D 467 -13.59 63.85 -20.16
N TYR D 468 -13.40 63.12 -19.07
CA TYR D 468 -12.82 61.80 -19.15
C TYR D 468 -13.82 60.80 -18.61
N THR D 469 -13.74 59.60 -19.14
CA THR D 469 -14.46 58.47 -18.58
C THR D 469 -13.53 57.55 -17.80
N TYR D 470 -13.85 57.27 -16.54
CA TYR D 470 -13.00 56.38 -15.76
C TYR D 470 -13.74 55.17 -15.23
N LEU D 471 -13.12 54.00 -15.37
CA LEU D 471 -13.67 52.75 -14.89
C LEU D 471 -12.77 52.13 -13.85
N ILE D 472 -13.33 51.80 -12.70
CA ILE D 472 -12.59 51.09 -11.67
C ILE D 472 -12.81 49.59 -11.77
N MET D 473 -11.71 48.85 -11.92
CA MET D 473 -11.72 47.39 -11.95
C MET D 473 -11.27 46.82 -10.63
N ASN D 474 -12.04 45.85 -10.13
CA ASN D 474 -11.70 45.16 -8.87
C ASN D 474 -12.11 43.71 -8.87
N LYS D 475 -11.20 42.82 -8.49
CA LYS D 475 -11.52 41.39 -8.51
C LYS D 475 -12.25 41.05 -9.79
N GLY D 476 -11.74 41.54 -10.92
CA GLY D 476 -12.24 41.14 -12.23
C GLY D 476 -13.68 41.47 -12.54
N ARG D 477 -14.24 42.38 -11.75
CA ARG D 477 -15.55 42.89 -12.04
C ARG D 477 -15.43 44.39 -12.12
N LEU D 478 -16.34 45.03 -12.84
CA LEU D 478 -16.39 46.48 -12.90
C LEU D 478 -17.05 46.97 -11.62
N LEU D 479 -16.34 47.82 -10.88
CA LEU D 479 -16.75 48.20 -9.53
C LEU D 479 -17.38 49.58 -9.46
N LYS D 480 -16.87 50.48 -10.29
CA LYS D 480 -17.34 51.84 -10.30
C LYS D 480 -16.90 52.50 -11.60
N ALA D 481 -17.78 53.30 -12.18
CA ALA D 481 -17.46 54.04 -13.40
C ALA D 481 -18.14 55.39 -13.32
N GLY D 482 -17.43 56.44 -13.71
CA GLY D 482 -17.98 57.79 -13.61
C GLY D 482 -17.37 58.68 -14.65
N ARG D 483 -17.64 59.97 -14.52
CA ARG D 483 -17.09 60.97 -15.43
C ARG D 483 -16.24 61.98 -14.66
N GLN D 484 -15.04 62.26 -15.19
CA GLN D 484 -14.19 63.29 -14.61
C GLN D 484 -14.14 64.44 -15.59
N VAL D 485 -14.76 65.56 -15.19
CA VAL D 485 -14.88 66.72 -16.08
C VAL D 485 -13.57 67.44 -16.25
N ARG D 486 -13.60 68.40 -17.16
CA ARG D 486 -12.39 69.12 -17.54
C ARG D 486 -12.69 70.36 -18.35
N GLU D 487 -12.18 71.50 -17.89
CA GLU D 487 -12.35 72.81 -18.55
C GLU D 487 -11.14 73.06 -19.44
N PRO D 488 -11.39 73.51 -20.67
CA PRO D 488 -10.31 73.79 -21.63
C PRO D 488 -9.18 74.57 -21.00
N GLY D 489 -7.96 74.15 -21.28
CA GLY D 489 -6.79 74.77 -20.71
C GLY D 489 -6.24 74.01 -19.52
N GLN D 490 -7.13 73.32 -18.80
CA GLN D 490 -6.72 72.46 -17.69
C GLN D 490 -5.97 71.25 -18.23
N ASP D 491 -4.65 71.25 -18.07
CA ASP D 491 -3.86 70.11 -18.46
C ASP D 491 -3.99 69.02 -17.39
N LEU D 492 -3.83 69.39 -16.14
CA LEU D 492 -4.05 68.45 -15.05
C LEU D 492 -5.40 68.70 -14.32
N VAL D 493 -6.19 67.64 -14.21
CA VAL D 493 -7.35 67.66 -13.34
C VAL D 493 -7.18 66.55 -12.32
N VAL D 494 -7.97 66.59 -11.25
CA VAL D 494 -7.85 65.59 -10.21
C VAL D 494 -9.17 65.06 -9.73
N LEU D 495 -9.38 63.77 -9.92
CA LEU D 495 -10.54 63.07 -9.38
C LEU D 495 -10.13 62.50 -8.04
N PRO D 496 -10.78 62.96 -6.96
CA PRO D 496 -10.52 62.53 -5.58
C PRO D 496 -11.29 61.25 -5.33
N LEU D 497 -10.65 60.11 -5.53
CA LEU D 497 -11.36 58.86 -5.46
C LEU D 497 -11.41 58.45 -4.00
N SER D 498 -12.59 57.99 -3.54
CA SER D 498 -12.71 57.48 -2.18
C SER D 498 -12.51 55.98 -2.09
N ILE D 499 -11.57 55.54 -1.25
CA ILE D 499 -11.26 54.12 -1.14
C ILE D 499 -12.06 53.41 -0.05
N THR D 500 -12.96 52.53 -0.47
CA THR D 500 -13.73 51.73 0.48
C THR D 500 -13.22 50.29 0.62
N THR D 501 -13.84 49.52 1.49
CA THR D 501 -13.40 48.14 1.64
C THR D 501 -13.60 47.40 0.33
N ASP D 502 -14.48 47.90 -0.51
CA ASP D 502 -14.80 47.24 -1.78
C ASP D 502 -13.61 47.12 -2.72
N PHE D 503 -12.54 47.82 -2.39
CA PHE D 503 -11.36 47.94 -3.25
C PHE D 503 -10.31 46.90 -2.97
N ILE D 504 -10.18 46.47 -1.72
CA ILE D 504 -9.26 45.42 -1.33
C ILE D 504 -9.40 44.24 -2.28
N PRO D 505 -8.28 43.67 -2.70
CA PRO D 505 -6.91 43.94 -2.25
C PRO D 505 -6.07 44.77 -3.21
N SER D 506 -6.74 45.33 -4.21
CA SER D 506 -6.11 46.16 -5.24
C SER D 506 -7.11 46.40 -6.37
N PHE D 507 -6.92 47.50 -7.09
CA PHE D 507 -7.80 47.88 -8.19
C PHE D 507 -7.04 48.57 -9.34
N ARG D 508 -7.59 48.48 -10.54
CA ARG D 508 -7.03 49.19 -11.69
C ARG D 508 -7.99 50.28 -12.03
N LEU D 509 -7.44 51.44 -12.36
CA LEU D 509 -8.23 52.56 -12.79
C LEU D 509 -7.86 52.73 -14.25
N VAL D 510 -8.84 52.64 -15.15
CA VAL D 510 -8.56 52.95 -16.54
C VAL D 510 -9.52 54.02 -16.98
N ALA D 511 -9.02 54.92 -17.84
CA ALA D 511 -9.73 56.13 -18.22
C ALA D 511 -9.46 56.44 -19.69
N TYR D 512 -10.43 57.10 -20.33
CA TYR D 512 -10.32 57.42 -21.76
C TYR D 512 -11.14 58.67 -22.12
N TYR D 513 -10.53 59.51 -22.96
CA TYR D 513 -11.27 60.57 -23.64
C TYR D 513 -11.36 60.24 -25.13
N THR D 514 -12.36 60.80 -25.78
CA THR D 514 -12.55 60.60 -27.21
C THR D 514 -13.02 61.88 -27.92
N LEU D 515 -12.63 61.99 -29.19
CA LEU D 515 -12.90 63.18 -29.99
C LEU D 515 -12.82 62.85 -31.46
N ILE D 516 -13.30 63.77 -32.30
CA ILE D 516 -13.02 63.69 -33.73
C ILE D 516 -11.82 64.59 -33.98
N GLY D 517 -10.87 64.14 -34.79
CA GLY D 517 -9.64 64.88 -34.92
C GLY D 517 -8.95 64.92 -36.26
N ALA D 518 -7.84 64.18 -36.37
CA ALA D 518 -6.96 64.21 -37.55
C ALA D 518 -7.68 64.80 -38.73
N SER D 519 -8.16 63.93 -39.59
CA SER D 519 -9.07 64.36 -40.63
C SER D 519 -10.42 63.76 -40.31
N GLY D 520 -11.28 64.54 -39.66
CA GLY D 520 -12.61 64.08 -39.26
C GLY D 520 -12.63 62.63 -38.85
N GLN D 521 -11.55 62.21 -38.22
CA GLN D 521 -11.34 60.82 -37.86
C GLN D 521 -11.72 60.61 -36.39
N ARG D 522 -12.36 59.50 -36.08
CA ARG D 522 -12.73 59.26 -34.70
C ARG D 522 -11.52 58.69 -33.98
N GLU D 523 -11.26 59.20 -32.78
CA GLU D 523 -10.08 58.80 -32.03
C GLU D 523 -10.41 58.49 -30.57
N VAL D 524 -10.08 57.27 -30.16
CA VAL D 524 -10.22 56.90 -28.76
C VAL D 524 -8.82 56.93 -28.13
N VAL D 525 -8.65 57.70 -27.06
CA VAL D 525 -7.36 57.72 -26.38
C VAL D 525 -7.52 57.35 -24.91
N ALA D 526 -6.70 56.38 -24.48
CA ALA D 526 -6.89 55.78 -23.15
C ALA D 526 -5.61 55.44 -22.40
N ASP D 527 -5.74 55.40 -21.08
CA ASP D 527 -4.63 54.97 -20.23
C ASP D 527 -5.17 54.21 -19.04
N SER D 528 -4.29 53.59 -18.29
CA SER D 528 -4.71 52.85 -17.11
C SER D 528 -3.59 52.79 -16.12
N VAL D 529 -3.92 52.34 -14.92
CA VAL D 529 -2.95 52.25 -13.85
C VAL D 529 -3.47 51.34 -12.73
N TRP D 530 -2.56 50.56 -12.14
CA TRP D 530 -2.90 49.60 -11.10
C TRP D 530 -2.47 50.13 -9.75
N VAL D 531 -3.38 50.07 -8.78
CA VAL D 531 -3.15 50.63 -7.47
C VAL D 531 -3.38 49.63 -6.32
N ASP D 532 -2.39 49.48 -5.43
CA ASP D 532 -2.50 48.44 -4.41
C ASP D 532 -3.04 48.94 -3.08
N VAL D 533 -4.20 48.37 -2.72
CA VAL D 533 -4.75 48.53 -1.40
C VAL D 533 -4.10 47.58 -0.40
N LYS D 534 -3.85 48.13 0.78
CA LYS D 534 -3.32 47.44 1.94
C LYS D 534 -4.24 46.27 2.24
N ASP D 535 -3.70 45.08 2.05
CA ASP D 535 -4.48 43.84 2.20
C ASP D 535 -4.88 43.66 3.70
N SER D 536 -6.06 43.05 3.91
CA SER D 536 -6.69 42.93 5.23
C SER D 536 -8.07 42.33 5.03
N CYS D 537 -8.83 42.14 6.11
CA CYS D 537 -10.14 41.55 5.95
C CYS D 537 -11.05 42.67 5.60
N VAL D 538 -12.09 42.36 4.84
CA VAL D 538 -13.18 43.31 4.61
C VAL D 538 -13.80 43.63 5.97
N GLY D 539 -14.51 42.65 6.53
CA GLY D 539 -14.96 42.69 7.92
C GLY D 539 -13.81 42.67 8.92
N SER D 540 -14.03 42.01 10.05
CA SER D 540 -12.93 41.72 10.99
C SER D 540 -13.14 40.41 11.79
N LEU D 541 -12.09 39.94 12.45
CA LEU D 541 -12.19 38.78 13.34
C LEU D 541 -11.08 38.68 14.39
N VAL D 542 -11.40 39.04 15.63
CA VAL D 542 -10.44 38.92 16.70
C VAL D 542 -10.94 37.84 17.62
N VAL D 543 -10.02 37.03 18.13
CA VAL D 543 -10.35 36.10 19.22
C VAL D 543 -9.45 36.37 20.40
N LYS D 544 -9.99 37.02 21.43
CA LYS D 544 -9.24 37.39 22.60
C LYS D 544 -9.81 36.67 23.80
N SER D 545 -9.13 36.77 24.94
CA SER D 545 -9.65 36.24 26.18
C SER D 545 -10.84 37.03 26.65
N GLY D 546 -11.89 36.28 27.03
CA GLY D 546 -13.04 36.91 27.65
C GLY D 546 -13.06 36.64 29.13
N GLN D 547 -11.87 36.37 29.65
CA GLN D 547 -11.65 36.14 31.09
C GLN D 547 -10.40 36.91 31.56
N SER D 548 -10.59 38.21 31.75
CA SER D 548 -9.53 39.13 32.17
C SER D 548 -8.92 38.72 33.50
N GLU D 549 -7.89 39.44 33.91
CA GLU D 549 -7.20 39.16 35.18
C GLU D 549 -6.92 37.68 35.33
N ASP D 550 -6.24 37.32 36.42
CA ASP D 550 -5.90 35.93 36.71
C ASP D 550 -4.64 35.50 35.96
N ARG D 551 -3.57 35.22 36.69
CA ARG D 551 -2.37 34.67 36.07
C ARG D 551 -2.71 33.96 34.75
N GLN D 552 -3.17 32.72 34.85
CA GLN D 552 -3.54 31.93 33.67
C GLN D 552 -4.56 30.84 34.06
N PRO D 553 -4.90 29.97 33.11
CA PRO D 553 -5.87 28.91 33.42
C PRO D 553 -5.18 27.64 33.94
N VAL D 554 -5.84 26.50 33.77
CA VAL D 554 -5.28 25.24 34.21
C VAL D 554 -6.02 24.06 33.57
N PRO D 555 -5.30 22.95 33.36
CA PRO D 555 -5.86 21.74 32.76
C PRO D 555 -7.28 21.47 33.24
N GLY D 556 -8.22 21.36 32.31
CA GLY D 556 -9.55 20.92 32.63
C GLY D 556 -10.47 22.07 32.95
N GLN D 557 -9.88 23.22 33.29
CA GLN D 557 -10.66 24.35 33.77
C GLN D 557 -11.56 24.93 32.69
N GLN D 558 -12.67 25.59 33.09
CA GLN D 558 -13.46 26.33 32.12
C GLN D 558 -12.74 27.61 31.76
N MET D 559 -12.84 27.98 30.49
CA MET D 559 -12.18 29.17 30.00
C MET D 559 -13.15 29.94 29.15
N THR D 560 -13.14 31.27 29.27
CA THR D 560 -14.01 32.11 28.45
C THR D 560 -13.30 32.87 27.30
N LEU D 561 -13.91 32.78 26.13
CA LEU D 561 -13.35 33.29 24.89
C LEU D 561 -14.18 34.46 24.45
N LYS D 562 -13.54 35.50 23.92
CA LYS D 562 -14.27 36.62 23.32
C LYS D 562 -14.08 36.58 21.81
N ILE D 563 -15.18 36.64 21.07
CA ILE D 563 -15.12 36.69 19.63
C ILE D 563 -15.67 38.02 19.16
N GLU D 564 -14.85 38.77 18.45
CA GLU D 564 -15.26 40.03 17.87
C GLU D 564 -15.17 39.98 16.35
N GLY D 565 -16.30 40.16 15.68
CA GLY D 565 -16.39 40.04 14.24
C GLY D 565 -17.67 40.61 13.69
N ASP D 566 -17.99 40.26 12.44
CA ASP D 566 -19.11 40.86 11.75
C ASP D 566 -20.48 40.29 12.15
N HIS D 567 -21.50 41.16 12.17
CA HIS D 567 -22.83 40.79 12.61
C HIS D 567 -23.32 39.66 11.74
N GLY D 568 -23.97 38.68 12.36
CA GLY D 568 -24.68 37.63 11.63
C GLY D 568 -23.76 36.82 10.75
N ALA D 569 -22.53 36.69 11.22
CA ALA D 569 -21.51 35.97 10.48
C ALA D 569 -21.36 34.68 11.20
N ARG D 570 -21.21 33.59 10.47
CA ARG D 570 -20.92 32.31 11.11
C ARG D 570 -19.40 32.12 11.30
N VAL D 571 -19.02 31.73 12.51
CA VAL D 571 -17.62 31.66 12.88
C VAL D 571 -17.29 30.23 13.13
N VAL D 572 -16.18 29.76 12.60
CA VAL D 572 -15.79 28.37 12.83
C VAL D 572 -14.40 28.29 13.48
N LEU D 573 -14.33 27.60 14.60
CA LEU D 573 -13.12 27.57 15.37
C LEU D 573 -12.37 26.28 15.18
N VAL D 574 -11.33 26.14 15.97
CA VAL D 574 -10.49 24.96 16.02
C VAL D 574 -9.29 25.33 16.88
N ALA D 575 -8.79 24.35 17.65
CA ALA D 575 -7.68 24.60 18.55
C ALA D 575 -6.59 23.55 18.37
N VAL D 576 -5.35 23.99 18.28
CA VAL D 576 -4.31 23.04 18.00
C VAL D 576 -3.16 23.13 18.97
N ASP D 577 -2.67 21.98 19.38
CA ASP D 577 -1.54 21.89 20.29
C ASP D 577 -0.38 22.47 19.52
N LYS D 578 0.32 23.43 20.10
CA LYS D 578 1.39 24.10 19.36
C LYS D 578 2.52 23.15 19.08
N GLY D 579 2.44 21.96 19.65
CA GLY D 579 3.45 20.95 19.39
C GLY D 579 3.24 20.36 18.02
N VAL D 580 2.01 20.41 17.53
CA VAL D 580 1.73 19.92 16.19
C VAL D 580 2.56 20.69 15.16
N PHE D 581 2.77 21.99 15.43
CA PHE D 581 3.45 22.88 14.49
C PHE D 581 4.98 22.74 14.50
N VAL D 582 5.51 22.12 15.53
CA VAL D 582 6.93 21.78 15.58
C VAL D 582 7.22 20.71 14.52
N LEU D 583 6.21 19.92 14.24
CA LEU D 583 6.30 18.75 13.37
C LEU D 583 5.98 19.09 11.93
N ASN D 584 5.06 20.05 11.75
CA ASN D 584 4.70 20.53 10.43
C ASN D 584 4.03 21.87 10.56
N LYS D 585 4.59 22.90 9.94
CA LYS D 585 3.93 24.22 9.96
C LYS D 585 3.45 24.62 8.57
N LYS D 586 3.60 23.70 7.63
CA LYS D 586 3.15 23.93 6.27
C LYS D 586 1.61 24.05 6.10
N ASN D 587 1.18 24.62 4.97
CA ASN D 587 -0.18 24.45 4.48
C ASN D 587 -1.26 25.02 5.38
N LYS D 588 -0.92 26.07 6.14
CA LYS D 588 -1.88 26.73 7.05
C LYS D 588 -2.77 27.75 6.34
N LEU D 589 -4.02 27.93 6.79
CA LEU D 589 -4.92 28.90 6.18
C LEU D 589 -4.78 30.33 6.77
N THR D 590 -4.86 31.31 5.89
CA THR D 590 -4.38 32.65 6.15
C THR D 590 -5.15 33.63 5.27
N GLN D 591 -5.59 34.75 5.82
CA GLN D 591 -6.28 35.71 4.98
C GLN D 591 -5.40 36.05 3.78
N SER D 592 -4.10 36.15 4.03
CA SER D 592 -3.16 36.45 2.97
C SER D 592 -3.22 35.40 1.88
N LYS D 593 -3.08 34.13 2.21
CA LYS D 593 -3.13 33.12 1.17
C LYS D 593 -4.38 33.31 0.32
N ILE D 594 -5.44 33.82 0.91
CA ILE D 594 -6.69 34.07 0.20
C ILE D 594 -6.55 35.17 -0.82
N TRP D 595 -6.32 36.39 -0.37
CA TRP D 595 -6.07 37.54 -1.27
C TRP D 595 -5.07 37.22 -2.39
N ASP D 596 -4.03 36.46 -2.06
CA ASP D 596 -3.11 36.03 -3.07
C ASP D 596 -3.79 35.20 -4.16
N VAL D 597 -4.60 34.22 -3.76
CA VAL D 597 -5.45 33.51 -4.71
C VAL D 597 -6.23 34.47 -5.59
N VAL D 598 -6.81 35.46 -4.93
CA VAL D 598 -7.72 36.44 -5.53
C VAL D 598 -7.07 37.36 -6.56
N GLU D 599 -5.83 37.75 -6.27
CA GLU D 599 -5.02 38.51 -7.20
C GLU D 599 -4.59 37.65 -8.41
N LYS D 600 -4.21 36.39 -8.14
CA LYS D 600 -3.83 35.45 -9.20
C LYS D 600 -5.00 35.03 -10.07
N ALA D 601 -6.15 35.67 -9.86
CA ALA D 601 -7.36 35.37 -10.62
C ALA D 601 -7.83 36.61 -11.36
N ASP D 602 -6.97 37.62 -11.33
CA ASP D 602 -7.22 38.86 -12.03
C ASP D 602 -7.38 38.52 -13.50
N ILE D 603 -8.36 39.17 -14.13
CA ILE D 603 -8.49 39.11 -15.59
C ILE D 603 -7.63 40.22 -16.19
N GLY D 604 -7.01 41.00 -15.33
CA GLY D 604 -6.08 42.02 -15.76
C GLY D 604 -4.67 41.49 -15.81
N CYS D 605 -3.93 41.85 -16.86
CA CYS D 605 -2.58 41.29 -17.05
C CYS D 605 -1.39 42.27 -16.97
N THR D 606 -1.54 43.47 -17.52
CA THR D 606 -0.49 44.48 -17.45
C THR D 606 -0.69 45.38 -16.23
N PRO D 607 0.41 45.74 -15.57
CA PRO D 607 0.50 46.79 -14.53
C PRO D 607 0.00 48.16 -15.01
N GLY D 608 -0.55 48.22 -16.22
CA GLY D 608 -1.04 49.48 -16.78
C GLY D 608 -0.58 49.82 -18.18
N SER D 609 -1.43 50.57 -18.88
CA SER D 609 -1.18 51.00 -20.24
C SER D 609 -1.09 49.82 -21.21
N GLY D 610 -0.94 50.14 -22.49
CA GLY D 610 -0.87 49.11 -23.51
C GLY D 610 -0.18 49.64 -24.74
N LYS D 611 -0.28 48.88 -25.83
CA LYS D 611 0.36 49.27 -27.09
C LYS D 611 -0.40 50.42 -27.79
N ASP D 612 -1.73 50.38 -27.72
CA ASP D 612 -2.59 51.43 -28.26
C ASP D 612 -3.86 51.52 -27.41
N TYR D 613 -4.82 52.38 -27.76
CA TYR D 613 -5.98 52.52 -26.88
C TYR D 613 -6.60 51.14 -26.62
N ALA D 614 -6.58 50.30 -27.64
CA ALA D 614 -7.26 49.01 -27.59
C ALA D 614 -6.59 48.07 -26.61
N GLY D 615 -5.30 48.34 -26.38
CA GLY D 615 -4.50 47.52 -25.51
C GLY D 615 -4.80 47.91 -24.09
N VAL D 616 -4.63 49.19 -23.80
CA VAL D 616 -4.90 49.75 -22.48
C VAL D 616 -6.11 49.09 -21.84
N PHE D 617 -7.15 48.89 -22.64
CA PHE D 617 -8.38 48.24 -22.21
C PHE D 617 -8.22 46.73 -21.91
N SER D 618 -7.93 45.95 -22.93
CA SER D 618 -7.74 44.50 -22.78
C SER D 618 -6.77 44.15 -21.64
N ASP D 619 -5.61 44.78 -21.60
CA ASP D 619 -4.62 44.50 -20.57
C ASP D 619 -5.19 44.71 -19.16
N ALA D 620 -5.95 45.79 -18.98
CA ALA D 620 -6.64 46.04 -17.71
C ALA D 620 -7.88 45.13 -17.47
N GLY D 621 -8.30 44.44 -18.50
CA GLY D 621 -9.36 43.45 -18.33
C GLY D 621 -10.67 43.86 -18.95
N LEU D 622 -10.71 45.00 -19.62
CA LEU D 622 -11.94 45.48 -20.21
C LEU D 622 -12.03 45.26 -21.72
N THR D 623 -13.23 45.43 -22.26
CA THR D 623 -13.47 45.39 -23.69
C THR D 623 -14.07 46.71 -23.98
N PHE D 624 -13.77 47.23 -25.16
CA PHE D 624 -14.34 48.49 -25.60
C PHE D 624 -14.89 48.33 -27.02
N THR D 625 -16.07 48.87 -27.29
CA THR D 625 -16.72 48.80 -28.61
C THR D 625 -17.55 50.06 -28.90
N SER D 626 -17.44 50.58 -30.12
CA SER D 626 -18.12 51.82 -30.50
C SER D 626 -18.87 51.68 -31.81
N SER D 627 -19.84 52.57 -32.03
CA SER D 627 -20.65 52.60 -33.26
C SER D 627 -19.77 52.88 -34.46
N SER D 628 -18.60 53.48 -34.21
CA SER D 628 -17.64 53.85 -35.24
C SER D 628 -16.72 52.69 -35.62
N GLY D 629 -16.58 51.71 -34.75
CA GLY D 629 -15.75 50.55 -35.05
C GLY D 629 -14.47 50.45 -34.23
N GLN D 630 -14.17 51.47 -33.43
CA GLN D 630 -13.05 51.38 -32.53
C GLN D 630 -13.40 50.37 -31.45
N GLN D 631 -12.58 49.33 -31.33
CA GLN D 631 -12.88 48.21 -30.42
C GLN D 631 -11.68 47.32 -30.07
N THR D 632 -11.59 46.94 -28.79
CA THR D 632 -10.52 46.07 -28.32
C THR D 632 -10.45 44.87 -29.22
N ALA D 633 -9.30 44.21 -29.25
CA ALA D 633 -9.22 42.91 -29.89
C ALA D 633 -10.16 41.99 -29.16
N GLN D 634 -10.46 40.83 -29.74
CA GLN D 634 -11.32 39.87 -29.05
C GLN D 634 -10.50 38.92 -28.21
N ARG D 635 -10.83 38.86 -26.91
CA ARG D 635 -10.17 37.97 -25.93
C ARG D 635 -10.86 36.63 -25.98
N ALA D 636 -10.09 35.61 -26.34
CA ALA D 636 -10.59 34.23 -26.42
C ALA D 636 -9.80 33.30 -25.50
N GLU D 637 -8.79 33.83 -24.82
CA GLU D 637 -7.97 33.01 -23.92
C GLU D 637 -8.44 33.16 -22.48
N LEU D 638 -8.54 32.04 -21.76
CA LEU D 638 -9.17 32.07 -20.45
C LEU D 638 -8.30 32.69 -19.36
N GLN D 639 -6.98 32.64 -19.55
CA GLN D 639 -6.01 33.19 -18.60
C GLN D 639 -5.23 34.29 -19.25
N CYS D 640 -4.33 34.91 -18.49
CA CYS D 640 -3.39 35.85 -19.06
C CYS D 640 -2.32 35.10 -19.84
N PRO D 641 -1.64 35.80 -20.78
CA PRO D 641 -0.64 35.14 -21.62
C PRO D 641 0.67 34.94 -20.90
N GLN D 642 1.38 33.84 -21.20
CA GLN D 642 2.77 33.63 -20.80
C GLN D 642 3.15 32.16 -20.90
N ASP E 4 1.09 6.12 53.01
CA ASP E 4 2.09 6.89 53.76
C ASP E 4 1.53 8.08 54.57
N GLU E 5 2.43 8.80 55.21
CA GLU E 5 2.09 9.87 56.14
C GLU E 5 2.02 11.25 55.47
N ASP E 6 0.81 11.74 55.20
CA ASP E 6 0.61 13.15 54.81
C ASP E 6 0.67 13.44 53.29
N ILE E 7 0.39 12.44 52.47
CA ILE E 7 0.41 12.62 51.00
C ILE E 7 -0.97 12.34 50.44
N ILE E 8 -1.13 12.42 49.13
CA ILE E 8 -2.40 12.05 48.55
C ILE E 8 -2.47 10.57 48.16
N ALA E 9 -3.55 9.94 48.59
CA ALA E 9 -3.75 8.52 48.36
C ALA E 9 -3.93 8.22 46.87
N GLU E 10 -3.17 7.24 46.38
CA GLU E 10 -3.21 6.85 44.97
C GLU E 10 -4.63 6.72 44.44
N GLU E 11 -5.49 6.09 45.24
CA GLU E 11 -6.86 5.83 44.80
C GLU E 11 -7.68 7.12 44.57
N ASN E 12 -7.17 8.23 45.08
CA ASN E 12 -7.89 9.48 44.97
C ASN E 12 -7.48 10.28 43.75
N ILE E 13 -6.27 10.03 43.26
CA ILE E 13 -5.80 10.70 42.06
C ILE E 13 -6.46 10.21 40.77
N VAL E 14 -7.29 11.08 40.19
CA VAL E 14 -7.90 10.85 38.87
C VAL E 14 -6.93 11.35 37.80
N SER E 15 -6.42 10.45 36.99
CA SER E 15 -5.39 10.83 36.05
C SER E 15 -5.91 11.74 34.93
N ARG E 16 -5.00 12.43 34.27
CA ARG E 16 -5.32 13.21 33.08
C ARG E 16 -5.32 12.24 31.91
N SER E 17 -6.19 12.47 30.93
CA SER E 17 -6.44 11.45 29.92
C SER E 17 -6.71 12.00 28.53
N GLU E 18 -7.17 13.25 28.47
CA GLU E 18 -7.64 13.80 27.22
C GLU E 18 -6.62 14.68 26.55
N PHE E 19 -5.78 14.06 25.72
CA PHE E 19 -4.71 14.80 25.04
C PHE E 19 -4.84 14.89 23.52
N PRO E 20 -5.95 15.50 23.03
CA PRO E 20 -6.10 15.74 21.59
C PRO E 20 -4.97 16.59 20.99
N GLU E 21 -4.71 16.38 19.72
CA GLU E 21 -3.82 17.26 19.01
C GLU E 21 -4.63 18.44 18.50
N SER E 22 -5.93 18.24 18.32
CA SER E 22 -6.82 19.31 17.92
C SER E 22 -8.20 19.18 18.56
N TRP E 23 -8.92 20.30 18.64
CA TRP E 23 -10.26 20.28 19.19
C TRP E 23 -10.91 21.65 19.11
N LEU E 24 -12.05 21.81 19.77
CA LEU E 24 -12.81 23.05 19.71
C LEU E 24 -13.21 23.26 18.28
N TRP E 25 -13.45 22.15 17.58
CA TRP E 25 -13.91 22.20 16.20
C TRP E 25 -15.37 22.60 16.15
N ASN E 26 -15.64 23.76 16.75
CA ASN E 26 -17.00 24.25 16.93
C ASN E 26 -17.45 25.31 15.92
N VAL E 27 -18.73 25.64 15.98
CA VAL E 27 -19.35 26.63 15.09
C VAL E 27 -20.26 27.58 15.87
N GLU E 28 -19.95 28.88 15.80
CA GLU E 28 -20.72 29.90 16.50
C GLU E 28 -21.21 30.94 15.49
N ASP E 29 -22.51 31.20 15.46
CA ASP E 29 -23.02 32.35 14.70
C ASP E 29 -22.91 33.55 15.63
N LEU E 30 -22.78 34.75 15.07
CA LEU E 30 -22.67 35.97 15.88
C LEU E 30 -23.93 36.81 15.90
N LYS E 31 -25.05 36.23 16.32
CA LYS E 31 -26.32 36.96 16.32
C LYS E 31 -26.28 38.24 17.17
N GLU E 32 -25.36 38.32 18.12
CA GLU E 32 -25.32 39.54 18.99
C GLU E 32 -25.14 40.81 18.19
N PRO E 33 -25.51 41.91 18.84
CA PRO E 33 -25.53 43.29 18.26
C PRO E 33 -24.08 43.92 18.07
N PRO E 34 -23.96 44.69 16.98
CA PRO E 34 -22.74 45.40 16.57
C PRO E 34 -22.37 46.71 17.27
N LYS E 35 -21.09 47.07 17.11
CA LYS E 35 -20.46 48.29 17.61
C LYS E 35 -19.16 48.47 16.86
N ASN E 36 -19.27 49.10 15.70
CA ASN E 36 -18.20 49.18 14.73
C ASN E 36 -18.46 48.06 13.76
N GLY E 37 -19.66 47.50 13.86
CA GLY E 37 -20.05 46.35 13.07
C GLY E 37 -19.49 45.16 13.84
N ILE E 38 -19.05 45.42 15.06
CA ILE E 38 -18.40 44.38 15.84
C ILE E 38 -19.33 43.67 16.83
N SER E 39 -19.99 42.61 16.39
CA SER E 39 -20.72 41.78 17.31
C SER E 39 -19.67 41.13 18.21
N THR E 40 -20.05 40.85 19.45
CA THR E 40 -19.14 40.23 20.41
C THR E 40 -19.84 39.16 21.23
N LYS E 41 -19.36 37.93 21.12
CA LYS E 41 -19.94 36.80 21.86
C LYS E 41 -18.92 36.19 22.80
N LEU E 42 -19.42 35.56 23.87
CA LEU E 42 -18.56 34.93 24.84
C LEU E 42 -18.75 33.45 24.73
N MET E 43 -17.71 32.68 25.04
CA MET E 43 -17.81 31.26 24.82
C MET E 43 -17.16 30.52 25.96
N ASN E 44 -17.82 29.49 26.44
CA ASN E 44 -17.34 28.78 27.60
C ASN E 44 -16.83 27.44 27.12
N ILE E 45 -15.55 27.23 27.26
CA ILE E 45 -15.01 25.95 26.85
C ILE E 45 -14.30 25.31 28.02
N PHE E 46 -14.17 23.99 27.96
CA PHE E 46 -13.45 23.25 28.98
C PHE E 46 -12.17 22.68 28.42
N LEU E 47 -11.07 23.14 29.03
CA LEU E 47 -9.75 22.88 28.52
C LEU E 47 -9.38 21.41 28.60
N LYS E 48 -8.71 20.94 27.56
CA LYS E 48 -8.21 19.58 27.53
C LYS E 48 -6.94 19.53 28.38
N ASP E 49 -6.76 18.39 29.04
CA ASP E 49 -5.75 18.22 30.10
C ASP E 49 -4.30 18.30 29.62
N SER E 50 -4.06 18.51 28.33
CA SER E 50 -2.71 18.72 27.83
C SER E 50 -2.10 19.96 28.46
N ILE E 51 -0.81 19.90 28.80
CA ILE E 51 -0.12 21.05 29.36
C ILE E 51 0.79 21.60 28.31
N THR E 52 0.25 22.49 27.50
CA THR E 52 0.94 22.98 26.33
C THR E 52 0.40 24.36 25.99
N THR E 53 0.49 24.76 24.73
CA THR E 53 -0.10 26.02 24.32
C THR E 53 -1.02 25.80 23.16
N TRP E 54 -2.30 25.98 23.39
CA TRP E 54 -3.25 25.77 22.33
C TRP E 54 -3.22 26.99 21.44
N GLU E 55 -3.15 26.77 20.12
CA GLU E 55 -3.30 27.88 19.20
C GLU E 55 -4.69 27.85 18.60
N ILE E 56 -5.51 28.84 18.91
CA ILE E 56 -6.90 28.86 18.45
C ILE E 56 -7.10 29.71 17.18
N LEU E 57 -7.71 29.11 16.15
CA LEU E 57 -7.93 29.81 14.87
C LEU E 57 -9.41 30.00 14.49
N ALA E 58 -9.81 31.25 14.29
CA ALA E 58 -11.19 31.58 14.00
C ALA E 58 -11.35 32.01 12.55
N VAL E 59 -12.42 31.56 11.90
CA VAL E 59 -12.66 31.97 10.52
C VAL E 59 -14.12 32.36 10.35
N SER E 60 -14.38 33.59 9.90
CA SER E 60 -15.76 34.05 9.86
C SER E 60 -16.29 34.08 8.43
N MET E 61 -17.61 34.01 8.31
CA MET E 61 -18.28 34.01 7.02
C MET E 61 -19.58 34.82 7.05
N SER E 62 -19.53 36.08 6.59
CA SER E 62 -20.72 36.93 6.50
C SER E 62 -21.07 37.25 5.07
N ASP E 63 -22.31 36.99 4.67
CA ASP E 63 -22.72 37.25 3.30
C ASP E 63 -22.66 38.72 2.99
N LYS E 64 -22.36 39.54 3.99
CA LYS E 64 -22.13 40.95 3.74
C LYS E 64 -20.65 41.31 3.68
N LYS E 65 -19.82 40.67 4.51
CA LYS E 65 -18.45 41.09 4.61
C LYS E 65 -17.46 40.12 3.97
N GLY E 66 -17.94 38.93 3.62
CA GLY E 66 -17.07 37.92 3.05
C GLY E 66 -16.35 37.06 4.06
N ILE E 67 -15.20 36.53 3.66
CA ILE E 67 -14.48 35.58 4.49
C ILE E 67 -13.33 36.27 5.20
N CYS E 68 -13.11 35.91 6.45
CA CYS E 68 -12.10 36.56 7.27
C CYS E 68 -11.44 35.57 8.20
N VAL E 69 -10.12 35.37 8.04
CA VAL E 69 -9.33 34.50 8.88
C VAL E 69 -8.61 35.29 9.98
N ALA E 70 -8.84 34.93 11.23
CA ALA E 70 -8.27 35.73 12.31
C ALA E 70 -6.79 35.46 12.47
N ASP E 71 -6.14 36.28 13.30
CA ASP E 71 -4.78 35.98 13.74
C ASP E 71 -5.01 34.96 14.83
N PRO E 72 -4.09 34.01 14.96
CA PRO E 72 -4.18 32.97 15.99
C PRO E 72 -4.34 33.58 17.37
N PHE E 73 -4.97 32.83 18.27
CA PHE E 73 -5.02 33.22 19.66
C PHE E 73 -4.41 32.14 20.50
N GLU E 74 -3.32 32.46 21.19
CA GLU E 74 -2.61 31.44 21.94
C GLU E 74 -3.14 31.38 23.35
N VAL E 75 -3.19 30.17 23.88
CA VAL E 75 -3.58 29.93 25.24
C VAL E 75 -2.59 28.96 25.87
N THR E 76 -1.99 29.33 27.00
CA THR E 76 -1.05 28.44 27.64
C THR E 76 -1.63 27.87 28.91
N VAL E 77 -1.53 26.55 29.03
CA VAL E 77 -2.21 25.77 30.05
C VAL E 77 -1.17 25.07 30.91
N MET E 78 -0.99 25.51 32.15
CA MET E 78 0.11 24.98 32.95
C MET E 78 -0.17 24.70 34.46
N GLN E 79 0.77 24.00 35.08
CA GLN E 79 0.74 23.64 36.49
C GLN E 79 2.15 23.75 37.08
N ASP E 80 2.26 24.18 38.33
CA ASP E 80 3.55 24.24 39.02
C ASP E 80 4.21 22.86 38.96
N PHE E 81 3.38 21.83 39.12
CA PHE E 81 3.83 20.44 39.17
C PHE E 81 2.99 19.50 38.31
N PHE E 82 3.64 18.67 37.52
CA PHE E 82 2.94 17.77 36.59
C PHE E 82 3.87 16.73 35.94
N ILE E 83 3.27 15.68 35.39
CA ILE E 83 3.99 14.56 34.76
C ILE E 83 3.94 14.68 33.26
N ASP E 84 5.06 14.47 32.59
CA ASP E 84 5.05 14.28 31.13
C ASP E 84 5.40 12.84 30.79
N LEU E 85 4.37 12.06 30.48
CA LEU E 85 4.57 10.65 30.21
C LEU E 85 4.93 10.42 28.74
N ARG E 86 6.23 10.42 28.43
CA ARG E 86 6.68 10.33 27.06
C ARG E 86 6.73 8.90 26.53
N LEU E 87 5.65 8.49 25.85
CA LEU E 87 5.54 7.18 25.22
C LEU E 87 5.94 7.30 23.79
N PRO E 88 6.29 6.17 23.15
CA PRO E 88 6.54 6.24 21.72
C PRO E 88 5.24 6.02 20.95
N TYR E 89 5.28 6.21 19.63
CA TYR E 89 4.08 6.00 18.82
C TYR E 89 3.58 4.56 18.93
N SER E 90 4.51 3.62 18.80
CA SER E 90 4.17 2.22 18.84
C SER E 90 5.29 1.36 19.42
N VAL E 91 4.91 0.16 19.85
CA VAL E 91 5.84 -0.81 20.40
C VAL E 91 5.51 -2.15 19.83
N VAL E 92 6.46 -3.08 19.97
CA VAL E 92 6.31 -4.40 19.39
C VAL E 92 5.97 -5.43 20.48
N ARG E 93 4.83 -6.10 20.32
CA ARG E 93 4.41 -7.11 21.28
C ARG E 93 5.56 -8.03 21.66
N ASN E 94 5.78 -8.14 22.96
CA ASN E 94 6.81 -8.99 23.55
C ASN E 94 8.23 -8.40 23.59
N GLU E 95 8.42 -7.22 22.99
CA GLU E 95 9.69 -6.50 23.10
C GLU E 95 9.75 -5.60 24.34
N GLN E 96 10.79 -5.78 25.15
CA GLN E 96 10.96 -4.93 26.32
C GLN E 96 11.44 -3.55 25.89
N VAL E 97 10.79 -2.50 26.37
CA VAL E 97 11.16 -1.14 26.01
C VAL E 97 11.16 -0.29 27.27
N GLU E 98 11.91 0.81 27.25
CA GLU E 98 11.87 1.75 28.36
C GLU E 98 11.11 3.03 28.00
N ILE E 99 10.35 3.55 28.95
CA ILE E 99 9.63 4.80 28.74
C ILE E 99 10.07 5.73 29.84
N ARG E 100 9.91 7.03 29.60
CA ARG E 100 10.38 8.01 30.56
C ARG E 100 9.18 8.73 31.09
N ALA E 101 9.09 8.85 32.40
CA ALA E 101 8.11 9.73 33.00
C ALA E 101 8.84 10.97 33.53
N VAL E 102 8.63 12.10 32.87
CA VAL E 102 9.36 13.29 33.25
C VAL E 102 8.58 14.11 34.26
N LEU E 103 9.19 14.36 35.40
CA LEU E 103 8.52 15.15 36.43
C LEU E 103 9.03 16.58 36.46
N TYR E 104 8.11 17.54 36.39
CA TYR E 104 8.49 18.94 36.38
C TYR E 104 8.05 19.65 37.65
N ASN E 105 9.00 20.30 38.33
CA ASN E 105 8.71 21.16 39.48
C ASN E 105 8.99 22.62 39.14
N TYR E 106 7.94 23.43 39.07
CA TYR E 106 8.12 24.79 38.61
C TYR E 106 7.98 25.87 39.68
N ARG E 107 7.92 25.48 40.95
CA ARG E 107 7.86 26.46 42.02
C ARG E 107 9.19 27.18 42.17
N GLN E 108 9.12 28.45 42.54
CA GLN E 108 10.24 29.37 42.35
C GLN E 108 11.44 29.02 43.20
N ASN E 109 11.19 28.40 44.36
CA ASN E 109 12.24 28.15 45.32
C ASN E 109 11.68 27.35 46.48
N GLN E 110 11.59 26.04 46.29
CA GLN E 110 10.71 25.25 47.11
C GLN E 110 10.69 23.83 46.55
N GLU E 111 11.69 23.04 46.90
CA GLU E 111 11.80 21.69 46.35
C GLU E 111 10.61 20.81 46.69
N LEU E 112 10.54 19.61 46.11
CA LEU E 112 9.38 18.74 46.29
C LEU E 112 9.74 17.28 46.58
N LYS E 113 9.16 16.74 47.66
CA LYS E 113 9.33 15.33 47.94
C LYS E 113 8.12 14.63 47.36
N VAL E 114 8.37 13.84 46.32
CA VAL E 114 7.33 13.28 45.48
C VAL E 114 7.43 11.78 45.36
N ARG E 115 6.28 11.11 45.41
CA ARG E 115 6.22 9.66 45.20
C ARG E 115 5.56 9.41 43.87
N VAL E 116 6.27 8.68 43.01
CA VAL E 116 5.79 8.39 41.68
C VAL E 116 5.57 6.89 41.52
N GLU E 117 4.45 6.54 40.92
CA GLU E 117 4.10 5.14 40.76
C GLU E 117 3.64 4.78 39.35
N LEU E 118 4.22 3.71 38.80
CA LEU E 118 3.76 3.13 37.55
C LEU E 118 2.67 2.13 37.89
N LEU E 119 1.46 2.41 37.43
CA LEU E 119 0.31 1.57 37.73
C LEU E 119 0.38 0.21 37.06
N HIS E 120 -0.38 -0.74 37.59
CA HIS E 120 -0.34 -2.08 37.04
C HIS E 120 -1.28 -2.23 35.84
N ASN E 121 -0.75 -2.80 34.77
CA ASN E 121 -1.61 -3.31 33.71
C ASN E 121 -1.25 -4.75 33.41
N PRO E 122 -2.27 -5.60 33.34
CA PRO E 122 -2.12 -6.99 32.94
C PRO E 122 -1.80 -7.08 31.44
N ALA E 123 -1.89 -5.95 30.75
CA ALA E 123 -1.58 -5.91 29.34
C ALA E 123 -0.10 -5.66 29.17
N PHE E 124 0.59 -5.46 30.28
CA PHE E 124 2.01 -5.14 30.29
C PHE E 124 2.69 -5.95 31.36
N CYS E 125 3.99 -6.16 31.20
CA CYS E 125 4.78 -6.71 32.29
C CYS E 125 5.71 -5.65 32.88
N SER E 126 5.53 -5.34 34.16
CA SER E 126 6.40 -4.39 34.84
C SER E 126 6.60 -4.87 36.27
N LEU E 127 7.43 -4.14 37.01
CA LEU E 127 7.62 -4.43 38.41
C LEU E 127 6.37 -4.18 39.21
N ALA E 128 5.32 -3.78 38.53
CA ALA E 128 4.04 -3.66 39.19
C ALA E 128 3.25 -4.95 38.95
N THR E 129 2.84 -5.59 40.04
CA THR E 129 1.99 -6.77 39.95
C THR E 129 0.72 -6.44 40.68
N THR E 130 -0.28 -7.32 40.59
CA THR E 130 -1.60 -7.04 41.14
C THR E 130 -1.60 -6.83 42.65
N LYS E 131 -0.52 -7.22 43.32
CA LYS E 131 -0.48 -7.04 44.77
C LYS E 131 0.60 -6.08 45.24
N ARG E 132 1.68 -5.95 44.47
CA ARG E 132 2.78 -5.05 44.85
C ARG E 132 2.86 -3.82 43.94
N ARG E 133 3.09 -2.66 44.55
CA ARG E 133 3.17 -1.40 43.82
C ARG E 133 4.58 -1.11 43.34
N HIS E 134 4.66 -0.14 42.42
CA HIS E 134 5.95 0.30 41.93
C HIS E 134 6.13 1.80 42.14
N GLN E 135 6.48 2.17 43.36
CA GLN E 135 6.70 3.57 43.72
C GLN E 135 8.14 3.83 44.18
N GLN E 136 8.75 4.85 43.59
CA GLN E 136 10.00 5.41 44.10
C GLN E 136 9.53 6.62 44.88
N THR E 137 10.39 7.19 45.71
CA THR E 137 10.08 8.48 46.30
C THR E 137 11.26 9.40 45.97
N VAL E 138 11.03 10.39 45.11
CA VAL E 138 12.11 11.30 44.73
C VAL E 138 11.95 12.74 45.21
N THR E 139 13.07 13.42 45.36
CA THR E 139 13.06 14.82 45.73
C THR E 139 13.52 15.63 44.52
N ILE E 140 12.73 16.64 44.16
CA ILE E 140 13.01 17.46 42.98
C ILE E 140 13.25 18.92 43.34
N PRO E 141 14.43 19.45 42.97
CA PRO E 141 14.79 20.85 43.19
C PRO E 141 13.75 21.76 42.57
N PRO E 142 13.76 23.06 42.90
CA PRO E 142 12.80 23.98 42.27
C PRO E 142 13.17 24.20 40.82
N LYS E 143 12.30 24.84 40.05
CA LYS E 143 12.52 25.02 38.62
C LYS E 143 13.56 24.04 38.10
N SER E 144 13.19 22.76 38.07
CA SER E 144 14.03 21.68 37.52
C SER E 144 13.20 20.40 37.31
N SER E 145 13.67 19.53 36.43
CA SER E 145 12.88 18.36 36.04
C SER E 145 13.55 17.01 36.37
N LEU E 146 12.75 15.96 36.44
CA LEU E 146 13.24 14.65 36.83
C LEU E 146 12.76 13.55 35.92
N SER E 147 13.67 12.71 35.48
CA SER E 147 13.30 11.59 34.62
C SER E 147 13.22 10.26 35.39
N VAL E 148 12.05 9.64 35.32
CA VAL E 148 11.80 8.36 35.97
C VAL E 148 11.50 7.33 34.88
N PRO E 149 12.47 6.41 34.65
CA PRO E 149 12.36 5.35 33.65
C PRO E 149 11.49 4.21 34.13
N TYR E 150 10.93 3.49 33.18
CA TYR E 150 10.04 2.40 33.47
C TYR E 150 10.26 1.36 32.41
N VAL E 151 10.81 0.21 32.78
CA VAL E 151 10.91 -0.88 31.81
C VAL E 151 9.62 -1.71 31.84
N ILE E 152 9.16 -2.06 30.65
CA ILE E 152 7.90 -2.73 30.50
C ILE E 152 7.93 -3.58 29.25
N VAL E 153 6.98 -4.50 29.15
CA VAL E 153 6.87 -5.33 27.98
C VAL E 153 5.40 -5.43 27.68
N PRO E 154 5.03 -5.07 26.44
CA PRO E 154 3.65 -5.23 25.97
C PRO E 154 3.33 -6.70 25.78
N LEU E 155 2.20 -7.15 26.32
CA LEU E 155 1.86 -8.56 26.25
C LEU E 155 0.90 -8.83 25.10
N LYS E 156 -0.14 -8.00 24.98
CA LYS E 156 -1.12 -8.13 23.91
C LYS E 156 -1.13 -6.90 23.01
N THR E 157 -1.52 -7.09 21.76
CA THR E 157 -1.56 -6.02 20.77
C THR E 157 -2.73 -5.11 20.98
N GLY E 158 -2.86 -4.14 20.10
CA GLY E 158 -3.97 -3.21 20.15
C GLY E 158 -3.59 -1.85 20.67
N LEU E 159 -4.60 -1.11 21.12
CA LEU E 159 -4.37 0.19 21.71
C LEU E 159 -4.29 -0.02 23.21
N GLN E 160 -3.06 -0.12 23.70
CA GLN E 160 -2.80 -0.39 25.11
C GLN E 160 -2.31 0.82 25.85
N GLU E 161 -2.61 0.87 27.14
CA GLU E 161 -2.52 2.13 27.88
C GLU E 161 -1.64 2.08 29.12
N VAL E 162 -0.87 3.15 29.31
CA VAL E 162 0.13 3.24 30.36
C VAL E 162 -0.26 4.35 31.29
N GLU E 163 -0.08 4.16 32.57
CA GLU E 163 -0.52 5.14 33.56
C GLU E 163 0.52 5.28 34.67
N VAL E 164 1.03 6.48 34.89
CA VAL E 164 1.78 6.75 36.11
C VAL E 164 1.11 7.89 36.85
N LYS E 165 1.08 7.78 38.17
CA LYS E 165 0.62 8.87 39.00
C LYS E 165 1.72 9.40 39.90
N ALA E 166 1.42 10.39 40.72
CA ALA E 166 2.40 10.95 41.61
C ALA E 166 1.74 12.01 42.44
N ALA E 167 2.13 12.08 43.71
CA ALA E 167 1.77 13.21 44.57
C ALA E 167 2.98 13.63 45.38
N VAL E 168 2.91 14.86 45.90
CA VAL E 168 3.99 15.41 46.66
C VAL E 168 3.55 15.47 48.10
N TYR E 169 4.49 15.29 49.02
CA TYR E 169 4.18 15.23 50.44
C TYR E 169 4.05 16.61 51.05
N HIS E 170 3.34 16.67 52.17
CA HIS E 170 3.21 17.89 52.97
C HIS E 170 2.40 18.95 52.23
N HIS E 171 2.61 18.99 50.93
CA HIS E 171 1.74 19.70 50.03
C HIS E 171 0.69 18.76 49.50
N PHE E 172 -0.46 19.31 49.12
CA PHE E 172 -1.45 18.40 48.60
C PHE E 172 -1.66 18.58 47.12
N ILE E 173 -0.53 18.67 46.43
CA ILE E 173 -0.50 18.61 44.99
C ILE E 173 -0.50 17.14 44.57
N SER E 174 -1.10 16.86 43.42
CA SER E 174 -1.13 15.51 42.91
C SER E 174 -1.43 15.51 41.42
N ASP E 175 -0.87 14.54 40.70
CA ASP E 175 -1.07 14.46 39.25
C ASP E 175 -0.77 13.08 38.68
N GLY E 176 -1.49 12.71 37.62
CA GLY E 176 -1.33 11.43 36.97
C GLY E 176 -1.68 11.45 35.48
N VAL E 177 -0.94 10.68 34.69
CA VAL E 177 -1.10 10.73 33.24
C VAL E 177 -1.47 9.36 32.71
N ARG E 178 -2.43 9.34 31.81
CA ARG E 178 -2.86 8.09 31.23
C ARG E 178 -2.95 8.19 29.69
N LYS E 179 -1.78 8.08 29.04
CA LYS E 179 -1.69 8.05 27.58
C LYS E 179 -1.87 6.62 27.12
N SER E 180 -2.01 6.43 25.82
CA SER E 180 -2.12 5.10 25.24
C SER E 180 -1.30 5.07 23.99
N LEU E 181 -0.75 3.90 23.68
CA LEU E 181 0.10 3.76 22.53
C LEU E 181 -0.23 2.47 21.81
N LYS E 182 0.40 2.26 20.67
CA LYS E 182 0.04 1.16 19.80
C LYS E 182 0.97 -0.02 19.95
N VAL E 183 0.42 -1.11 20.44
CA VAL E 183 1.13 -2.37 20.44
C VAL E 183 0.89 -3.07 19.11
N VAL E 184 1.97 -3.48 18.48
CA VAL E 184 1.89 -4.05 17.15
C VAL E 184 2.70 -5.36 17.09
N PRO E 185 2.14 -6.37 16.43
CA PRO E 185 2.66 -7.75 16.40
C PRO E 185 4.07 -7.92 15.82
N GLU E 186 4.79 -8.93 16.31
CA GLU E 186 6.15 -9.23 15.84
C GLU E 186 6.24 -9.42 14.33
N THR F 37 16.15 -3.29 15.80
CA THR F 37 16.81 -4.59 15.73
C THR F 37 18.30 -4.40 16.04
N CYS F 38 18.76 -3.15 15.91
CA CYS F 38 20.17 -2.79 15.98
C CYS F 38 20.82 -2.95 14.64
N ASN F 39 20.09 -2.59 13.58
CA ASN F 39 20.57 -2.72 12.22
C ASN F 39 21.89 -1.98 12.01
N LYS F 40 22.03 -0.83 12.64
CA LYS F 40 23.18 0.02 12.39
C LYS F 40 24.19 -0.04 13.50
N PHE F 41 23.79 -0.43 14.69
CA PHE F 41 24.74 -0.45 15.78
C PHE F 41 24.91 -1.80 16.45
N ASP F 42 26.03 -1.93 17.16
CA ASP F 42 26.25 -3.07 18.02
C ASP F 42 26.45 -2.55 19.42
N LEU F 43 25.74 -3.16 20.37
CA LEU F 43 25.78 -2.72 21.74
C LEU F 43 25.89 -3.87 22.72
N LYS F 44 26.94 -3.81 23.55
CA LYS F 44 27.20 -4.79 24.58
C LYS F 44 27.26 -4.09 25.92
N VAL F 45 26.39 -4.48 26.85
CA VAL F 45 26.34 -3.85 28.15
C VAL F 45 26.72 -4.89 29.19
N THR F 46 27.73 -4.58 29.99
CA THR F 46 28.26 -5.54 30.96
C THR F 46 28.19 -4.99 32.38
N ILE F 47 27.58 -5.75 33.29
CA ILE F 47 27.50 -5.31 34.68
C ILE F 47 28.02 -6.32 35.70
N LYS F 48 29.11 -5.96 36.40
CA LYS F 48 29.78 -6.85 37.35
C LYS F 48 29.96 -6.18 38.72
N PRO F 49 29.94 -6.95 39.83
CA PRO F 49 30.16 -6.31 41.13
C PRO F 49 31.55 -5.72 41.13
N ALA F 50 31.89 -4.82 42.05
CA ALA F 50 33.15 -4.06 41.92
C ALA F 50 34.40 -4.73 42.50
N PRO F 51 35.58 -4.17 42.21
CA PRO F 51 36.84 -4.63 42.79
C PRO F 51 37.20 -3.83 44.05
N LYS F 61 28.53 2.47 48.72
CA LYS F 61 28.20 1.30 49.52
C LYS F 61 28.38 -0.01 48.77
N ASN F 62 27.59 -0.21 47.71
CA ASN F 62 27.56 -1.48 46.96
C ASN F 62 28.48 -1.53 45.73
N THR F 63 28.17 -0.70 44.74
CA THR F 63 29.00 -0.48 43.53
C THR F 63 29.35 -1.67 42.61
N MET F 64 29.32 -1.39 41.31
CA MET F 64 29.60 -2.36 40.25
C MET F 64 30.21 -1.66 39.03
N ILE F 65 30.26 -2.35 37.89
CA ILE F 65 30.88 -1.82 36.64
C ILE F 65 29.91 -1.82 35.44
N LEU F 66 29.63 -0.62 34.93
CA LEU F 66 28.85 -0.49 33.72
C LEU F 66 29.81 -0.32 32.58
N GLU F 67 29.70 -1.15 31.54
CA GLU F 67 30.63 -1.10 30.44
C GLU F 67 29.92 -1.19 29.09
N ILE F 68 30.25 -0.24 28.23
CA ILE F 68 29.52 -0.04 26.96
C ILE F 68 30.37 -0.31 25.72
N CYS F 69 30.03 -1.38 25.02
CA CYS F 69 30.75 -1.80 23.85
C CYS F 69 29.85 -1.60 22.62
N THR F 70 30.35 -0.82 21.66
CA THR F 70 29.52 -0.28 20.61
C THR F 70 30.28 -0.20 19.28
N ARG F 71 29.62 -0.41 18.14
CA ARG F 71 30.26 -0.32 16.81
C ARG F 71 29.29 0.13 15.72
N TYR F 72 29.79 0.47 14.54
CA TYR F 72 28.90 0.92 13.46
C TYR F 72 28.93 -0.06 12.29
N ARG F 73 27.76 -0.59 11.91
CA ARG F 73 27.64 -1.48 10.76
C ARG F 73 27.63 -0.74 9.44
N GLY F 74 28.55 0.20 9.28
CA GLY F 74 28.71 0.96 8.05
C GLY F 74 30.11 0.76 7.52
N ASP F 75 30.50 1.49 6.48
CA ASP F 75 31.80 1.21 5.89
C ASP F 75 32.81 2.30 6.09
N GLN F 76 32.41 3.35 6.80
CA GLN F 76 33.33 4.29 7.42
C GLN F 76 32.79 4.51 8.83
N ASP F 77 33.53 5.19 9.70
CA ASP F 77 33.03 5.46 11.07
C ASP F 77 31.63 6.08 11.10
N ALA F 78 31.29 6.68 12.23
CA ALA F 78 30.06 7.46 12.33
C ALA F 78 30.32 8.78 13.02
N THR F 79 29.61 9.80 12.60
CA THR F 79 29.79 11.12 13.17
C THR F 79 29.31 11.07 14.60
N MET F 80 29.13 12.24 15.23
CA MET F 80 28.74 12.27 16.63
C MET F 80 27.65 11.25 16.92
N SER F 81 27.65 10.73 18.14
CA SER F 81 26.62 9.78 18.48
C SER F 81 26.15 10.04 19.88
N ILE F 82 25.15 9.28 20.30
CA ILE F 82 24.61 9.44 21.64
C ILE F 82 24.52 8.16 22.50
N LEU F 83 24.99 8.28 23.73
CA LEU F 83 24.92 7.25 24.75
C LEU F 83 23.93 7.66 25.79
N ASP F 84 22.74 7.07 25.73
CA ASP F 84 21.61 7.42 26.58
C ASP F 84 21.40 6.40 27.70
N ILE F 85 21.81 6.79 28.90
CA ILE F 85 21.96 5.86 30.00
C ILE F 85 21.00 6.16 31.14
N SER F 86 20.48 5.10 31.76
CA SER F 86 19.54 5.22 32.86
C SER F 86 19.94 4.22 33.90
N MET F 87 19.82 4.61 35.16
CA MET F 87 20.35 3.82 36.25
C MET F 87 19.35 2.84 36.82
N MET F 88 19.85 1.77 37.41
CA MET F 88 19.03 0.78 38.09
C MET F 88 18.52 1.40 39.37
N THR F 89 17.21 1.33 39.59
CA THR F 89 16.61 2.10 40.68
C THR F 89 17.49 2.12 41.95
N GLY F 90 18.17 3.24 42.20
CA GLY F 90 18.94 3.38 43.42
C GLY F 90 20.45 3.43 43.23
N PHE F 91 20.90 3.70 42.02
CA PHE F 91 22.34 3.84 41.74
C PHE F 91 22.66 5.27 41.29
N ALA F 92 23.92 5.55 41.01
CA ALA F 92 24.32 6.89 40.57
C ALA F 92 25.76 6.88 40.14
N PRO F 93 26.03 7.34 38.93
CA PRO F 93 27.41 7.27 38.45
C PRO F 93 28.40 7.76 39.50
N ASP F 94 29.66 7.41 39.29
CA ASP F 94 30.74 7.78 40.17
C ASP F 94 31.34 9.12 39.73
N THR F 95 30.74 10.21 40.20
CA THR F 95 31.07 11.55 39.71
C THR F 95 32.48 11.63 39.11
N ASP F 96 33.49 11.39 39.92
CA ASP F 96 34.87 11.34 39.43
C ASP F 96 34.95 10.59 38.09
N ASP F 97 34.79 9.26 38.09
CA ASP F 97 34.98 8.44 36.88
C ASP F 97 34.52 9.19 35.61
N LEU F 98 33.39 9.87 35.70
CA LEU F 98 32.87 10.59 34.55
C LEU F 98 34.00 11.41 33.94
N LYS F 99 34.65 12.20 34.77
CA LYS F 99 35.69 13.10 34.32
C LYS F 99 36.78 12.50 33.43
N GLN F 100 37.25 11.29 33.72
CA GLN F 100 38.23 10.62 32.86
C GLN F 100 37.64 10.47 31.46
N LEU F 101 36.32 10.33 31.44
CA LEU F 101 35.58 10.29 30.21
C LEU F 101 35.48 11.69 29.68
N ALA F 102 35.36 12.63 30.60
CA ALA F 102 35.09 14.04 30.27
C ALA F 102 36.13 14.70 29.38
N ASN F 103 37.41 14.57 29.72
CA ASN F 103 38.45 15.09 28.86
C ASN F 103 38.34 14.43 27.50
N GLY F 104 38.60 13.13 27.47
CA GLY F 104 38.25 12.32 26.33
C GLY F 104 38.48 12.84 24.92
N VAL F 105 39.21 12.01 24.19
CA VAL F 105 39.22 12.01 22.75
C VAL F 105 37.85 11.55 22.29
N ASP F 106 37.13 12.42 21.58
CA ASP F 106 35.88 12.00 21.00
C ASP F 106 34.86 11.61 22.07
N ARG F 107 34.95 12.22 23.25
CA ARG F 107 33.90 12.07 24.25
C ARG F 107 33.69 13.28 25.14
N TYR F 108 32.40 13.59 25.35
CA TYR F 108 32.00 14.76 26.10
C TYR F 108 30.69 14.49 26.80
N ILE F 109 30.53 15.16 27.95
CA ILE F 109 29.45 14.97 28.87
C ILE F 109 29.33 16.31 29.54
N SER F 110 28.15 16.91 29.55
CA SER F 110 27.98 18.36 29.72
C SER F 110 28.07 18.93 31.13
N LYS F 111 28.77 20.05 31.30
CA LYS F 111 29.00 20.57 32.64
C LYS F 111 27.70 20.54 33.44
N TYR F 112 26.57 20.49 32.78
CA TYR F 112 25.31 20.48 33.51
C TYR F 112 25.08 19.16 34.20
N GLU F 113 25.52 18.10 33.58
CA GLU F 113 25.44 16.82 34.24
C GLU F 113 26.66 16.68 35.15
N LEU F 114 27.84 17.01 34.61
CA LEU F 114 29.10 16.80 35.32
C LEU F 114 29.16 17.53 36.64
N ASP F 115 27.99 17.85 37.20
CA ASP F 115 27.87 18.35 38.57
C ASP F 115 26.44 18.38 39.11
N LYS F 116 25.81 17.22 39.18
CA LYS F 116 24.46 17.10 39.72
C LYS F 116 24.45 16.41 41.11
N ALA F 117 24.88 15.13 41.14
CA ALA F 117 25.22 14.34 42.37
C ALA F 117 24.56 12.95 42.60
N PHE F 118 24.62 12.46 43.83
CA PHE F 118 23.72 11.42 44.31
C PHE F 118 22.39 12.10 44.57
N SER F 119 22.21 13.22 43.87
CA SER F 119 21.04 14.08 44.00
C SER F 119 19.87 13.39 43.36
N ASP F 120 19.83 13.45 42.04
CA ASP F 120 18.92 12.66 41.26
C ASP F 120 19.32 12.74 39.80
N ARG F 121 20.52 12.23 39.57
CA ARG F 121 21.05 12.06 38.25
C ARG F 121 20.90 10.60 37.93
N ASN F 122 19.66 10.16 37.70
CA ASN F 122 19.45 8.76 37.33
C ASN F 122 19.17 8.54 35.85
N THR F 123 19.45 9.56 35.05
CA THR F 123 19.67 9.45 33.61
C THR F 123 20.81 10.41 33.31
N LEU F 124 21.59 10.12 32.27
CA LEU F 124 22.72 10.95 31.87
C LEU F 124 23.09 10.57 30.47
N ILE F 125 23.62 11.52 29.70
CA ILE F 125 23.93 11.33 28.27
C ILE F 125 25.42 11.45 28.01
N ILE F 126 26.05 10.49 27.33
CA ILE F 126 27.47 10.70 27.01
C ILE F 126 27.65 10.85 25.53
N TYR F 127 28.07 12.02 25.01
CA TYR F 127 28.18 12.15 23.56
C TYR F 127 29.52 11.75 23.13
N LEU F 128 29.51 11.10 21.98
CA LEU F 128 30.67 10.54 21.37
C LEU F 128 30.89 11.32 20.09
N ASP F 129 32.15 11.58 19.76
CA ASP F 129 32.51 12.23 18.52
C ASP F 129 32.54 11.24 17.36
N LYS F 130 32.61 9.96 17.69
CA LYS F 130 32.59 8.90 16.70
C LYS F 130 32.49 7.54 17.39
N VAL F 131 32.05 6.53 16.66
CA VAL F 131 32.24 5.16 17.08
C VAL F 131 32.90 4.48 15.91
N SER F 132 33.80 3.55 16.18
CA SER F 132 34.50 2.88 15.11
C SER F 132 33.62 1.86 14.38
N HIS F 133 33.65 1.89 13.05
CA HIS F 133 32.84 0.98 12.23
C HIS F 133 33.63 -0.28 12.06
N SER F 134 34.75 -0.31 12.76
CA SER F 134 35.84 -1.22 12.50
C SER F 134 35.97 -2.23 13.62
N GLU F 135 36.17 -1.73 14.84
CA GLU F 135 36.20 -2.57 16.02
C GLU F 135 35.16 -2.16 17.06
N ASP F 136 35.51 -2.31 18.33
CA ASP F 136 34.56 -2.06 19.41
C ASP F 136 34.99 -0.89 20.27
N ASP F 137 34.45 0.30 20.00
CA ASP F 137 34.72 1.43 20.88
C ASP F 137 34.07 1.16 22.25
N CYS F 138 34.94 0.77 23.20
CA CYS F 138 34.55 0.49 24.58
C CYS F 138 34.91 1.63 25.52
N LEU F 139 34.04 1.88 26.47
CA LEU F 139 34.30 2.84 27.51
C LEU F 139 33.56 2.30 28.70
N ALA F 140 34.04 2.55 29.89
CA ALA F 140 33.31 2.07 31.02
C ALA F 140 33.54 2.88 32.29
N PHE F 141 32.63 2.76 33.24
CA PHE F 141 32.62 3.53 34.47
C PHE F 141 31.70 2.87 35.49
N LYS F 142 31.84 3.28 36.75
CA LYS F 142 31.30 2.56 37.90
C LYS F 142 30.18 3.31 38.63
N VAL F 143 29.25 2.56 39.21
CA VAL F 143 28.13 3.15 39.96
C VAL F 143 28.10 2.74 41.43
N HIS F 144 27.22 3.40 42.20
CA HIS F 144 27.07 3.17 43.64
C HIS F 144 25.59 3.03 44.01
N GLN F 145 25.27 2.34 45.11
CA GLN F 145 23.86 2.12 45.46
C GLN F 145 23.34 2.99 46.60
N TYR F 146 23.01 4.23 46.28
CA TYR F 146 22.70 5.22 47.31
C TYR F 146 21.46 4.93 48.16
N PHE F 147 20.72 3.89 47.79
CA PHE F 147 19.53 3.59 48.55
C PHE F 147 19.07 2.18 48.29
N ASN F 148 19.05 1.38 49.33
CA ASN F 148 18.73 -0.01 49.21
C ASN F 148 17.23 -0.17 49.09
N VAL F 149 16.75 -0.66 47.96
CA VAL F 149 15.35 -1.01 47.82
C VAL F 149 15.29 -2.46 47.38
N GLU F 150 14.16 -3.12 47.60
CA GLU F 150 14.02 -4.50 47.14
C GLU F 150 13.37 -4.49 45.79
N LEU F 151 13.69 -5.49 44.99
CA LEU F 151 13.21 -5.50 43.62
C LEU F 151 13.70 -4.26 42.89
N ILE F 152 14.76 -4.39 42.09
CA ILE F 152 15.30 -3.24 41.40
C ILE F 152 15.10 -3.35 39.90
N GLN F 153 14.72 -2.23 39.28
CA GLN F 153 14.36 -2.19 37.88
C GLN F 153 15.65 -2.12 37.14
N PRO F 154 15.75 -2.84 36.03
CA PRO F 154 16.96 -2.84 35.21
C PRO F 154 17.25 -1.49 34.65
N GLY F 155 18.42 -1.40 34.04
CA GLY F 155 18.89 -0.16 33.50
C GLY F 155 19.01 -0.25 32.00
N ALA F 156 19.38 0.87 31.40
CA ALA F 156 19.29 0.95 29.96
C ALA F 156 20.47 1.68 29.31
N VAL F 157 20.81 1.24 28.11
CA VAL F 157 21.76 1.96 27.30
C VAL F 157 21.28 2.00 25.86
N LYS F 158 21.13 3.21 25.35
CA LYS F 158 20.58 3.41 24.02
C LYS F 158 21.61 4.25 23.30
N VAL F 159 21.96 3.83 22.07
CA VAL F 159 22.85 4.63 21.23
C VAL F 159 22.27 4.91 19.88
N TYR F 160 22.46 6.14 19.46
CA TYR F 160 21.99 6.54 18.18
C TYR F 160 22.95 7.60 17.66
N ALA F 161 23.04 7.72 16.34
CA ALA F 161 23.87 8.75 15.75
C ALA F 161 23.04 10.02 15.67
N TYR F 162 23.62 11.15 16.04
CA TYR F 162 22.80 12.34 16.24
C TYR F 162 21.71 12.46 15.16
N TYR F 163 22.09 12.39 13.90
CA TYR F 163 21.18 12.72 12.81
C TYR F 163 19.94 11.85 12.66
N ASN F 164 19.57 11.09 13.67
CA ASN F 164 18.60 10.04 13.43
C ASN F 164 18.28 9.21 14.66
N LEU F 165 17.12 9.44 15.28
CA LEU F 165 16.68 8.61 16.42
C LEU F 165 15.92 7.31 16.01
N GLU F 166 15.87 6.99 14.72
CA GLU F 166 15.23 5.76 14.30
C GLU F 166 16.21 4.61 14.37
N GLU F 167 17.41 4.81 13.84
CA GLU F 167 18.46 3.82 13.97
C GLU F 167 19.10 3.94 15.34
N SER F 168 18.39 3.44 16.36
CA SER F 168 18.87 3.42 17.73
C SER F 168 18.94 1.98 18.21
N CYS F 169 19.71 1.74 19.27
CA CYS F 169 19.80 0.40 19.84
C CYS F 169 19.68 0.50 21.34
N THR F 170 18.88 -0.39 21.92
CA THR F 170 18.79 -0.49 23.36
C THR F 170 19.04 -1.93 23.85
N ARG F 171 19.91 -2.06 24.83
CA ARG F 171 20.23 -3.31 25.49
C ARG F 171 20.17 -2.98 26.98
N PHE F 172 19.67 -3.88 27.84
CA PHE F 172 19.65 -3.58 29.28
C PHE F 172 20.72 -4.26 30.13
N TYR F 173 20.66 -4.02 31.44
CA TYR F 173 21.55 -4.69 32.36
C TYR F 173 20.94 -4.90 33.75
N HIS F 174 21.17 -6.07 34.33
CA HIS F 174 20.69 -6.33 35.68
C HIS F 174 21.66 -7.22 36.43
N PRO F 175 21.85 -6.94 37.72
CA PRO F 175 22.73 -7.74 38.57
C PRO F 175 22.40 -9.22 38.53
N GLU F 176 21.15 -9.59 38.30
CA GLU F 176 20.80 -11.00 38.30
C GLU F 176 20.18 -11.40 36.98
N LYS F 177 19.08 -10.73 36.67
CA LYS F 177 18.38 -11.03 35.45
C LYS F 177 19.39 -11.20 34.32
N GLU F 178 19.08 -12.09 33.40
CA GLU F 178 19.98 -12.35 32.31
C GLU F 178 19.83 -11.21 31.34
N ASP F 179 20.94 -10.53 31.06
CA ASP F 179 20.92 -9.34 30.19
C ASP F 179 19.64 -8.52 30.35
N GLY F 180 19.31 -8.22 31.59
CA GLY F 180 18.22 -7.32 31.90
C GLY F 180 16.89 -7.56 31.24
N LYS F 181 16.55 -8.80 30.93
CA LYS F 181 15.16 -9.00 30.54
C LYS F 181 14.37 -9.21 31.80
N LEU F 182 13.07 -9.44 31.68
CA LEU F 182 12.30 -9.67 32.88
C LEU F 182 11.86 -11.13 33.02
N ASN F 183 11.11 -11.64 32.04
CA ASN F 183 10.67 -13.04 31.94
C ASN F 183 9.29 -13.27 31.33
N LYS F 184 9.19 -14.22 30.43
CA LYS F 184 7.97 -14.38 29.65
C LYS F 184 7.92 -15.68 28.84
N LEU F 185 7.09 -16.62 29.29
CA LEU F 185 6.83 -17.84 28.54
C LEU F 185 6.59 -17.43 27.11
N CYS F 186 7.06 -18.21 26.13
CA CYS F 186 6.80 -17.83 24.74
C CYS F 186 6.65 -18.90 23.62
N ARG F 187 5.41 -19.36 23.41
CA ARG F 187 5.03 -20.07 22.18
C ARG F 187 4.61 -19.01 21.17
N ASP F 188 5.06 -19.12 19.93
CA ASP F 188 4.53 -18.29 18.83
C ASP F 188 4.43 -16.78 19.18
N GLU F 189 3.30 -16.17 18.77
CA GLU F 189 3.08 -14.74 19.00
C GLU F 189 2.61 -14.41 20.42
N LEU F 190 1.83 -15.32 21.01
CA LEU F 190 1.30 -15.13 22.35
C LEU F 190 2.39 -15.25 23.44
N CYS F 191 2.20 -14.55 24.55
CA CYS F 191 3.14 -14.52 25.68
C CYS F 191 2.59 -13.85 26.95
N ARG F 192 3.11 -14.27 28.10
CA ARG F 192 2.56 -13.75 29.34
C ARG F 192 3.59 -13.66 30.46
N CYS F 193 3.16 -12.98 31.52
CA CYS F 193 4.04 -12.48 32.54
C CYS F 193 4.88 -13.57 33.13
N ALA F 194 5.80 -13.21 34.01
CA ALA F 194 6.64 -14.25 34.58
C ALA F 194 7.50 -13.86 35.75
N GLU F 195 7.67 -12.56 35.98
CA GLU F 195 8.42 -12.14 37.16
C GLU F 195 7.72 -12.49 38.49
N GLU F 196 7.49 -13.78 38.71
CA GLU F 196 6.64 -14.22 39.82
C GLU F 196 7.35 -15.35 40.55
N ASN F 197 6.61 -16.29 41.14
CA ASN F 197 7.37 -17.38 41.74
C ASN F 197 7.15 -18.71 41.01
N CYS F 198 8.23 -19.24 40.44
CA CYS F 198 8.16 -20.49 39.71
C CYS F 198 6.89 -21.27 40.03
N PHE F 199 6.98 -22.12 41.06
CA PHE F 199 5.84 -22.95 41.45
C PHE F 199 5.31 -22.54 42.82
N ILE F 200 5.78 -23.21 43.87
CA ILE F 200 5.33 -22.93 45.22
C ILE F 200 6.35 -23.31 46.28
N GLN F 201 6.29 -22.63 47.42
CA GLN F 201 7.17 -22.89 48.55
C GLN F 201 8.29 -23.93 48.29
N LYS F 202 8.54 -24.78 49.27
CA LYS F 202 9.62 -25.77 49.21
C LYS F 202 9.19 -27.11 49.81
N ASP F 205 7.33 -24.34 56.62
CA ASP F 205 7.32 -24.44 58.08
C ASP F 205 7.00 -25.84 58.58
N LYS F 206 6.57 -26.74 57.67
CA LYS F 206 6.29 -28.13 58.02
C LYS F 206 5.82 -29.05 56.88
N VAL F 207 4.69 -28.71 56.25
CA VAL F 207 4.07 -29.45 55.13
C VAL F 207 3.24 -30.68 55.55
N THR F 208 2.07 -30.44 56.16
CA THR F 208 1.30 -31.49 56.84
C THR F 208 0.23 -32.18 55.99
N LEU F 209 -0.81 -32.71 56.63
CA LEU F 209 -1.95 -33.32 55.93
C LEU F 209 -3.25 -32.52 55.94
N GLU F 210 -3.53 -31.77 57.00
CA GLU F 210 -4.69 -30.90 56.96
C GLU F 210 -4.41 -29.80 55.97
N GLU F 211 -3.16 -29.37 55.94
CA GLU F 211 -2.76 -28.26 55.09
C GLU F 211 -2.96 -28.56 53.62
N ARG F 212 -2.72 -29.81 53.23
CA ARG F 212 -2.88 -30.21 51.84
C ARG F 212 -4.32 -30.18 51.41
N LEU F 213 -5.20 -30.77 52.23
CA LEU F 213 -6.60 -30.89 51.84
C LEU F 213 -7.28 -29.52 51.76
N ASP F 214 -6.67 -28.52 52.39
CA ASP F 214 -7.18 -27.16 52.29
C ASP F 214 -6.93 -26.62 50.91
N LYS F 215 -5.81 -25.92 50.78
CA LYS F 215 -5.37 -25.34 49.53
C LYS F 215 -6.05 -26.04 48.35
N ALA F 216 -5.88 -27.36 48.27
CA ALA F 216 -6.34 -28.14 47.13
C ALA F 216 -7.84 -28.13 46.91
N CYS F 217 -8.41 -27.22 47.65
CA CYS F 217 -9.84 -27.09 47.47
C CYS F 217 -10.25 -25.67 47.18
N GLU F 218 -9.36 -24.73 47.42
CA GLU F 218 -9.59 -23.34 47.01
C GLU F 218 -10.16 -23.14 45.58
N PRO F 219 -11.04 -22.17 45.40
CA PRO F 219 -11.68 -21.99 44.12
C PRO F 219 -10.90 -22.19 42.80
N GLY F 220 -9.74 -21.52 42.75
CA GLY F 220 -8.94 -21.40 41.55
C GLY F 220 -8.39 -22.73 41.07
N VAL F 221 -8.33 -23.69 41.99
CA VAL F 221 -7.66 -24.95 41.71
C VAL F 221 -8.50 -25.85 40.83
N ASP F 222 -8.00 -26.16 39.64
CA ASP F 222 -8.82 -26.88 38.67
C ASP F 222 -8.41 -28.32 38.38
N TYR F 223 -7.33 -28.78 39.02
CA TYR F 223 -6.87 -30.14 38.77
C TYR F 223 -5.93 -30.61 39.84
N VAL F 224 -5.84 -31.93 39.99
CA VAL F 224 -4.90 -32.57 40.88
C VAL F 224 -4.55 -33.90 40.26
N TYR F 225 -3.29 -34.18 40.02
CA TYR F 225 -2.95 -35.42 39.34
C TYR F 225 -1.81 -36.16 40.01
N LYS F 226 -1.80 -37.48 39.84
CA LYS F 226 -0.61 -38.27 40.12
C LYS F 226 -0.03 -38.57 38.78
N THR F 227 1.27 -38.31 38.61
CA THR F 227 1.86 -38.25 37.29
C THR F 227 3.24 -38.82 37.19
N ARG F 228 3.61 -39.10 35.94
CA ARG F 228 4.95 -39.53 35.64
C ARG F 228 5.57 -38.56 34.66
N LEU F 229 6.82 -38.21 34.93
CA LEU F 229 7.54 -37.32 34.07
C LEU F 229 8.10 -38.13 32.94
N VAL F 230 7.42 -38.12 31.80
CA VAL F 230 7.85 -38.90 30.66
C VAL F 230 9.14 -38.37 30.04
N LYS F 231 9.05 -37.39 29.16
CA LYS F 231 10.24 -36.86 28.50
C LYS F 231 10.47 -35.44 28.95
N VAL F 232 11.69 -34.97 28.77
CA VAL F 232 12.04 -33.63 29.17
C VAL F 232 12.75 -32.94 28.02
N GLN F 233 12.16 -31.84 27.56
CA GLN F 233 12.76 -31.03 26.53
C GLN F 233 13.05 -29.66 27.12
N LEU F 234 14.31 -29.25 27.00
CA LEU F 234 14.78 -27.95 27.47
C LEU F 234 15.12 -27.09 26.26
N SER F 235 14.91 -25.79 26.38
CA SER F 235 15.37 -24.84 25.36
C SER F 235 15.61 -23.46 25.97
N ASN F 236 16.18 -22.55 25.19
CA ASN F 236 16.64 -21.25 25.69
C ASN F 236 15.66 -20.56 26.62
N ASP F 237 14.40 -20.49 26.20
CA ASP F 237 13.38 -19.79 26.97
C ASP F 237 12.62 -20.68 27.97
N PHE F 238 11.92 -21.70 27.48
CA PHE F 238 11.08 -22.52 28.35
C PHE F 238 11.38 -24.03 28.30
N ASP F 239 11.54 -24.66 29.46
CA ASP F 239 11.67 -26.12 29.49
C ASP F 239 10.29 -26.67 29.23
N GLU F 240 10.17 -27.98 29.06
CA GLU F 240 8.90 -28.57 28.72
C GLU F 240 8.86 -29.97 29.28
N TYR F 241 8.14 -30.18 30.38
CA TYR F 241 8.08 -31.49 30.99
C TYR F 241 6.81 -32.18 30.55
N ILE F 242 6.92 -33.17 29.69
CA ILE F 242 5.74 -33.89 29.25
C ILE F 242 5.49 -35.04 30.20
N MET F 243 4.28 -35.09 30.74
CA MET F 243 3.97 -36.00 31.82
C MET F 243 2.73 -36.79 31.54
N ALA F 244 2.74 -38.03 31.97
CA ALA F 244 1.59 -38.87 31.79
C ALA F 244 0.78 -38.77 33.05
N ILE F 245 -0.53 -38.77 32.89
CA ILE F 245 -1.45 -38.68 34.02
C ILE F 245 -1.82 -40.04 34.58
N GLU F 246 -1.30 -40.39 35.76
CA GLU F 246 -1.46 -41.74 36.29
C GLU F 246 -2.77 -41.99 37.01
N GLN F 247 -3.32 -40.94 37.64
CA GLN F 247 -4.67 -40.98 38.18
C GLN F 247 -5.20 -39.58 38.38
N THR F 248 -6.46 -39.36 38.00
CA THR F 248 -7.09 -38.04 38.00
C THR F 248 -7.88 -37.75 39.25
N ILE F 249 -7.23 -37.19 40.26
CA ILE F 249 -7.87 -37.00 41.53
C ILE F 249 -9.02 -36.03 41.42
N LYS F 250 -8.74 -34.74 41.28
CA LYS F 250 -9.82 -33.80 41.00
C LYS F 250 -9.89 -33.52 39.52
N SER F 251 -11.05 -33.16 39.01
CA SER F 251 -11.19 -32.87 37.58
C SER F 251 -12.15 -31.74 37.27
N GLY F 252 -11.56 -30.62 36.87
CA GLY F 252 -12.29 -29.45 36.45
C GLY F 252 -12.47 -29.46 34.94
N SER F 253 -12.03 -28.39 34.29
CA SER F 253 -12.37 -28.15 32.90
C SER F 253 -11.71 -29.15 32.01
N ASP F 254 -10.44 -29.42 32.29
CA ASP F 254 -9.55 -30.17 31.41
C ASP F 254 -9.99 -31.61 31.26
N GLU F 255 -10.30 -32.00 30.04
CA GLU F 255 -10.77 -33.36 29.83
C GLU F 255 -9.65 -34.36 29.58
N VAL F 256 -9.30 -35.12 30.59
CA VAL F 256 -8.20 -36.06 30.49
C VAL F 256 -8.51 -37.34 31.23
N GLN F 257 -8.37 -38.46 30.54
CA GLN F 257 -8.59 -39.77 31.11
C GLN F 257 -7.26 -40.48 31.44
N VAL F 258 -6.91 -40.54 32.72
CA VAL F 258 -5.76 -41.31 33.20
C VAL F 258 -4.92 -41.95 32.11
N GLY F 259 -3.84 -41.29 31.71
CA GLY F 259 -2.87 -41.91 30.82
C GLY F 259 -2.65 -41.09 29.58
N GLN F 260 -3.47 -40.07 29.42
CA GLN F 260 -3.44 -39.22 28.23
C GLN F 260 -2.04 -38.61 28.02
N GLN F 261 -1.50 -37.92 29.03
CA GLN F 261 -0.19 -37.24 28.94
C GLN F 261 -0.31 -35.79 28.46
N ARG F 262 0.03 -34.85 29.32
CA ARG F 262 -0.08 -33.44 29.01
C ARG F 262 1.26 -32.81 29.23
N THR F 263 1.36 -31.53 28.90
CA THR F 263 2.64 -30.89 28.75
C THR F 263 2.74 -29.64 29.62
N PHE F 264 3.81 -29.54 30.41
CA PHE F 264 4.02 -28.44 31.36
C PHE F 264 5.24 -27.67 31.00
N ILE F 265 5.21 -26.37 31.23
CA ILE F 265 6.32 -25.51 30.86
C ILE F 265 6.92 -24.80 32.05
N SER F 266 8.02 -24.10 31.83
CA SER F 266 8.72 -23.38 32.89
C SER F 266 9.87 -22.58 32.32
N PRO F 267 10.10 -21.39 32.88
CA PRO F 267 11.23 -20.52 32.52
C PRO F 267 12.52 -21.17 32.98
N ILE F 268 13.61 -20.99 32.25
CA ILE F 268 14.85 -21.63 32.68
C ILE F 268 15.29 -21.16 34.08
N LYS F 269 14.92 -19.93 34.47
CA LYS F 269 15.23 -19.42 35.80
C LYS F 269 14.42 -20.19 36.85
N CYS F 270 13.87 -21.32 36.43
CA CYS F 270 13.05 -22.12 37.32
C CYS F 270 13.44 -23.59 37.24
N ARG F 271 14.76 -23.85 37.21
CA ARG F 271 15.24 -25.19 37.13
C ARG F 271 16.01 -25.55 38.37
N GLU F 272 16.82 -24.63 38.86
CA GLU F 272 17.53 -24.88 40.12
C GLU F 272 16.57 -25.36 41.23
N ALA F 273 15.41 -24.72 41.31
CA ALA F 273 14.48 -24.92 42.42
C ALA F 273 13.41 -25.98 42.14
N LEU F 274 13.39 -26.53 40.93
CA LEU F 274 12.40 -27.52 40.56
C LEU F 274 12.96 -28.93 40.64
N LYS F 275 14.16 -29.08 40.09
CA LYS F 275 14.81 -30.39 40.02
C LYS F 275 13.88 -31.56 39.72
N LEU F 276 12.90 -31.33 38.85
CA LEU F 276 12.05 -32.40 38.34
C LEU F 276 12.91 -33.40 37.58
N GLU F 277 12.59 -34.68 37.70
CA GLU F 277 13.46 -35.74 37.18
C GLU F 277 12.71 -36.83 36.41
N GLU F 278 13.07 -37.02 35.15
CA GLU F 278 12.39 -38.00 34.31
C GLU F 278 12.13 -39.28 35.04
N LYS F 279 11.01 -39.90 34.73
CA LYS F 279 10.67 -41.21 35.26
C LYS F 279 10.18 -41.28 36.71
N LYS F 280 10.41 -40.24 37.52
CA LYS F 280 9.86 -40.26 38.88
C LYS F 280 8.40 -39.87 38.86
N HIS F 281 7.72 -40.05 39.98
CA HIS F 281 6.31 -39.70 40.01
C HIS F 281 6.13 -38.39 40.72
N TYR F 282 4.95 -37.79 40.58
CA TYR F 282 4.69 -36.49 41.17
C TYR F 282 3.23 -36.25 41.42
N LEU F 283 2.93 -35.55 42.51
CA LEU F 283 1.60 -34.94 42.65
C LEU F 283 1.73 -33.45 42.64
N MET F 284 0.93 -32.84 41.79
CA MET F 284 0.87 -31.39 41.69
C MET F 284 -0.57 -31.00 41.44
N TRP F 285 -0.85 -29.70 41.60
CA TRP F 285 -2.09 -29.07 41.14
C TRP F 285 -1.86 -27.62 40.70
N GLY F 286 -2.77 -27.07 39.92
CA GLY F 286 -2.66 -25.69 39.48
C GLY F 286 -3.99 -24.99 39.25
N LEU F 287 -3.93 -23.73 38.86
CA LEU F 287 -5.13 -22.95 38.62
C LEU F 287 -5.53 -23.06 37.17
N SER F 288 -6.77 -22.74 36.87
CA SER F 288 -7.24 -22.73 35.49
C SER F 288 -6.63 -21.60 34.70
N SER F 289 -6.04 -20.65 35.42
CA SER F 289 -5.40 -19.51 34.80
C SER F 289 -3.95 -19.84 34.48
N ASP F 290 -3.63 -21.13 34.47
CA ASP F 290 -2.28 -21.54 34.08
C ASP F 290 -2.33 -22.36 32.81
N PHE F 291 -3.51 -22.38 32.20
CA PHE F 291 -3.71 -23.07 30.93
C PHE F 291 -3.10 -22.21 29.85
N TRP F 292 -2.25 -22.81 29.04
CA TRP F 292 -1.62 -22.15 27.94
C TRP F 292 -2.02 -22.91 26.72
N GLY F 293 -2.79 -22.30 25.83
CA GLY F 293 -3.20 -22.95 24.59
C GLY F 293 -4.68 -23.30 24.45
N GLU F 294 -5.03 -23.93 23.33
CA GLU F 294 -6.40 -24.33 23.04
C GLU F 294 -6.58 -25.80 22.82
N LYS F 295 -7.52 -26.35 23.57
CA LYS F 295 -7.61 -27.77 23.80
C LYS F 295 -7.26 -28.67 22.60
N PRO F 296 -6.64 -29.83 22.91
CA PRO F 296 -6.04 -30.21 24.19
C PRO F 296 -4.56 -30.23 23.93
N ASN F 297 -4.20 -29.09 23.34
CA ASN F 297 -2.86 -28.68 23.08
C ASN F 297 -2.82 -27.32 23.76
N LEU F 298 -3.03 -27.36 25.07
CA LEU F 298 -2.81 -26.21 25.94
C LEU F 298 -1.99 -26.89 27.03
N SER F 299 -0.69 -26.59 27.08
CA SER F 299 0.22 -27.19 28.06
C SER F 299 -0.10 -26.49 29.37
N TYR F 300 0.58 -26.88 30.45
CA TYR F 300 0.29 -26.28 31.73
C TYR F 300 1.40 -25.38 32.13
N ILE F 301 1.11 -24.47 33.04
CA ILE F 301 2.14 -23.61 33.61
C ILE F 301 2.41 -23.89 35.08
N ILE F 302 3.66 -24.15 35.39
CA ILE F 302 4.05 -24.21 36.76
C ILE F 302 4.18 -22.75 37.14
N GLY F 303 3.41 -22.31 38.12
CA GLY F 303 3.35 -20.89 38.42
C GLY F 303 3.18 -20.52 39.88
N LYS F 304 3.25 -19.21 40.17
CA LYS F 304 3.18 -18.70 41.54
C LYS F 304 2.12 -19.41 42.39
N ASP F 305 1.10 -19.98 41.76
CA ASP F 305 0.12 -20.79 42.48
C ASP F 305 0.00 -22.21 41.91
N THR F 306 1.12 -22.88 41.66
CA THR F 306 1.10 -24.28 41.21
C THR F 306 1.84 -25.17 42.18
N TRP F 307 1.26 -26.31 42.57
CA TRP F 307 1.87 -27.11 43.64
C TRP F 307 2.89 -28.16 43.19
N VAL F 308 4.02 -28.22 43.90
CA VAL F 308 5.07 -29.15 43.57
C VAL F 308 5.36 -30.14 44.69
N GLU F 309 5.49 -31.39 44.30
CA GLU F 309 5.68 -32.44 45.26
C GLU F 309 6.11 -33.71 44.54
N HIS F 310 7.11 -34.37 45.11
CA HIS F 310 7.69 -35.57 44.54
C HIS F 310 7.10 -36.84 45.12
N TRP F 311 6.38 -37.63 44.33
CA TRP F 311 5.68 -38.81 44.85
C TRP F 311 6.54 -40.09 44.79
N PRO F 312 7.15 -40.46 45.93
CA PRO F 312 8.03 -41.63 46.00
C PRO F 312 7.40 -42.82 45.34
N GLU F 313 8.23 -43.70 44.82
CA GLU F 313 7.75 -44.83 44.07
C GLU F 313 6.94 -45.68 45.00
N GLU F 314 6.46 -46.82 44.52
CA GLU F 314 5.65 -47.66 45.36
C GLU F 314 6.45 -48.45 46.40
N ASP F 315 7.65 -48.88 46.06
CA ASP F 315 8.44 -49.60 47.05
C ASP F 315 9.33 -48.68 47.86
N GLU F 316 9.29 -47.39 47.56
CA GLU F 316 10.04 -46.42 48.33
C GLU F 316 9.31 -46.07 49.61
N CYS F 317 8.02 -46.37 49.63
CA CYS F 317 7.20 -46.08 50.81
C CYS F 317 7.60 -46.95 51.99
N GLN F 318 7.72 -48.26 51.75
CA GLN F 318 8.09 -49.19 52.79
C GLN F 318 9.25 -48.66 53.63
N ASP F 319 9.97 -47.69 53.09
CA ASP F 319 11.10 -47.09 53.78
C ASP F 319 10.63 -46.13 54.87
N GLU F 320 11.16 -46.30 56.08
CA GLU F 320 10.79 -45.44 57.21
C GLU F 320 11.19 -43.97 57.00
N GLU F 321 11.83 -43.71 55.86
CA GLU F 321 12.23 -42.37 55.50
C GLU F 321 11.21 -41.81 54.50
N ASN F 322 10.59 -42.71 53.75
CA ASN F 322 9.53 -42.32 52.82
C ASN F 322 8.17 -42.54 53.47
N GLN F 323 8.14 -42.45 54.80
CA GLN F 323 6.99 -42.91 55.55
C GLN F 323 6.03 -41.79 55.85
N LYS F 324 6.57 -40.66 56.27
CA LYS F 324 5.75 -39.51 56.59
C LYS F 324 5.26 -38.80 55.34
N GLN F 325 5.30 -39.47 54.18
CA GLN F 325 4.82 -38.79 53.00
C GLN F 325 4.08 -39.79 52.15
N CYS F 326 4.19 -40.97 52.35
CA CYS F 326 3.55 -42.02 51.57
C CYS F 326 2.17 -42.35 52.15
N GLN F 327 2.06 -42.05 53.44
CA GLN F 327 0.76 -42.26 54.09
C GLN F 327 -0.07 -41.00 54.02
N ASP F 328 0.57 -39.84 54.20
CA ASP F 328 -0.14 -38.59 54.03
C ASP F 328 -0.84 -38.57 52.67
N LEU F 329 -0.08 -38.80 51.59
CA LEU F 329 -0.62 -38.72 50.23
C LEU F 329 -1.71 -39.75 49.92
N GLY F 330 -1.52 -40.98 50.37
CA GLY F 330 -2.55 -41.98 50.21
C GLY F 330 -3.74 -41.55 51.02
N ALA F 331 -3.46 -40.88 52.13
CA ALA F 331 -4.51 -40.35 52.96
C ALA F 331 -4.88 -38.97 52.46
N PHE F 332 -4.71 -38.76 51.17
CA PHE F 332 -5.09 -37.51 50.57
C PHE F 332 -5.78 -37.92 49.31
N THR F 333 -5.14 -38.80 48.57
CA THR F 333 -5.79 -39.41 47.45
C THR F 333 -7.11 -39.98 47.91
N GLU F 334 -7.10 -40.65 49.05
CA GLU F 334 -8.29 -41.35 49.43
C GLU F 334 -9.40 -40.40 49.80
N SER F 335 -9.10 -39.26 50.40
CA SER F 335 -10.15 -38.30 50.74
C SER F 335 -10.74 -37.62 49.50
N MET F 336 -9.88 -37.12 48.63
CA MET F 336 -10.29 -36.42 47.41
C MET F 336 -11.15 -37.23 46.48
N VAL F 337 -10.94 -38.54 46.46
CA VAL F 337 -11.60 -39.37 45.50
C VAL F 337 -12.96 -39.82 46.02
N VAL F 338 -13.06 -39.89 47.33
CA VAL F 338 -14.29 -40.28 48.01
C VAL F 338 -15.21 -39.09 48.14
N PHE F 339 -14.71 -38.06 48.82
CA PHE F 339 -15.52 -36.94 49.30
C PHE F 339 -15.64 -35.81 48.29
N GLY F 340 -14.58 -35.58 47.52
CA GLY F 340 -14.54 -34.51 46.54
C GLY F 340 -14.12 -33.26 47.27
N CYS F 341 -14.68 -32.12 46.89
CA CYS F 341 -14.36 -30.85 47.54
C CYS F 341 -15.58 -30.20 48.14
N PRO F 342 -15.74 -30.34 49.45
CA PRO F 342 -16.88 -29.76 50.16
C PRO F 342 -16.52 -28.45 50.85
N ASN F 343 -17.22 -28.13 51.93
CA ASN F 343 -16.97 -26.91 52.68
C ASN F 343 -17.31 -25.66 51.88
N ALA G 6 17.11 -41.30 -53.72
CA ALA G 6 17.23 -41.00 -55.14
C ALA G 6 18.03 -39.73 -55.38
N GLU G 7 18.08 -39.30 -56.65
CA GLU G 7 18.66 -38.00 -56.98
C GLU G 7 17.69 -36.90 -56.61
N GLU G 8 16.40 -37.15 -56.85
CA GLU G 8 15.35 -36.20 -56.53
C GLU G 8 15.54 -35.57 -55.15
N LEU G 9 16.15 -36.32 -54.23
CA LEU G 9 16.47 -35.79 -52.88
C LEU G 9 17.56 -34.74 -52.92
N ARG G 10 18.71 -35.16 -53.41
CA ARG G 10 19.85 -34.27 -53.58
C ARG G 10 19.40 -32.94 -54.21
N THR G 11 18.41 -32.99 -55.11
CA THR G 11 17.86 -31.77 -55.68
C THR G 11 17.24 -30.87 -54.59
N LEU G 12 16.39 -31.47 -53.77
CA LEU G 12 15.73 -30.78 -52.65
C LEU G 12 16.73 -30.11 -51.69
N LEU G 13 17.74 -30.89 -51.29
CA LEU G 13 18.80 -30.39 -50.46
C LEU G 13 19.23 -28.99 -50.94
N ASN G 14 19.39 -28.84 -52.25
CA ASN G 14 19.86 -27.60 -52.85
C ASN G 14 19.01 -26.43 -52.41
N LYS G 15 17.70 -26.67 -52.37
CA LYS G 15 16.77 -25.62 -52.01
C LYS G 15 16.88 -25.23 -50.55
N SER G 16 17.49 -26.10 -49.75
CA SER G 16 17.60 -25.86 -48.30
C SER G 16 18.17 -24.48 -47.95
N ASN G 17 19.12 -24.00 -48.73
CA ASN G 17 19.70 -22.71 -48.45
C ASN G 17 18.72 -21.59 -48.76
N VAL G 18 17.98 -21.77 -49.83
CA VAL G 18 16.95 -20.81 -50.20
C VAL G 18 15.89 -20.74 -49.12
N TYR G 19 15.48 -21.91 -48.62
CA TYR G 19 14.38 -21.97 -47.66
C TYR G 19 14.80 -21.47 -46.29
N ALA G 20 15.93 -21.95 -45.80
CA ALA G 20 16.43 -21.46 -44.53
C ALA G 20 16.56 -19.93 -44.53
N LEU G 21 16.82 -19.36 -45.69
CA LEU G 21 17.02 -17.92 -45.79
C LEU G 21 15.71 -17.22 -45.51
N ALA G 22 14.63 -17.77 -46.06
CA ALA G 22 13.30 -17.21 -45.84
C ALA G 22 12.78 -17.51 -44.42
N ALA G 23 13.27 -18.59 -43.85
CA ALA G 23 12.73 -19.09 -42.61
C ALA G 23 13.37 -18.39 -41.42
N GLY G 24 13.91 -17.21 -41.70
CA GLY G 24 14.58 -16.43 -40.68
C GLY G 24 13.67 -15.34 -40.18
N SER G 25 12.56 -15.14 -40.87
CA SER G 25 11.51 -14.26 -40.38
C SER G 25 10.77 -15.07 -39.31
N LEU G 26 10.88 -16.39 -39.45
CA LEU G 26 10.02 -17.39 -38.79
C LEU G 26 10.60 -18.02 -37.53
N ASN G 27 9.72 -18.59 -36.73
CA ASN G 27 10.12 -19.29 -35.52
C ASN G 27 11.36 -20.11 -35.78
N PRO G 28 12.27 -20.10 -34.80
CA PRO G 28 13.46 -20.93 -34.82
C PRO G 28 13.17 -22.36 -35.28
N TYR G 29 11.98 -22.89 -34.99
CA TYR G 29 11.65 -24.26 -35.35
C TYR G 29 12.02 -24.57 -36.77
N TYR G 30 11.54 -23.74 -37.69
CA TYR G 30 11.75 -23.98 -39.11
C TYR G 30 13.22 -24.05 -39.54
N LYS G 31 13.95 -22.97 -39.33
CA LYS G 31 15.38 -22.96 -39.67
C LYS G 31 16.12 -24.10 -38.95
N ARG G 32 15.46 -24.72 -37.97
CA ARG G 32 16.03 -25.82 -37.19
C ARG G 32 15.62 -27.19 -37.72
N THR G 33 14.49 -27.24 -38.38
CA THR G 33 14.04 -28.48 -38.99
C THR G 33 14.92 -28.73 -40.18
N ILE G 34 15.26 -27.67 -40.86
CA ILE G 34 16.11 -27.81 -42.01
C ILE G 34 17.47 -28.37 -41.60
N MET G 35 18.15 -27.74 -40.63
CA MET G 35 19.40 -28.27 -40.02
C MET G 35 19.29 -29.75 -39.75
N MET G 36 18.31 -30.08 -38.93
CA MET G 36 18.05 -31.47 -38.54
C MET G 36 18.03 -32.34 -39.80
N ASN G 37 17.38 -31.86 -40.88
CA ASN G 37 17.25 -32.71 -42.07
C ASN G 37 18.32 -32.56 -43.13
N GLU G 38 19.16 -31.53 -43.01
CA GLU G 38 20.35 -31.44 -43.86
C GLU G 38 21.34 -32.49 -43.39
N TYR G 39 21.58 -32.57 -42.09
CA TYR G 39 22.52 -33.59 -41.61
C TYR G 39 22.01 -34.96 -42.00
N ARG G 40 20.70 -35.12 -41.98
CA ARG G 40 20.13 -36.42 -42.29
C ARG G 40 20.31 -36.75 -43.77
N ALA G 41 19.81 -35.87 -44.64
CA ALA G 41 20.11 -35.95 -46.09
C ALA G 41 21.58 -36.24 -46.39
N LYS G 42 22.46 -35.28 -46.08
CA LYS G 42 23.89 -35.44 -46.32
C LYS G 42 24.34 -36.87 -45.98
N ALA G 43 24.12 -37.30 -44.74
CA ALA G 43 24.64 -38.60 -44.28
C ALA G 43 23.94 -39.81 -44.89
N ALA G 44 22.69 -39.65 -45.36
CA ALA G 44 21.98 -40.74 -46.00
C ALA G 44 22.45 -40.92 -47.45
N LEU G 45 22.63 -39.79 -48.13
CA LEU G 45 23.15 -39.78 -49.49
C LEU G 45 24.55 -40.37 -49.54
N LYS G 46 25.21 -40.41 -48.39
CA LYS G 46 26.57 -40.92 -48.28
C LYS G 46 26.59 -42.36 -47.79
N LYS G 47 25.43 -43.00 -47.81
CA LYS G 47 25.32 -44.42 -47.50
C LYS G 47 24.42 -45.08 -48.55
N ASN G 48 23.73 -44.23 -49.31
CA ASN G 48 22.74 -44.68 -50.29
C ASN G 48 21.60 -45.47 -49.63
N ASP G 49 21.42 -45.35 -48.33
CA ASP G 49 20.34 -46.11 -47.72
C ASP G 49 19.03 -45.57 -48.29
N PHE G 50 18.20 -46.47 -48.81
CA PHE G 50 16.91 -46.08 -49.38
C PHE G 50 15.97 -45.52 -48.32
N VAL G 51 15.94 -46.19 -47.17
CA VAL G 51 15.07 -45.81 -46.07
C VAL G 51 15.39 -44.45 -45.47
N SER G 52 16.68 -44.15 -45.34
CA SER G 52 17.11 -42.93 -44.65
C SER G 52 16.94 -41.71 -45.55
N MET G 53 17.07 -41.95 -46.86
CA MET G 53 16.96 -40.91 -47.88
C MET G 53 15.49 -40.55 -48.15
N ALA G 54 14.68 -41.54 -48.49
CA ALA G 54 13.24 -41.35 -48.58
C ALA G 54 12.74 -40.57 -47.34
N ASP G 55 13.06 -41.11 -46.15
CA ASP G 55 12.75 -40.47 -44.88
C ASP G 55 12.99 -38.96 -44.98
N ALA G 56 14.23 -38.60 -45.31
CA ALA G 56 14.66 -37.21 -45.40
C ALA G 56 14.01 -36.46 -46.55
N LYS G 57 13.81 -37.15 -47.67
CA LYS G 57 13.19 -36.53 -48.84
C LYS G 57 11.80 -36.01 -48.49
N VAL G 58 11.07 -36.82 -47.73
CA VAL G 58 9.76 -36.44 -47.21
C VAL G 58 9.84 -35.29 -46.20
N ALA G 59 10.86 -35.34 -45.33
CA ALA G 59 11.02 -34.34 -44.28
C ALA G 59 11.23 -32.95 -44.86
N LEU G 60 12.05 -32.87 -45.91
CA LEU G 60 12.28 -31.63 -46.61
C LEU G 60 11.04 -31.15 -47.35
N GLU G 61 10.56 -31.97 -48.28
CA GLU G 61 9.33 -31.63 -49.00
C GLU G 61 8.33 -30.92 -48.10
N LYS G 62 8.09 -31.55 -46.95
CA LYS G 62 7.07 -31.16 -45.98
C LYS G 62 7.35 -29.81 -45.33
N ILE G 63 8.52 -29.72 -44.71
CA ILE G 63 8.89 -28.49 -44.04
C ILE G 63 8.91 -27.30 -45.00
N TYR G 64 9.37 -27.50 -46.23
CA TYR G 64 9.38 -26.41 -47.22
C TYR G 64 7.95 -25.96 -47.49
N LYS G 65 7.03 -26.92 -47.52
CA LYS G 65 5.65 -26.64 -47.88
C LYS G 65 5.02 -25.80 -46.81
N GLU G 66 5.28 -26.17 -45.56
CA GLU G 66 4.76 -25.44 -44.42
C GLU G 66 5.30 -24.03 -44.48
N ILE G 67 6.61 -23.93 -44.71
CA ILE G 67 7.27 -22.65 -44.87
C ILE G 67 6.64 -21.84 -46.00
N ASP G 68 6.41 -22.48 -47.13
CA ASP G 68 5.65 -21.86 -48.21
C ASP G 68 4.36 -21.22 -47.66
N GLU G 69 3.49 -22.08 -47.11
CA GLU G 69 2.16 -21.69 -46.64
C GLU G 69 2.18 -20.48 -45.70
N ILE G 70 3.03 -20.56 -44.70
CA ILE G 70 3.26 -19.47 -43.75
C ILE G 70 3.68 -18.18 -44.44
N ILE G 71 4.57 -18.29 -45.43
CA ILE G 71 5.08 -17.10 -46.09
C ILE G 71 4.05 -16.47 -46.99
N ASN G 72 3.29 -17.29 -47.70
CA ASN G 72 2.23 -16.80 -48.57
C ASN G 72 1.22 -15.92 -47.81
N ARG G 73 0.68 -16.45 -46.71
CA ARG G 73 -0.12 -15.64 -45.81
C ARG G 73 0.70 -14.45 -45.32
N ALA H 6 -10.13 29.20 60.89
CA ALA H 6 -11.28 29.42 61.75
C ALA H 6 -12.22 28.22 61.73
N GLU H 7 -13.37 28.38 62.38
CA GLU H 7 -14.45 27.39 62.31
C GLU H 7 -15.15 27.51 60.96
N GLU H 8 -15.33 28.76 60.53
CA GLU H 8 -15.99 29.05 59.25
C GLU H 8 -15.48 28.14 58.13
N LEU H 9 -14.21 27.70 58.23
CA LEU H 9 -13.64 26.76 57.25
C LEU H 9 -14.24 25.37 57.38
N ARG H 10 -14.08 24.80 58.56
CA ARG H 10 -14.66 23.51 58.88
C ARG H 10 -16.11 23.44 58.38
N THR H 11 -16.83 24.55 58.45
CA THR H 11 -18.20 24.57 57.92
C THR H 11 -18.22 24.29 56.41
N LEU H 12 -17.37 25.01 55.67
CA LEU H 12 -17.23 24.83 54.22
C LEU H 12 -16.89 23.39 53.82
N LEU H 13 -15.89 22.82 54.50
CA LEU H 13 -15.52 21.44 54.31
C LEU H 13 -16.78 20.58 54.17
N ASN H 14 -17.74 20.81 55.06
CA ASN H 14 -18.97 20.01 55.12
C ASN H 14 -19.66 19.98 53.77
N LYS H 15 -19.66 21.15 53.12
CA LYS H 15 -20.34 21.27 51.84
C LYS H 15 -19.62 20.51 50.74
N SER H 16 -18.35 20.19 50.98
CA SER H 16 -17.53 19.51 49.97
C SER H 16 -18.20 18.26 49.38
N ASN H 17 -18.91 17.50 50.20
CA ASN H 17 -19.56 16.32 49.69
C ASN H 17 -20.74 16.66 48.80
N VAL H 18 -21.45 17.70 49.19
CA VAL H 18 -22.55 18.18 48.38
C VAL H 18 -22.05 18.67 47.03
N TYR H 19 -20.95 19.40 47.03
CA TYR H 19 -20.43 20.01 45.81
C TYR H 19 -19.80 18.97 44.91
N ALA H 20 -18.94 18.13 45.45
CA ALA H 20 -18.35 17.09 44.64
C ALA H 20 -19.44 16.23 43.96
N LEU H 21 -20.59 16.12 44.60
CA LEU H 21 -21.66 15.29 44.06
C LEU H 21 -22.18 15.92 42.80
N ALA H 22 -22.34 17.24 42.82
CA ALA H 22 -22.81 17.97 41.65
C ALA H 22 -21.73 18.08 40.57
N ALA H 23 -20.49 18.02 41.00
CA ALA H 23 -19.37 18.30 40.12
C ALA H 23 -18.98 17.05 39.34
N GLY H 24 -19.93 16.13 39.25
CA GLY H 24 -19.70 14.87 38.56
C GLY H 24 -20.30 14.91 37.18
N SER H 25 -21.09 15.95 36.92
CA SER H 25 -21.56 16.22 35.56
C SER H 25 -20.39 16.85 34.84
N LEU H 26 -19.51 17.45 35.66
CA LEU H 26 -18.48 18.42 35.22
C LEU H 26 -17.08 17.84 35.03
N ASN H 27 -16.28 18.59 34.28
CA ASN H 27 -14.89 18.21 34.03
C ASN H 27 -14.27 17.68 35.31
N PRO H 28 -13.47 16.63 35.16
CA PRO H 28 -12.68 16.07 36.26
C PRO H 28 -12.01 17.16 37.10
N TYR H 29 -11.63 18.28 36.50
CA TYR H 29 -10.94 19.34 37.22
C TYR H 29 -11.62 19.64 38.52
N TYR H 30 -12.91 19.93 38.46
CA TYR H 30 -13.66 20.34 39.64
C TYR H 30 -13.65 19.32 40.79
N LYS H 31 -14.18 18.13 40.54
CA LYS H 31 -14.17 17.09 41.55
C LYS H 31 -12.75 16.80 42.05
N ARG H 32 -11.74 17.33 41.35
CA ARG H 32 -10.34 17.14 41.69
C ARG H 32 -9.76 18.31 42.48
N THR H 33 -10.37 19.47 42.30
CA THR H 33 -9.96 20.64 43.06
C THR H 33 -10.42 20.44 44.48
N ILE H 34 -11.60 19.86 44.60
CA ILE H 34 -12.14 19.62 45.90
C ILE H 34 -11.23 18.65 46.68
N MET H 35 -10.92 17.50 46.10
CA MET H 35 -9.99 16.56 46.73
C MET H 35 -8.72 17.29 47.17
N MET H 36 -8.06 17.95 46.22
CA MET H 36 -6.85 18.70 46.49
C MET H 36 -7.07 19.56 47.75
N ASN H 37 -8.24 20.20 47.86
CA ASN H 37 -8.45 21.09 49.00
C ASN H 37 -9.10 20.51 50.23
N GLU H 38 -9.62 19.29 50.13
CA GLU H 38 -10.07 18.55 51.31
C GLU H 38 -8.83 18.13 52.06
N TYR H 39 -7.85 17.53 51.39
CA TYR H 39 -6.65 17.11 52.09
C TYR H 39 -6.00 18.32 52.74
N ARG H 40 -6.09 19.46 52.06
CA ARG H 40 -5.45 20.66 52.60
C ARG H 40 -6.18 21.15 53.85
N ALA H 41 -7.48 21.40 53.71
CA ALA H 41 -8.35 21.68 54.87
C ALA H 41 -8.10 20.72 56.04
N LYS H 42 -8.44 19.45 55.86
CA LYS H 42 -8.26 18.44 56.90
C LYS H 42 -6.92 18.67 57.64
N ALA H 43 -5.81 18.64 56.89
CA ALA H 43 -4.49 18.71 57.52
C ALA H 43 -4.13 20.08 58.13
N ALA H 44 -4.77 21.14 57.66
CA ALA H 44 -4.53 22.47 58.23
C ALA H 44 -5.30 22.64 59.54
N LEU H 45 -6.55 22.17 59.54
CA LEU H 45 -7.38 22.18 60.73
C LEU H 45 -6.76 21.36 61.84
N LYS H 46 -5.85 20.46 61.46
CA LYS H 46 -5.18 19.58 62.41
C LYS H 46 -3.81 20.10 62.81
N LYS H 47 -3.55 21.36 62.49
CA LYS H 47 -2.34 22.04 62.92
C LYS H 47 -2.72 23.43 63.41
N ASN H 48 -3.95 23.83 63.13
CA ASN H 48 -4.45 25.17 63.43
C ASN H 48 -3.63 26.27 62.75
N ASP H 49 -2.86 25.92 61.73
CA ASP H 49 -2.09 26.97 61.08
C ASP H 49 -3.08 27.96 60.46
N PHE H 50 -2.91 29.24 60.78
CA PHE H 50 -3.79 30.28 60.24
C PHE H 50 -3.63 30.42 58.74
N VAL H 51 -2.39 30.40 58.27
CA VAL H 51 -2.10 30.53 56.85
C VAL H 51 -2.64 29.33 56.06
N SER H 52 -2.25 28.14 56.49
CA SER H 52 -2.69 26.92 55.84
C SER H 52 -4.20 26.89 55.68
N MET H 53 -4.91 27.23 56.74
CA MET H 53 -6.36 27.26 56.73
C MET H 53 -6.88 28.32 55.75
N ALA H 54 -6.82 29.58 56.16
CA ALA H 54 -7.26 30.68 55.32
C ALA H 54 -7.07 30.31 53.83
N ASP H 55 -5.83 29.92 53.49
CA ASP H 55 -5.49 29.45 52.15
C ASP H 55 -6.61 28.56 51.61
N ALA H 56 -6.88 27.48 52.35
CA ALA H 56 -7.88 26.48 51.96
C ALA H 56 -9.30 27.01 52.00
N LYS H 57 -9.59 27.88 52.97
CA LYS H 57 -10.92 28.45 53.09
C LYS H 57 -11.28 29.21 51.82
N VAL H 58 -10.32 29.95 51.30
CA VAL H 58 -10.45 30.67 50.03
C VAL H 58 -10.58 29.71 48.85
N ALA H 59 -9.80 28.64 48.87
CA ALA H 59 -9.79 27.67 47.77
C ALA H 59 -11.15 27.01 47.59
N LEU H 60 -11.77 26.65 48.70
CA LEU H 60 -13.10 26.09 48.69
C LEU H 60 -14.15 27.10 48.25
N GLU H 61 -14.27 28.18 48.99
CA GLU H 61 -15.19 29.25 48.61
C GLU H 61 -15.27 29.43 47.11
N LYS H 62 -14.08 29.54 46.52
CA LYS H 62 -13.87 29.87 45.10
C LYS H 62 -14.36 28.77 44.17
N ILE H 63 -13.83 27.58 44.37
CA ILE H 63 -14.20 26.46 43.53
C ILE H 63 -15.69 26.16 43.59
N TYR H 64 -16.31 26.30 44.77
CA TYR H 64 -17.75 26.09 44.90
C TYR H 64 -18.49 27.11 44.04
N LYS H 65 -17.97 28.33 44.02
CA LYS H 65 -18.64 29.43 43.35
C LYS H 65 -18.63 29.18 41.87
N GLU H 66 -17.48 28.75 41.37
CA GLU H 66 -17.34 28.44 39.95
C GLU H 66 -18.29 27.34 39.60
N ILE H 67 -18.30 26.30 40.45
CA ILE H 67 -19.23 25.20 40.30
C ILE H 67 -20.68 25.67 40.29
N ASP H 68 -21.03 26.55 41.23
CA ASP H 68 -22.32 27.21 41.20
C ASP H 68 -22.62 27.76 39.81
N GLU H 69 -21.77 28.71 39.36
CA GLU H 69 -21.94 29.45 38.11
C GLU H 69 -22.18 28.54 36.91
N ILE H 70 -21.31 27.55 36.76
CA ILE H 70 -21.42 26.53 35.74
C ILE H 70 -22.75 25.78 35.79
N ILE H 71 -23.19 25.44 37.00
CA ILE H 71 -24.40 24.65 37.14
C ILE H 71 -25.65 25.48 36.84
N ASN H 72 -25.65 26.72 37.30
CA ASN H 72 -26.76 27.63 37.03
C ASN H 72 -27.05 27.78 35.53
N ARG H 73 -26.03 28.10 34.75
CA ARG H 73 -26.13 28.07 33.30
C ARG H 73 -26.52 26.66 32.87
#